data_8ASJ
#
_entry.id   8ASJ
#
_cell.length_a   1.00
_cell.length_b   1.00
_cell.length_c   1.00
_cell.angle_alpha   90.00
_cell.angle_beta   90.00
_cell.angle_gamma   90.00
#
_symmetry.space_group_name_H-M   'P 1'
#
loop_
_entity.id
_entity.type
_entity.pdbx_description
1 polymer 'Ubiquinol-cytochrome c reductase iron-sulfur subunit'
2 polymer 'Cytochrome b'
3 polymer 'Cytochrome c1'
4 polymer 'Cytochrome b-c1 subunit IV'
5 non-polymer 'FE2/S2 (INORGANIC) CLUSTER'
6 non-polymer 1,2-dioleoyl-sn-glycero-3-phosphoethanolamine
7 non-polymer 'PROTOPORPHYRIN IX CONTAINING FE'
8 non-polymer 'HEME C'
9 non-polymer UBIQUINONE-10
#
loop_
_entity_poly.entity_id
_entity_poly.type
_entity_poly.pdbx_seq_one_letter_code
_entity_poly.pdbx_strand_id
1 'polypeptide(L)'
;MSNAEDHAGTRRDFLYYATAGAGAVATGAAVWPLINQMNPSADVQALASIFVDVSSVEPGVQLTVKFLGKPIFIRRRTEA
DIELGRSVQLGQLVDTNARNANIDAGAEATDQNRTLDEAGEWLVMWGVCTHLGCVPIGGVSGDFGGWFCPCHGSHYDSAG
RIRKGPAPENLPIPLAKFIDETTIQLG
;
A,E
2 'polypeptide(L)'
;MSGIPHDHYEPRTGIEKWLHSRLPIVALAYDTIMIPTPRNLNWMWIWGVVLAFCLVLQIVTGIVLAMHYTPHVDLAFASV
EHIMRNVNGGFMLRYLHANGASLFFIAVYLHIFRGLYYGSYKAPREVTWIVGMLIYLAMMATAFMGYVLPWGQMSFWGAT
VITGLFGAIPGIGHSIQTWLLGGPAVDNATLNRFFSLHYLLPFVIAALVAIHIWAFHSTGNNNPTGVEVRRTSKAEAQKD
TVPFWPYFIIKDVFALAVVLLVFFAIVGFMPNYLGHPDNYIEANPLSTPAHIVPEWYFLPFYAILRAFTADVWVVQIANF
ISFGIIDAKFFGVLAMFGAILVMALVPWLDTSPVRSGRYRPMFKIYFWLLAADFVILTWVGAQQTTFPYDWISLIASAYW
FAYFLVILPILGAIEKPVAPPATIEEDFNAHYSPATGGTKTVVAE
;
B,F
3 'polypeptide(L)'
;MIRKLTLTAATALALSGGAAMAAGGGHVEDVPFSFEGPFGTFDQHQLQRGLQVYTEVCAACHGMKFVPIRSLSEPGGPEL
PEDQVRAYATQFTVTDEETGEDREGKPTDHFPHSALENAPDLSLMAKARAGFHGPMGTGISQLFNGIGGPEYIYSVLTGF
PEEPPKCAEGHEPDGFYYNRAFQNGSVPDTCKDANGVKTTAGSWIAMPPPLMDDLVEYADGHDASVHAMAEDVSAFLMWA
AEPKLMARKQAGFTAVMFLTVLSVLLYLTNKRLWAGVKGKKKTNV
;
C,G
4 'polypeptide(L)'
;MFSFIDDIPSFEQIKARVRDDLRKHGWEKRWNDSRLVQKSRELLNDEELKIDPATWIWKRMPSREEVAARRQRDFETVWK
YRYRLGGFASGALLALALAGIFSTGNFGGSSDAGNRPSVVYPIE
;
D,H
#
# COMPACT_ATOMS: atom_id res chain seq x y z
N GLY A 9 38.21 -23.46 30.83
CA GLY A 9 37.30 -24.52 31.25
C GLY A 9 35.87 -24.29 30.80
N THR A 10 34.94 -24.98 31.46
CA THR A 10 33.53 -24.91 31.09
C THR A 10 32.97 -23.50 31.25
N ARG A 11 33.59 -22.66 32.07
CA ARG A 11 33.22 -21.25 32.13
C ARG A 11 33.33 -20.56 30.78
N ARG A 12 34.02 -21.16 29.82
CA ARG A 12 33.92 -20.72 28.43
C ARG A 12 32.48 -20.77 27.96
N ASP A 13 31.86 -21.95 28.01
CA ASP A 13 30.53 -22.04 27.44
C ASP A 13 29.49 -21.47 28.38
N PHE A 14 29.82 -21.31 29.66
CA PHE A 14 29.02 -20.45 30.54
C PHE A 14 28.94 -19.04 29.97
N LEU A 15 30.09 -18.45 29.64
CA LEU A 15 30.09 -17.11 29.07
C LEU A 15 29.37 -17.09 27.73
N TYR A 16 29.61 -18.10 26.90
CA TYR A 16 29.01 -18.12 25.57
C TYR A 16 27.48 -18.22 25.65
N TYR A 17 26.95 -18.95 26.64
CA TYR A 17 25.51 -18.98 26.79
C TYR A 17 24.97 -17.72 27.42
N ALA A 18 25.74 -17.05 28.30
CA ALA A 18 25.28 -15.76 28.81
C ALA A 18 25.17 -14.72 27.71
N THR A 19 26.18 -14.65 26.83
CA THR A 19 26.09 -13.72 25.70
C THR A 19 24.98 -14.11 24.74
N ALA A 20 24.81 -15.42 24.47
CA ALA A 20 23.70 -15.85 23.64
C ALA A 20 22.37 -15.46 24.25
N GLY A 21 22.28 -15.49 25.57
CA GLY A 21 21.06 -15.11 26.23
C GLY A 21 20.75 -13.63 26.07
N ALA A 22 21.74 -12.79 26.34
CA ALA A 22 21.53 -11.36 26.18
C ALA A 22 21.12 -11.04 24.76
N GLY A 23 21.70 -11.73 23.78
CA GLY A 23 21.27 -11.65 22.40
C GLY A 23 19.83 -12.02 22.12
N ALA A 24 19.46 -13.25 22.51
CA ALA A 24 18.10 -13.71 22.27
C ALA A 24 17.04 -12.89 22.98
N VAL A 25 17.35 -12.30 24.14
CA VAL A 25 16.41 -11.34 24.72
C VAL A 25 16.37 -10.04 23.92
N ALA A 26 17.53 -9.48 23.59
CA ALA A 26 17.51 -8.21 22.85
C ALA A 26 16.69 -8.35 21.57
N THR A 27 16.80 -9.49 20.90
CA THR A 27 15.96 -9.73 19.73
C THR A 27 14.51 -10.01 20.12
N GLY A 28 14.30 -10.82 21.16
CA GLY A 28 12.95 -11.09 21.64
C GLY A 28 12.18 -9.87 22.09
N ALA A 29 12.86 -8.94 22.77
CA ALA A 29 12.21 -7.69 23.16
C ALA A 29 11.95 -6.79 21.96
N ALA A 30 12.75 -6.93 20.90
CA ALA A 30 12.47 -6.22 19.66
C ALA A 30 11.24 -6.77 18.93
N VAL A 31 10.97 -8.07 19.03
CA VAL A 31 9.90 -8.68 18.25
C VAL A 31 8.52 -8.40 18.85
N TRP A 32 8.39 -8.38 20.17
CA TRP A 32 7.06 -8.19 20.77
C TRP A 32 6.36 -6.90 20.34
N PRO A 33 7.01 -5.74 20.30
CA PRO A 33 6.31 -4.53 19.82
C PRO A 33 5.77 -4.65 18.41
N LEU A 34 6.46 -5.38 17.53
CA LEU A 34 5.95 -5.62 16.18
C LEU A 34 4.65 -6.41 16.20
N ILE A 35 4.42 -7.20 17.24
CA ILE A 35 3.12 -7.87 17.41
C ILE A 35 2.12 -6.96 18.10
N ASN A 36 2.53 -6.31 19.19
CA ASN A 36 1.61 -5.58 20.03
C ASN A 36 1.03 -4.34 19.34
N GLN A 37 1.76 -3.77 18.38
CA GLN A 37 1.22 -2.68 17.56
C GLN A 37 -0.06 -3.04 16.81
N MET A 38 -0.33 -4.32 16.59
CA MET A 38 -1.58 -4.73 15.97
C MET A 38 -2.74 -4.89 16.95
N ASN A 39 -2.47 -4.96 18.26
CA ASN A 39 -3.54 -4.96 19.24
C ASN A 39 -4.32 -3.65 19.20
N PRO A 40 -5.57 -3.65 19.73
CA PRO A 40 -6.43 -2.45 19.64
C PRO A 40 -5.81 -1.16 20.14
N SER A 41 -5.75 -0.15 19.27
CA SER A 41 -5.19 1.13 19.61
C SER A 41 -6.14 1.93 20.50
N ALA A 42 -5.56 2.92 21.20
CA ALA A 42 -6.26 3.62 22.28
C ALA A 42 -7.53 4.33 21.81
N ASP A 43 -7.62 4.68 20.53
CA ASP A 43 -8.89 5.15 19.98
C ASP A 43 -9.93 4.05 19.91
N VAL A 44 -9.54 2.87 19.40
CA VAL A 44 -10.46 1.74 19.35
C VAL A 44 -10.81 1.26 20.76
N GLN A 45 -9.86 1.34 21.69
CA GLN A 45 -10.17 1.11 23.10
C GLN A 45 -11.23 2.09 23.62
N ALA A 46 -11.16 3.35 23.19
CA ALA A 46 -12.09 4.37 23.71
C ALA A 46 -13.52 4.15 23.21
N LEU A 47 -13.70 3.66 22.00
CA LEU A 47 -15.03 3.37 21.46
C LEU A 47 -15.72 2.20 22.14
N ALA A 48 -15.07 1.53 23.09
CA ALA A 48 -15.67 0.38 23.76
C ALA A 48 -16.85 0.74 24.66
N SER A 49 -17.09 2.02 24.94
CA SER A 49 -18.27 2.45 25.68
C SER A 49 -18.94 3.62 24.96
N ILE A 50 -20.26 3.53 24.79
CA ILE A 50 -21.05 4.52 24.06
C ILE A 50 -22.40 4.64 24.74
N PHE A 51 -22.98 5.84 24.68
CA PHE A 51 -24.29 6.14 25.23
C PHE A 51 -25.24 6.51 24.10
N VAL A 52 -26.43 5.89 24.09
CA VAL A 52 -27.43 6.23 23.09
C VAL A 52 -28.81 5.84 23.62
N ASP A 53 -29.84 6.50 23.10
CA ASP A 53 -31.24 6.24 23.41
C ASP A 53 -32.03 6.26 22.11
N VAL A 54 -32.98 5.32 21.97
CA VAL A 54 -33.70 5.12 20.72
C VAL A 54 -35.18 4.89 21.00
N SER A 55 -36.00 5.31 20.04
CA SER A 55 -37.42 5.61 20.24
C SER A 55 -38.30 4.41 19.85
N SER A 56 -39.60 4.66 19.69
CA SER A 56 -40.67 3.71 19.56
C SER A 56 -40.80 3.19 18.12
N VAL A 57 -41.57 2.11 17.96
CA VAL A 57 -41.89 1.57 16.64
C VAL A 57 -43.21 0.83 16.73
N GLU A 58 -43.89 0.72 15.59
CA GLU A 58 -45.08 -0.11 15.44
C GLU A 58 -44.75 -1.59 15.64
N PRO A 59 -45.77 -2.39 15.99
CA PRO A 59 -45.56 -3.84 16.11
C PRO A 59 -45.50 -4.53 14.76
N GLY A 60 -44.83 -5.67 14.74
CA GLY A 60 -44.74 -6.49 13.55
C GLY A 60 -43.58 -6.16 12.64
N VAL A 61 -42.57 -5.46 13.15
CA VAL A 61 -41.47 -4.95 12.35
C VAL A 61 -40.28 -4.80 13.29
N GLN A 62 -39.07 -4.71 12.72
CA GLN A 62 -37.88 -4.52 13.53
C GLN A 62 -37.10 -3.31 13.04
N LEU A 63 -36.43 -2.66 13.98
CA LEU A 63 -35.45 -1.62 13.68
C LEU A 63 -34.05 -2.22 13.58
N THR A 64 -33.07 -1.36 13.30
CA THR A 64 -31.68 -1.71 13.49
C THR A 64 -30.93 -0.44 13.87
N VAL A 65 -29.95 -0.59 14.76
CA VAL A 65 -29.15 0.52 15.26
C VAL A 65 -27.71 0.06 15.35
N LYS A 66 -26.78 0.91 14.91
CA LYS A 66 -25.36 0.59 14.98
C LYS A 66 -24.83 0.86 16.38
N PHE A 67 -23.98 -0.05 16.87
CA PHE A 67 -23.17 0.20 18.05
C PHE A 67 -21.96 -0.73 17.99
N LEU A 68 -20.82 -0.23 18.46
CA LEU A 68 -19.60 -1.02 18.55
C LEU A 68 -19.26 -1.68 17.22
N GLY A 69 -19.56 -1.00 16.11
CA GLY A 69 -19.36 -1.55 14.79
C GLY A 69 -20.37 -2.57 14.32
N LYS A 70 -21.39 -2.88 15.12
CA LYS A 70 -22.29 -3.99 14.83
C LYS A 70 -23.73 -3.55 15.05
N PRO A 71 -24.69 -4.25 14.43
CA PRO A 71 -26.09 -3.85 14.59
C PRO A 71 -26.68 -4.31 15.91
N ILE A 72 -27.56 -3.47 16.47
CA ILE A 72 -28.50 -3.88 17.49
C ILE A 72 -29.88 -4.02 16.86
N PHE A 73 -30.49 -5.20 17.02
CA PHE A 73 -31.89 -5.35 16.62
C PHE A 73 -32.83 -4.87 17.71
N ILE A 74 -33.97 -4.33 17.28
CA ILE A 74 -35.11 -4.07 18.14
C ILE A 74 -36.35 -4.50 17.37
N ARG A 75 -36.94 -5.62 17.73
CA ARG A 75 -38.17 -6.10 17.13
C ARG A 75 -39.32 -5.99 18.12
N ARG A 76 -40.44 -5.42 17.68
CA ARG A 76 -41.70 -5.48 18.41
C ARG A 76 -42.55 -6.58 17.78
N ARG A 77 -42.70 -7.68 18.51
CA ARG A 77 -43.15 -8.94 17.92
C ARG A 77 -44.68 -8.95 17.74
N THR A 78 -45.12 -9.77 16.79
CA THR A 78 -46.54 -9.94 16.53
C THR A 78 -47.20 -10.76 17.65
N GLU A 79 -48.53 -10.76 17.65
CA GLU A 79 -49.29 -11.61 18.55
C GLU A 79 -48.89 -13.09 18.38
N ALA A 80 -48.68 -13.53 17.14
CA ALA A 80 -48.25 -14.90 16.91
C ALA A 80 -46.85 -15.15 17.45
N ASP A 81 -46.02 -14.10 17.57
CA ASP A 81 -44.63 -14.28 17.97
C ASP A 81 -44.36 -13.93 19.42
N ILE A 82 -45.17 -13.07 20.04
CA ILE A 82 -45.14 -12.94 21.49
C ILE A 82 -45.67 -14.19 22.15
N GLU A 83 -46.69 -14.82 21.56
CA GLU A 83 -47.29 -16.01 22.14
C GLU A 83 -46.51 -17.27 21.73
N LEU A 84 -46.57 -17.59 20.44
CA LEU A 84 -46.13 -18.88 19.89
C LEU A 84 -46.53 -20.05 20.78
N GLY A 85 -47.67 -19.92 21.46
CA GLY A 85 -48.06 -20.82 22.54
C GLY A 85 -47.10 -20.95 23.69
N ARG A 86 -46.02 -20.16 23.69
CA ARG A 86 -44.82 -20.46 24.47
C ARG A 86 -44.40 -21.91 24.31
N SER A 87 -44.65 -22.48 23.12
CA SER A 87 -44.72 -23.93 22.97
C SER A 87 -43.37 -24.59 23.16
N VAL A 88 -42.28 -23.88 22.89
CA VAL A 88 -40.94 -24.46 23.00
C VAL A 88 -40.66 -24.73 24.48
N GLN A 89 -40.54 -26.01 24.84
CA GLN A 89 -40.05 -26.39 26.15
C GLN A 89 -38.55 -26.18 26.26
N LEU A 90 -38.10 -25.82 27.47
CA LEU A 90 -36.68 -25.61 27.73
C LEU A 90 -35.83 -26.84 27.42
N GLY A 91 -36.41 -28.03 27.45
CA GLY A 91 -35.70 -29.25 27.15
C GLY A 91 -35.51 -29.59 25.69
N GLN A 92 -36.00 -28.75 24.78
CA GLN A 92 -35.83 -28.99 23.35
C GLN A 92 -35.04 -27.89 22.65
N LEU A 93 -34.42 -26.99 23.41
CA LEU A 93 -33.49 -26.02 22.83
C LEU A 93 -32.10 -26.61 22.69
N VAL A 94 -31.32 -26.01 21.80
CA VAL A 94 -29.88 -26.27 21.73
C VAL A 94 -29.13 -25.57 22.86
N ASP A 95 -29.46 -24.30 23.11
CA ASP A 95 -28.81 -23.50 24.15
C ASP A 95 -29.85 -23.09 25.18
N THR A 96 -29.62 -23.48 26.43
CA THR A 96 -30.58 -23.28 27.50
C THR A 96 -30.31 -22.04 28.34
N ASN A 97 -29.28 -21.26 28.01
CA ASN A 97 -28.99 -20.02 28.72
C ASN A 97 -29.77 -18.86 28.12
N ALA A 98 -30.21 -17.94 28.99
CA ALA A 98 -30.89 -16.73 28.53
C ALA A 98 -29.98 -15.86 27.67
N ARG A 99 -28.66 -15.96 27.86
CA ARG A 99 -27.68 -15.13 27.16
C ARG A 99 -28.03 -13.64 27.29
N ASN A 100 -28.43 -13.22 28.49
CA ASN A 100 -29.02 -11.92 28.71
C ASN A 100 -28.18 -11.17 29.74
N ALA A 101 -27.66 -10.01 29.34
CA ALA A 101 -26.86 -9.17 30.22
C ALA A 101 -27.67 -8.49 31.33
N ASN A 102 -28.99 -8.47 31.23
CA ASN A 102 -29.82 -7.76 32.20
C ASN A 102 -30.25 -8.61 33.39
N ILE A 103 -30.04 -9.92 33.33
CA ILE A 103 -30.44 -10.83 34.39
C ILE A 103 -29.23 -11.67 34.80
N ASP A 104 -29.43 -12.51 35.81
CA ASP A 104 -28.33 -13.30 36.36
C ASP A 104 -27.79 -14.27 35.31
N ALA A 105 -26.62 -14.84 35.60
CA ALA A 105 -25.98 -15.78 34.70
C ALA A 105 -26.54 -17.19 34.81
N GLY A 106 -27.47 -17.44 35.74
CA GLY A 106 -28.11 -18.72 35.84
C GLY A 106 -29.48 -18.78 35.22
N ALA A 107 -29.91 -17.69 34.58
CA ALA A 107 -31.21 -17.64 33.91
C ALA A 107 -31.28 -18.68 32.79
N GLU A 108 -32.49 -19.15 32.52
CA GLU A 108 -32.71 -20.14 31.49
C GLU A 108 -33.17 -19.47 30.20
N ALA A 109 -33.16 -20.25 29.12
CA ALA A 109 -33.58 -19.76 27.80
C ALA A 109 -35.10 -19.87 27.67
N THR A 110 -35.80 -19.07 28.46
CA THR A 110 -37.25 -19.03 28.47
C THR A 110 -37.73 -17.76 27.77
N ASP A 111 -38.92 -17.85 27.17
CA ASP A 111 -39.46 -16.74 26.39
C ASP A 111 -39.42 -15.43 27.16
N GLN A 112 -39.87 -15.44 28.42
CA GLN A 112 -39.93 -14.19 29.18
C GLN A 112 -38.55 -13.72 29.61
N ASN A 113 -37.62 -14.65 29.84
CA ASN A 113 -36.25 -14.26 30.14
C ASN A 113 -35.52 -13.71 28.92
N ARG A 114 -36.00 -13.98 27.71
CA ARG A 114 -35.42 -13.41 26.51
C ARG A 114 -35.90 -11.97 26.29
N THR A 115 -37.20 -11.74 26.43
CA THR A 115 -37.76 -10.43 26.13
C THR A 115 -37.34 -9.40 27.16
N LEU A 116 -37.42 -8.12 26.76
CA LEU A 116 -37.15 -7.02 27.68
C LEU A 116 -38.36 -6.68 28.54
N ASP A 117 -39.57 -6.78 27.98
CA ASP A 117 -40.78 -6.40 28.68
C ASP A 117 -41.44 -7.61 29.34
N GLU A 118 -42.45 -7.33 30.15
CA GLU A 118 -43.16 -8.39 30.88
C GLU A 118 -44.08 -9.18 29.96
N ALA A 119 -44.76 -8.50 29.02
CA ALA A 119 -45.66 -9.19 28.11
C ALA A 119 -44.92 -10.00 27.06
N GLY A 120 -43.68 -9.63 26.76
CA GLY A 120 -42.95 -10.27 25.68
C GLY A 120 -43.14 -9.62 24.33
N GLU A 121 -43.64 -8.38 24.29
CA GLU A 121 -43.81 -7.67 23.03
C GLU A 121 -42.47 -7.18 22.47
N TRP A 122 -41.51 -6.88 23.32
CA TRP A 122 -40.29 -6.18 22.93
C TRP A 122 -39.10 -7.11 23.13
N LEU A 123 -38.39 -7.40 22.04
CA LEU A 123 -37.20 -8.23 22.07
C LEU A 123 -36.01 -7.45 21.51
N VAL A 124 -35.00 -7.22 22.35
CA VAL A 124 -33.80 -6.48 21.98
C VAL A 124 -32.62 -7.44 21.99
N MET A 125 -31.83 -7.43 20.92
CA MET A 125 -30.74 -8.38 20.75
C MET A 125 -29.62 -7.72 19.96
N TRP A 126 -28.42 -8.27 20.11
CA TRP A 126 -27.40 -8.16 19.06
C TRP A 126 -27.87 -8.84 17.79
N GLY A 127 -27.77 -8.12 16.68
CA GLY A 127 -28.08 -8.67 15.37
C GLY A 127 -26.98 -9.53 14.78
N VAL A 128 -26.25 -10.25 15.63
CA VAL A 128 -24.99 -10.88 15.25
C VAL A 128 -25.12 -12.39 15.48
N CYS A 129 -25.01 -13.16 14.40
CA CYS A 129 -25.07 -14.61 14.52
C CYS A 129 -23.92 -15.13 15.37
N THR A 130 -24.25 -15.95 16.36
CA THR A 130 -23.25 -16.46 17.28
C THR A 130 -22.33 -17.50 16.65
N HIS A 131 -22.57 -17.92 15.42
CA HIS A 131 -21.62 -18.76 14.72
C HIS A 131 -20.36 -17.98 14.34
N LEU A 132 -20.44 -17.14 13.30
CA LEU A 132 -19.27 -16.40 12.86
C LEU A 132 -19.59 -14.93 12.57
N GLY A 133 -20.73 -14.42 13.01
CA GLY A 133 -20.93 -13.00 13.11
C GLY A 133 -21.74 -12.36 12.00
N CYS A 134 -22.26 -13.14 11.05
CA CYS A 134 -23.15 -12.59 10.05
C CYS A 134 -24.46 -12.11 10.66
N VAL A 135 -25.12 -11.19 9.95
CA VAL A 135 -26.43 -10.71 10.37
C VAL A 135 -27.50 -11.73 9.96
N PRO A 136 -28.28 -12.25 10.90
CA PRO A 136 -29.41 -13.11 10.52
C PRO A 136 -30.48 -12.34 9.77
N ILE A 137 -30.90 -12.89 8.62
CA ILE A 137 -32.00 -12.29 7.88
C ILE A 137 -33.30 -12.51 8.65
N GLY A 138 -34.04 -11.43 8.88
CA GLY A 138 -35.24 -11.52 9.68
C GLY A 138 -36.53 -11.67 8.91
N GLY A 139 -37.47 -10.76 9.11
CA GLY A 139 -38.86 -11.02 8.79
C GLY A 139 -39.43 -12.13 9.63
N VAL A 140 -39.78 -13.25 8.99
CA VAL A 140 -40.10 -14.49 9.71
C VAL A 140 -39.33 -15.62 9.04
N SER A 141 -38.11 -15.34 8.61
CA SER A 141 -37.37 -16.30 7.81
C SER A 141 -36.94 -17.50 8.66
N GLY A 142 -36.39 -18.51 7.99
CA GLY A 142 -36.04 -19.75 8.64
C GLY A 142 -37.24 -20.65 8.88
N ASP A 143 -36.97 -21.85 9.36
CA ASP A 143 -37.99 -22.88 9.52
C ASP A 143 -38.55 -22.92 10.94
N PHE A 144 -38.20 -21.95 11.79
CA PHE A 144 -38.71 -21.86 13.15
C PHE A 144 -39.18 -20.44 13.45
N GLY A 145 -39.62 -19.72 12.43
CA GLY A 145 -39.87 -18.31 12.61
C GLY A 145 -38.57 -17.57 12.88
N GLY A 146 -38.67 -16.45 13.56
CA GLY A 146 -37.47 -15.73 13.98
C GLY A 146 -36.65 -15.28 12.79
N TRP A 147 -35.38 -15.71 12.75
CA TRP A 147 -34.43 -15.20 11.77
C TRP A 147 -33.73 -16.37 11.09
N PHE A 148 -32.98 -16.07 10.03
CA PHE A 148 -32.17 -17.05 9.31
C PHE A 148 -30.84 -16.42 8.94
N CYS A 149 -29.74 -17.04 9.38
CA CYS A 149 -28.41 -16.58 8.97
C CYS A 149 -28.08 -17.08 7.57
N PRO A 150 -27.85 -16.19 6.60
CA PRO A 150 -27.56 -16.65 5.23
C PRO A 150 -26.19 -17.28 5.06
N CYS A 151 -25.25 -17.06 5.98
CA CYS A 151 -23.88 -17.46 5.75
C CYS A 151 -23.67 -18.96 5.93
N HIS A 152 -24.27 -19.56 6.96
CA HIS A 152 -24.13 -21.00 7.15
C HIS A 152 -25.42 -21.67 7.59
N GLY A 153 -26.56 -20.98 7.44
CA GLY A 153 -27.85 -21.61 7.63
C GLY A 153 -28.23 -21.93 9.05
N SER A 154 -27.74 -21.17 10.03
CA SER A 154 -28.24 -21.33 11.39
C SER A 154 -29.64 -20.73 11.50
N HIS A 155 -30.52 -21.42 12.22
CA HIS A 155 -31.90 -20.98 12.40
C HIS A 155 -32.11 -20.51 13.82
N TYR A 156 -32.66 -19.31 13.96
CA TYR A 156 -33.07 -18.77 15.25
C TYR A 156 -34.59 -18.67 15.29
N ASP A 157 -35.17 -19.03 16.45
CA ASP A 157 -36.61 -18.94 16.63
C ASP A 157 -37.04 -17.50 16.90
N SER A 158 -38.34 -17.32 17.13
CA SER A 158 -38.92 -16.00 17.38
C SER A 158 -38.38 -15.33 18.64
N ALA A 159 -37.69 -16.07 19.50
CA ALA A 159 -37.03 -15.49 20.66
C ALA A 159 -35.53 -15.31 20.46
N GLY A 160 -35.04 -15.51 19.24
CA GLY A 160 -33.62 -15.43 18.98
C GLY A 160 -32.82 -16.55 19.60
N ARG A 161 -33.45 -17.70 19.82
CA ARG A 161 -32.77 -18.86 20.37
C ARG A 161 -32.33 -19.79 19.25
N ILE A 162 -31.13 -20.34 19.36
CA ILE A 162 -30.58 -21.17 18.30
C ILE A 162 -31.31 -22.51 18.28
N ARG A 163 -31.78 -22.89 17.11
CA ARG A 163 -32.56 -24.12 16.93
C ARG A 163 -31.90 -25.14 16.03
N LYS A 164 -31.20 -24.70 14.98
CA LYS A 164 -30.57 -25.61 14.04
C LYS A 164 -29.36 -24.92 13.43
N GLY A 165 -28.40 -25.72 12.99
CA GLY A 165 -27.23 -25.22 12.29
C GLY A 165 -26.02 -25.01 13.18
N PRO A 166 -24.98 -24.39 12.62
CA PRO A 166 -23.67 -24.40 13.27
C PRO A 166 -23.54 -23.51 14.49
N ALA A 167 -24.52 -22.66 14.78
CA ALA A 167 -24.32 -21.66 15.83
C ALA A 167 -24.38 -22.33 17.20
N PRO A 168 -23.54 -21.91 18.15
CA PRO A 168 -23.51 -22.56 19.47
C PRO A 168 -24.47 -21.98 20.49
N GLU A 169 -24.89 -20.73 20.31
CA GLU A 169 -25.47 -19.97 21.41
C GLU A 169 -26.65 -19.14 20.92
N ASN A 170 -27.57 -18.87 21.84
CA ASN A 170 -28.65 -17.93 21.58
C ASN A 170 -28.11 -16.53 21.33
N LEU A 171 -28.83 -15.75 20.54
CA LEU A 171 -28.42 -14.38 20.23
C LEU A 171 -28.34 -13.55 21.51
N PRO A 172 -27.17 -12.98 21.83
CA PRO A 172 -27.02 -12.33 23.13
C PRO A 172 -27.85 -11.05 23.22
N ILE A 173 -28.38 -10.80 24.41
CA ILE A 173 -29.21 -9.63 24.68
C ILE A 173 -28.33 -8.59 25.37
N PRO A 174 -28.10 -7.42 24.78
CA PRO A 174 -27.23 -6.42 25.41
C PRO A 174 -27.88 -5.82 26.65
N LEU A 175 -27.07 -5.08 27.40
CA LEU A 175 -27.57 -4.24 28.48
C LEU A 175 -28.45 -3.12 27.93
N ALA A 176 -29.75 -3.20 28.18
CA ALA A 176 -30.69 -2.20 27.67
C ALA A 176 -31.90 -2.14 28.59
N LYS A 177 -32.49 -0.96 28.68
CA LYS A 177 -33.63 -0.73 29.56
C LYS A 177 -34.47 0.40 29.02
N PHE A 178 -35.78 0.30 29.22
CA PHE A 178 -36.68 1.39 28.91
C PHE A 178 -36.41 2.60 29.80
N ILE A 179 -36.47 3.79 29.21
CA ILE A 179 -36.43 5.04 29.95
C ILE A 179 -37.84 5.60 30.11
N ASP A 180 -38.56 5.68 29.00
CA ASP A 180 -39.97 5.97 28.93
C ASP A 180 -40.63 4.78 28.25
N GLU A 181 -41.96 4.74 28.24
CA GLU A 181 -42.63 3.70 27.47
C GLU A 181 -42.40 3.88 25.97
N THR A 182 -41.97 5.07 25.53
CA THR A 182 -41.73 5.33 24.13
C THR A 182 -40.29 5.07 23.69
N THR A 183 -39.34 5.02 24.62
CA THR A 183 -37.92 4.95 24.24
C THR A 183 -37.15 4.01 25.16
N ILE A 184 -35.99 3.57 24.67
CA ILE A 184 -35.18 2.54 25.31
C ILE A 184 -33.73 3.00 25.28
N GLN A 185 -33.09 3.03 26.45
CA GLN A 185 -31.66 3.24 26.53
C GLN A 185 -30.90 1.97 26.19
N LEU A 186 -29.78 2.14 25.47
CA LEU A 186 -28.81 1.07 25.28
C LEU A 186 -27.52 1.28 26.04
N GLY A 187 -27.18 2.52 26.38
CA GLY A 187 -25.99 2.80 27.17
C GLY A 187 -26.08 4.11 27.94
N MET B 1 33.55 -22.23 -5.04
CA MET B 1 33.06 -20.92 -4.63
C MET B 1 34.14 -19.87 -4.83
N SER B 2 34.97 -19.67 -3.81
CA SER B 2 35.98 -18.62 -3.83
C SER B 2 37.34 -19.10 -4.33
N GLY B 3 37.51 -20.41 -4.52
CA GLY B 3 38.80 -20.98 -4.83
C GLY B 3 39.71 -21.21 -3.65
N ILE B 4 39.39 -20.66 -2.48
CA ILE B 4 40.20 -20.93 -1.28
C ILE B 4 39.99 -22.38 -0.84
N PRO B 5 41.05 -23.15 -0.63
CA PRO B 5 40.89 -24.49 -0.04
C PRO B 5 40.13 -24.43 1.28
N HIS B 6 39.13 -25.30 1.40
CA HIS B 6 38.23 -25.28 2.55
C HIS B 6 37.60 -26.66 2.69
N ASP B 7 36.98 -26.90 3.84
CA ASP B 7 36.24 -28.13 4.08
C ASP B 7 34.79 -27.94 3.65
N HIS B 8 34.30 -28.84 2.79
CA HIS B 8 32.89 -28.86 2.46
C HIS B 8 32.06 -29.40 3.63
N TYR B 9 30.78 -29.04 3.62
CA TYR B 9 29.82 -29.64 4.53
C TYR B 9 29.69 -31.13 4.26
N GLU B 10 29.68 -31.92 5.33
CA GLU B 10 29.14 -33.27 5.29
C GLU B 10 28.00 -33.41 6.29
N PRO B 11 26.85 -33.94 5.88
CA PRO B 11 25.75 -34.14 6.83
C PRO B 11 26.12 -35.16 7.90
N ARG B 12 26.00 -34.75 9.16
CA ARG B 12 26.34 -35.64 10.28
C ARG B 12 25.18 -36.53 10.70
N THR B 13 24.14 -35.92 11.28
CA THR B 13 23.00 -36.68 11.80
C THR B 13 22.14 -37.27 10.68
N GLY B 14 21.31 -38.23 11.07
CA GLY B 14 20.36 -38.84 10.14
C GLY B 14 19.46 -37.84 9.45
N ILE B 15 18.94 -36.86 10.20
CA ILE B 15 18.10 -35.83 9.62
C ILE B 15 18.88 -35.00 8.61
N GLU B 16 20.15 -34.73 8.90
CA GLU B 16 21.00 -34.07 7.92
C GLU B 16 21.19 -34.93 6.67
N LYS B 17 21.33 -36.25 6.84
CA LYS B 17 21.37 -37.12 5.67
C LYS B 17 20.09 -36.99 4.85
N TRP B 18 18.95 -37.07 5.53
CA TRP B 18 17.65 -37.05 4.85
C TRP B 18 17.44 -35.75 4.07
N LEU B 19 17.78 -34.62 4.68
CA LEU B 19 17.61 -33.33 4.01
C LEU B 19 18.65 -33.09 2.93
N HIS B 20 19.93 -33.30 3.25
CA HIS B 20 21.01 -32.93 2.32
C HIS B 20 20.90 -33.69 1.01
N SER B 21 20.49 -34.95 1.06
CA SER B 21 20.27 -35.70 -0.17
C SER B 21 19.13 -35.14 -1.00
N ARG B 22 18.18 -34.43 -0.37
CA ARG B 22 16.99 -33.92 -1.04
C ARG B 22 17.14 -32.44 -1.43
N LEU B 23 17.64 -31.61 -0.52
CA LEU B 23 17.81 -30.19 -0.78
C LEU B 23 19.02 -29.67 -0.02
N PRO B 24 20.10 -29.32 -0.71
CA PRO B 24 21.34 -28.97 -0.02
C PRO B 24 21.34 -27.58 0.60
N ILE B 25 20.23 -27.19 1.24
CA ILE B 25 20.13 -25.84 1.78
C ILE B 25 21.07 -25.66 2.97
N VAL B 26 21.19 -26.68 3.82
CA VAL B 26 22.14 -26.63 4.92
C VAL B 26 23.57 -26.61 4.38
N ALA B 27 23.84 -27.37 3.32
CA ALA B 27 25.16 -27.33 2.70
C ALA B 27 25.49 -25.93 2.16
N LEU B 28 24.53 -25.31 1.48
CA LEU B 28 24.74 -23.94 0.99
C LEU B 28 24.97 -22.96 2.14
N ALA B 29 24.19 -23.08 3.20
CA ALA B 29 24.37 -22.21 4.36
C ALA B 29 25.75 -22.39 4.99
N TYR B 30 26.17 -23.63 5.21
CA TYR B 30 27.50 -23.91 5.74
C TYR B 30 28.60 -23.35 4.83
N ASP B 31 28.53 -23.64 3.54
CA ASP B 31 29.52 -23.13 2.59
C ASP B 31 29.55 -21.60 2.57
N THR B 32 28.42 -20.95 2.81
CA THR B 32 28.41 -19.49 2.89
C THR B 32 29.06 -19.00 4.18
N ILE B 33 28.68 -19.59 5.31
CA ILE B 33 29.05 -19.03 6.61
C ILE B 33 30.44 -19.47 7.07
N MET B 34 30.97 -20.57 6.56
CA MET B 34 32.31 -21.03 6.92
C MET B 34 33.39 -20.48 6.01
N ILE B 35 33.08 -19.49 5.17
CA ILE B 35 34.03 -18.95 4.21
C ILE B 35 35.31 -18.51 4.90
N PRO B 36 36.46 -19.02 4.48
CA PRO B 36 37.74 -18.54 5.03
C PRO B 36 37.95 -17.06 4.72
N THR B 37 38.20 -16.28 5.78
CA THR B 37 38.25 -14.84 5.72
C THR B 37 39.62 -14.35 6.18
N PRO B 38 40.20 -13.33 5.52
CA PRO B 38 41.53 -12.85 5.92
C PRO B 38 41.62 -12.47 7.39
N ARG B 39 42.71 -12.91 8.01
CA ARG B 39 42.93 -12.68 9.44
C ARG B 39 43.05 -11.20 9.80
N ASN B 40 43.46 -10.37 8.84
CA ASN B 40 43.89 -9.00 9.15
C ASN B 40 42.82 -7.94 8.91
N LEU B 41 41.56 -8.34 8.73
CA LEU B 41 40.49 -7.34 8.58
C LEU B 41 40.39 -6.46 9.81
N ASN B 42 40.24 -5.16 9.59
CA ASN B 42 40.01 -4.22 10.68
C ASN B 42 38.53 -3.85 10.77
N TRP B 43 38.22 -2.94 11.71
CA TRP B 43 36.85 -2.56 12.02
C TRP B 43 36.11 -1.93 10.84
N MET B 44 36.79 -1.49 9.79
CA MET B 44 36.05 -1.03 8.62
C MET B 44 35.31 -2.13 7.87
N TRP B 45 35.55 -3.40 8.18
CA TRP B 45 34.77 -4.50 7.62
C TRP B 45 33.50 -4.83 8.39
N ILE B 46 33.16 -4.07 9.43
CA ILE B 46 31.88 -4.28 10.12
C ILE B 46 30.70 -3.76 9.31
N TRP B 47 30.92 -2.75 8.47
CA TRP B 47 29.81 -1.94 7.97
C TRP B 47 28.86 -2.72 7.07
N GLY B 48 29.36 -3.76 6.39
CA GLY B 48 28.45 -4.62 5.63
C GLY B 48 27.39 -5.29 6.48
N VAL B 49 27.77 -5.74 7.67
CA VAL B 49 26.80 -6.34 8.59
C VAL B 49 25.84 -5.30 9.13
N VAL B 50 26.34 -4.09 9.42
CA VAL B 50 25.47 -3.00 9.84
C VAL B 50 24.45 -2.67 8.75
N LEU B 51 24.88 -2.66 7.49
CA LEU B 51 23.96 -2.43 6.38
C LEU B 51 22.94 -3.55 6.25
N ALA B 52 23.38 -4.80 6.36
CA ALA B 52 22.46 -5.92 6.29
C ALA B 52 21.41 -5.87 7.38
N PHE B 53 21.81 -5.54 8.61
CA PHE B 53 20.84 -5.32 9.67
C PHE B 53 19.90 -4.16 9.36
N CYS B 54 20.45 -3.03 8.93
CA CYS B 54 19.64 -1.85 8.63
C CYS B 54 18.55 -2.16 7.60
N LEU B 55 18.86 -2.96 6.59
CA LEU B 55 17.84 -3.33 5.61
C LEU B 55 16.68 -4.08 6.26
N VAL B 56 16.98 -4.98 7.20
CA VAL B 56 15.93 -5.67 7.94
C VAL B 56 15.12 -4.70 8.80
N LEU B 57 15.81 -3.85 9.55
CA LEU B 57 15.15 -2.86 10.40
C LEU B 57 14.18 -2.01 9.59
N GLN B 58 14.66 -1.46 8.47
CA GLN B 58 13.82 -0.64 7.60
C GLN B 58 12.64 -1.43 7.04
N ILE B 59 12.87 -2.65 6.59
CA ILE B 59 11.79 -3.45 6.02
C ILE B 59 10.70 -3.72 7.05
N VAL B 60 11.10 -4.21 8.23
CA VAL B 60 10.12 -4.63 9.23
C VAL B 60 9.37 -3.42 9.81
N THR B 61 10.07 -2.30 10.04
CA THR B 61 9.37 -1.12 10.51
C THR B 61 8.47 -0.54 9.43
N GLY B 62 8.90 -0.57 8.17
CA GLY B 62 8.03 -0.10 7.10
C GLY B 62 6.76 -0.92 7.00
N ILE B 63 6.90 -2.24 6.99
CA ILE B 63 5.74 -3.13 6.91
C ILE B 63 4.80 -2.88 8.08
N VAL B 64 5.35 -2.71 9.28
CA VAL B 64 4.49 -2.40 10.43
C VAL B 64 3.79 -1.06 10.23
N LEU B 65 4.56 -0.02 9.87
CA LEU B 65 3.98 1.29 9.61
C LEU B 65 2.97 1.27 8.45
N ALA B 66 3.24 0.47 7.42
CA ALA B 66 2.31 0.32 6.31
C ALA B 66 0.97 -0.30 6.70
N MET B 67 0.86 -0.87 7.90
CA MET B 67 -0.46 -1.30 8.38
C MET B 67 -1.31 -0.14 8.89
N HIS B 68 -0.71 1.02 9.16
CA HIS B 68 -1.41 2.14 9.76
C HIS B 68 -1.42 3.40 8.91
N TYR B 69 -0.39 3.63 8.09
CA TYR B 69 -0.36 4.77 7.20
C TYR B 69 -1.46 4.67 6.15
N THR B 70 -1.92 5.83 5.67
CA THR B 70 -2.87 5.92 4.57
C THR B 70 -2.30 6.81 3.47
N PRO B 71 -2.09 6.30 2.25
CA PRO B 71 -1.50 7.08 1.16
C PRO B 71 -2.50 7.99 0.44
N HIS B 72 -3.14 8.87 1.20
CA HIS B 72 -4.04 9.85 0.60
C HIS B 72 -3.82 11.21 1.26
N VAL B 73 -3.83 12.26 0.42
CA VAL B 73 -3.41 13.59 0.88
C VAL B 73 -4.31 14.14 1.97
N ASP B 74 -5.57 13.72 2.02
CA ASP B 74 -6.44 14.12 3.10
C ASP B 74 -6.14 13.39 4.40
N LEU B 75 -5.44 12.25 4.32
CA LEU B 75 -5.33 11.31 5.42
C LEU B 75 -3.91 10.96 5.81
N ALA B 76 -2.93 11.19 4.93
CA ALA B 76 -1.55 10.77 5.19
C ALA B 76 -1.02 11.36 6.48
N PHE B 77 -0.99 12.70 6.56
CA PHE B 77 -0.47 13.36 7.75
C PHE B 77 -1.28 12.98 8.99
N ALA B 78 -2.60 12.94 8.86
CA ALA B 78 -3.44 12.51 9.97
C ALA B 78 -3.13 11.07 10.39
N SER B 79 -2.88 10.19 9.41
CA SER B 79 -2.54 8.81 9.76
C SER B 79 -1.17 8.69 10.40
N VAL B 80 -0.23 9.56 10.04
CA VAL B 80 1.06 9.61 10.74
C VAL B 80 0.87 10.10 12.17
N GLU B 81 0.00 11.07 12.39
CA GLU B 81 -0.35 11.45 13.76
C GLU B 81 -1.02 10.32 14.53
N HIS B 82 -1.94 9.59 13.88
CA HIS B 82 -2.50 8.38 14.46
C HIS B 82 -1.42 7.38 14.86
N ILE B 83 -0.40 7.22 14.02
CA ILE B 83 0.73 6.37 14.37
C ILE B 83 1.44 6.90 15.61
N MET B 84 1.77 8.19 15.60
CA MET B 84 2.49 8.80 16.72
C MET B 84 1.71 8.76 18.02
N ARG B 85 0.39 8.69 17.96
CA ARG B 85 -0.43 9.11 19.09
C ARG B 85 -1.35 8.03 19.62
N ASN B 86 -1.80 7.09 18.79
CA ASN B 86 -2.71 6.04 19.23
C ASN B 86 -2.14 4.63 19.14
N VAL B 87 -1.22 4.38 18.20
CA VAL B 87 -0.70 3.03 17.98
C VAL B 87 0.31 2.69 19.06
N ASN B 88 0.23 1.46 19.57
CA ASN B 88 1.17 0.99 20.58
C ASN B 88 2.60 0.99 20.04
N GLY B 89 3.49 1.73 20.69
CA GLY B 89 4.84 1.92 20.24
C GLY B 89 5.02 2.67 18.94
N GLY B 90 3.94 3.24 18.38
CA GLY B 90 4.02 3.78 17.03
C GLY B 90 4.98 4.94 16.91
N PHE B 91 5.13 5.73 17.98
CA PHE B 91 6.13 6.78 18.03
C PHE B 91 7.55 6.21 17.88
N MET B 92 7.85 5.15 18.62
CA MET B 92 9.15 4.49 18.49
C MET B 92 9.32 3.86 17.11
N LEU B 93 8.30 3.18 16.59
CA LEU B 93 8.40 2.58 15.27
C LEU B 93 8.68 3.61 14.18
N ARG B 94 8.01 4.77 14.24
CA ARG B 94 8.32 5.84 13.30
C ARG B 94 9.74 6.37 13.50
N TYR B 95 10.11 6.73 14.73
CA TYR B 95 11.43 7.33 14.95
C TYR B 95 12.54 6.36 14.55
N LEU B 96 12.38 5.08 14.89
CA LEU B 96 13.29 4.04 14.43
C LEU B 96 13.42 4.02 12.91
N HIS B 97 12.30 4.09 12.20
CA HIS B 97 12.38 4.02 10.73
C HIS B 97 13.04 5.28 10.14
N ALA B 98 12.69 6.45 10.67
CA ALA B 98 13.22 7.70 10.16
C ALA B 98 14.71 7.88 10.46
N ASN B 99 15.14 7.63 11.69
CA ASN B 99 16.56 7.69 11.97
C ASN B 99 17.32 6.52 11.36
N GLY B 100 16.68 5.35 11.23
CA GLY B 100 17.33 4.22 10.60
C GLY B 100 17.66 4.46 9.15
N ALA B 101 16.88 5.31 8.47
CA ALA B 101 17.29 5.76 7.15
C ALA B 101 18.62 6.53 7.17
N SER B 102 18.79 7.42 8.15
CA SER B 102 20.07 8.13 8.29
C SER B 102 21.21 7.18 8.65
N LEU B 103 20.94 6.25 9.57
CA LEU B 103 21.92 5.21 9.90
C LEU B 103 22.33 4.43 8.64
N PHE B 104 21.34 4.05 7.83
CA PHE B 104 21.60 3.31 6.61
C PHE B 104 22.48 4.09 5.65
N PHE B 105 22.18 5.38 5.47
CA PHE B 105 22.98 6.19 4.55
C PHE B 105 24.39 6.48 5.07
N ILE B 106 24.55 6.77 6.36
CA ILE B 106 25.91 6.94 6.87
C ILE B 106 26.71 5.63 6.75
N ALA B 107 26.05 4.50 6.99
CA ALA B 107 26.72 3.22 6.82
C ALA B 107 27.14 2.95 5.37
N VAL B 108 26.29 3.30 4.39
CA VAL B 108 26.72 3.09 3.00
C VAL B 108 27.86 4.04 2.64
N TYR B 109 27.83 5.27 3.15
CA TYR B 109 28.93 6.18 2.81
C TYR B 109 30.25 5.72 3.42
N LEU B 110 30.22 5.20 4.65
CA LEU B 110 31.41 4.57 5.23
C LEU B 110 31.87 3.35 4.44
N HIS B 111 30.92 2.50 4.01
CA HIS B 111 31.25 1.30 3.26
C HIS B 111 31.85 1.61 1.89
N ILE B 112 31.31 2.64 1.25
CA ILE B 112 31.87 3.13 -0.02
C ILE B 112 33.27 3.68 0.18
N PHE B 113 33.46 4.55 1.17
CA PHE B 113 34.79 5.14 1.34
C PHE B 113 35.84 4.11 1.77
N ARG B 114 35.43 3.09 2.55
CA ARG B 114 36.30 1.93 2.78
C ARG B 114 36.72 1.32 1.45
N GLY B 115 35.74 1.02 0.60
CA GLY B 115 36.06 0.44 -0.70
C GLY B 115 36.99 1.31 -1.53
N LEU B 116 36.73 2.62 -1.55
CA LEU B 116 37.58 3.57 -2.27
C LEU B 116 39.00 3.61 -1.72
N TYR B 117 39.18 3.40 -0.42
CA TYR B 117 40.53 3.47 0.13
C TYR B 117 41.28 2.16 -0.06
N TYR B 118 40.71 1.05 0.37
CA TYR B 118 41.41 -0.23 0.29
C TYR B 118 41.34 -0.87 -1.09
N GLY B 119 40.76 -0.18 -2.08
CA GLY B 119 40.80 -0.66 -3.45
C GLY B 119 39.89 -1.83 -3.74
N SER B 120 38.87 -2.06 -2.91
CA SER B 120 37.97 -3.19 -3.09
C SER B 120 37.17 -3.11 -4.38
N TYR B 121 37.21 -1.97 -5.09
CA TYR B 121 36.61 -1.83 -6.40
C TYR B 121 37.44 -2.41 -7.54
N LYS B 122 38.71 -2.75 -7.30
CA LYS B 122 39.57 -3.19 -8.38
C LYS B 122 39.33 -4.64 -8.74
N ALA B 123 39.83 -5.01 -9.91
CA ALA B 123 39.70 -6.37 -10.44
C ALA B 123 40.15 -7.40 -9.41
N PRO B 124 39.44 -8.52 -9.26
CA PRO B 124 38.28 -8.97 -10.02
C PRO B 124 36.92 -8.47 -9.50
N ARG B 125 36.94 -7.47 -8.63
CA ARG B 125 35.76 -7.09 -7.85
C ARG B 125 34.90 -6.01 -8.53
N GLU B 126 35.12 -5.73 -9.82
CA GLU B 126 34.37 -4.66 -10.49
C GLU B 126 32.86 -4.93 -10.47
N VAL B 127 32.46 -6.21 -10.62
CA VAL B 127 31.05 -6.56 -10.58
C VAL B 127 30.46 -6.25 -9.21
N THR B 128 31.19 -6.57 -8.15
CA THR B 128 30.72 -6.25 -6.80
C THR B 128 30.52 -4.75 -6.62
N TRP B 129 31.44 -3.95 -7.17
CA TRP B 129 31.29 -2.49 -7.14
C TRP B 129 30.04 -2.03 -7.88
N ILE B 130 29.83 -2.55 -9.09
CA ILE B 130 28.68 -2.15 -9.89
C ILE B 130 27.37 -2.51 -9.18
N VAL B 131 27.28 -3.72 -8.61
CA VAL B 131 26.09 -4.07 -7.84
C VAL B 131 25.92 -3.16 -6.63
N GLY B 132 27.02 -2.81 -5.96
CA GLY B 132 26.96 -1.79 -4.92
C GLY B 132 26.36 -0.48 -5.40
N MET B 133 26.78 0.00 -6.57
CA MET B 133 26.23 1.24 -7.11
C MET B 133 24.75 1.13 -7.44
N LEU B 134 24.32 -0.01 -7.95
CA LEU B 134 22.89 -0.23 -8.18
C LEU B 134 22.11 -0.22 -6.86
N ILE B 135 22.65 -0.87 -5.84
CA ILE B 135 22.05 -0.86 -4.51
C ILE B 135 21.91 0.57 -4.00
N TYR B 136 22.99 1.34 -4.11
CA TYR B 136 22.97 2.74 -3.66
C TYR B 136 21.92 3.57 -4.38
N LEU B 137 21.83 3.43 -5.70
CA LEU B 137 20.80 4.17 -6.46
C LEU B 137 19.39 3.75 -6.07
N ALA B 138 19.17 2.46 -5.82
CA ALA B 138 17.85 2.02 -5.36
C ALA B 138 17.54 2.53 -3.96
N MET B 139 18.55 2.59 -3.09
CA MET B 139 18.38 3.22 -1.78
C MET B 139 17.99 4.68 -1.91
N MET B 140 18.70 5.41 -2.78
CA MET B 140 18.41 6.84 -2.97
C MET B 140 16.96 7.05 -3.38
N ALA B 141 16.52 6.33 -4.42
CA ALA B 141 15.11 6.44 -4.85
C ALA B 141 14.14 6.04 -3.75
N THR B 142 14.42 4.94 -3.04
CA THR B 142 13.57 4.49 -1.95
C THR B 142 13.41 5.58 -0.89
N ALA B 143 14.54 6.10 -0.40
CA ALA B 143 14.51 7.08 0.68
C ALA B 143 13.83 8.37 0.26
N PHE B 144 14.08 8.84 -0.98
CA PHE B 144 13.35 10.01 -1.47
C PHE B 144 11.85 9.79 -1.46
N MET B 145 11.39 8.68 -2.06
CA MET B 145 9.95 8.44 -2.11
C MET B 145 9.38 8.29 -0.70
N GLY B 146 10.11 7.62 0.19
CA GLY B 146 9.64 7.52 1.56
C GLY B 146 9.49 8.87 2.22
N TYR B 147 10.47 9.76 2.00
CA TYR B 147 10.41 11.09 2.59
C TYR B 147 9.26 11.91 2.02
N VAL B 148 8.77 11.55 0.84
CA VAL B 148 7.58 12.22 0.31
C VAL B 148 6.32 11.74 1.05
N LEU B 149 6.32 10.50 1.52
CA LEU B 149 5.10 9.88 2.05
C LEU B 149 4.42 10.62 3.20
N PRO B 150 5.11 11.21 4.19
CA PRO B 150 4.38 11.87 5.28
C PRO B 150 3.67 13.15 4.87
N TRP B 151 3.91 13.69 3.68
CA TRP B 151 3.12 14.81 3.14
C TRP B 151 3.13 16.02 4.07
N GLY B 152 4.27 16.32 4.67
CA GLY B 152 4.47 17.62 5.28
C GLY B 152 4.89 18.66 4.25
N GLN B 153 5.18 19.85 4.77
CA GLN B 153 5.66 20.92 3.89
C GLN B 153 6.94 20.52 3.17
N MET B 154 7.89 19.94 3.90
CA MET B 154 9.16 19.58 3.29
C MET B 154 9.01 18.41 2.32
N SER B 155 8.15 17.44 2.64
CA SER B 155 7.82 16.38 1.70
C SER B 155 7.30 16.93 0.37
N PHE B 156 6.35 17.86 0.44
CA PHE B 156 5.72 18.39 -0.77
C PHE B 156 6.67 19.26 -1.56
N TRP B 157 7.32 20.22 -0.90
CA TRP B 157 8.15 21.16 -1.65
C TRP B 157 9.45 20.52 -2.11
N GLY B 158 10.03 19.61 -1.31
CA GLY B 158 11.15 18.81 -1.79
C GLY B 158 10.82 17.97 -3.01
N ALA B 159 9.67 17.28 -2.97
CA ALA B 159 9.25 16.56 -4.18
C ALA B 159 9.05 17.51 -5.35
N THR B 160 8.47 18.68 -5.11
CA THR B 160 8.22 19.63 -6.19
C THR B 160 9.53 20.12 -6.82
N VAL B 161 10.55 20.37 -6.00
CA VAL B 161 11.87 20.73 -6.51
C VAL B 161 12.50 19.55 -7.27
N ILE B 162 12.56 18.38 -6.64
CA ILE B 162 13.30 17.26 -7.22
C ILE B 162 12.62 16.74 -8.49
N THR B 163 11.29 16.64 -8.49
CA THR B 163 10.60 16.29 -9.73
C THR B 163 10.75 17.37 -10.80
N GLY B 164 11.00 18.62 -10.41
CA GLY B 164 11.30 19.66 -11.37
C GLY B 164 12.56 19.43 -12.16
N LEU B 165 13.50 18.66 -11.60
CA LEU B 165 14.77 18.40 -12.28
C LEU B 165 14.56 17.63 -13.59
N PHE B 166 13.63 16.67 -13.60
CA PHE B 166 13.32 15.95 -14.83
C PHE B 166 12.75 16.88 -15.89
N GLY B 167 12.05 17.94 -15.48
CA GLY B 167 11.58 18.96 -16.40
C GLY B 167 12.68 19.72 -17.12
N ALA B 168 13.92 19.63 -16.63
CA ALA B 168 15.03 20.29 -17.32
C ALA B 168 15.43 19.57 -18.60
N ILE B 169 15.19 18.27 -18.70
CA ILE B 169 15.74 17.48 -19.82
C ILE B 169 15.11 17.95 -21.12
N PRO B 170 15.90 18.44 -22.07
CA PRO B 170 15.33 19.07 -23.27
C PRO B 170 14.42 18.12 -24.04
N GLY B 171 13.29 18.67 -24.50
CA GLY B 171 12.26 17.90 -25.19
C GLY B 171 11.47 16.95 -24.31
N ILE B 172 12.07 15.77 -24.06
CA ILE B 172 11.36 14.70 -23.37
C ILE B 172 11.10 15.02 -21.90
N GLY B 173 11.83 15.98 -21.34
CA GLY B 173 11.78 16.20 -19.90
C GLY B 173 10.40 16.58 -19.39
N HIS B 174 9.64 17.35 -20.18
CA HIS B 174 8.28 17.69 -19.77
C HIS B 174 7.39 16.45 -19.77
N SER B 175 7.53 15.58 -20.77
CA SER B 175 6.81 14.31 -20.80
C SER B 175 7.22 13.41 -19.64
N ILE B 176 8.53 13.31 -19.38
CA ILE B 176 9.00 12.48 -18.27
C ILE B 176 8.45 13.00 -16.94
N GLN B 177 8.54 14.30 -16.71
CA GLN B 177 8.01 14.89 -15.48
C GLN B 177 6.51 14.65 -15.34
N THR B 178 5.75 14.86 -16.42
CA THR B 178 4.31 14.63 -16.38
C THR B 178 3.99 13.16 -16.09
N TRP B 179 4.71 12.24 -16.70
CA TRP B 179 4.49 10.81 -16.45
C TRP B 179 4.85 10.43 -15.02
N LEU B 180 5.95 10.96 -14.49
CA LEU B 180 6.28 10.75 -13.08
C LEU B 180 5.16 11.26 -12.19
N LEU B 181 4.81 12.55 -12.32
CA LEU B 181 3.85 13.17 -11.43
C LEU B 181 2.46 12.58 -11.61
N GLY B 182 2.11 12.24 -12.85
CA GLY B 182 0.74 11.94 -13.20
C GLY B 182 -0.11 13.17 -13.38
N GLY B 183 0.52 14.32 -13.64
CA GLY B 183 -0.16 15.58 -13.75
C GLY B 183 0.86 16.71 -13.85
N PRO B 184 0.38 17.95 -13.83
CA PRO B 184 1.30 19.09 -13.88
C PRO B 184 2.01 19.34 -12.56
N ALA B 185 1.52 18.79 -11.46
CA ALA B 185 1.99 19.14 -10.13
C ALA B 185 1.99 17.93 -9.22
N VAL B 186 2.79 18.03 -8.16
CA VAL B 186 2.81 17.04 -7.09
C VAL B 186 1.44 16.99 -6.43
N ASP B 187 0.85 15.80 -6.37
CA ASP B 187 -0.55 15.66 -5.98
C ASP B 187 -0.78 14.23 -5.47
N ASN B 188 -2.04 13.90 -5.23
CA ASN B 188 -2.40 12.58 -4.69
C ASN B 188 -1.90 11.42 -5.54
N ALA B 189 -1.99 11.55 -6.87
CA ALA B 189 -1.45 10.49 -7.74
C ALA B 189 0.05 10.29 -7.53
N THR B 190 0.77 11.38 -7.26
CA THR B 190 2.20 11.27 -6.94
C THR B 190 2.41 10.58 -5.61
N LEU B 191 1.68 10.99 -4.57
CA LEU B 191 1.83 10.36 -3.27
C LEU B 191 1.55 8.86 -3.34
N ASN B 192 0.47 8.47 -4.03
CA ASN B 192 0.06 7.08 -4.07
C ASN B 192 1.03 6.21 -4.89
N ARG B 193 1.47 6.69 -6.05
CA ARG B 193 2.49 5.93 -6.78
C ARG B 193 3.83 5.90 -6.03
N PHE B 194 4.22 6.99 -5.38
CA PHE B 194 5.43 6.95 -4.57
C PHE B 194 5.32 5.96 -3.42
N PHE B 195 4.14 5.84 -2.82
CA PHE B 195 3.90 4.81 -1.80
C PHE B 195 4.07 3.40 -2.37
N SER B 196 3.46 3.14 -3.52
CA SER B 196 3.60 1.83 -4.14
C SER B 196 5.05 1.50 -4.46
N LEU B 197 5.78 2.44 -5.09
CA LEU B 197 7.17 2.20 -5.42
C LEU B 197 8.07 2.12 -4.19
N HIS B 198 7.74 2.85 -3.13
CA HIS B 198 8.50 2.76 -1.88
C HIS B 198 8.28 1.43 -1.19
N TYR B 199 7.09 0.85 -1.31
CA TYR B 199 6.91 -0.52 -0.83
C TYR B 199 7.67 -1.52 -1.70
N LEU B 200 7.66 -1.31 -3.02
CA LEU B 200 8.31 -2.25 -3.94
C LEU B 200 9.83 -2.29 -3.78
N LEU B 201 10.50 -1.14 -3.86
CA LEU B 201 11.95 -1.12 -4.01
C LEU B 201 12.78 -1.79 -2.92
N PRO B 202 12.40 -1.82 -1.64
CA PRO B 202 13.16 -2.60 -0.67
C PRO B 202 13.39 -4.08 -1.00
N PHE B 203 12.43 -4.75 -1.64
CA PHE B 203 12.68 -6.14 -2.04
C PHE B 203 13.65 -6.23 -3.21
N VAL B 204 13.63 -5.25 -4.12
CA VAL B 204 14.62 -5.18 -5.18
C VAL B 204 16.02 -4.93 -4.60
N ILE B 205 16.10 -4.06 -3.61
CA ILE B 205 17.35 -3.86 -2.87
C ILE B 205 17.82 -5.16 -2.22
N ALA B 206 16.91 -5.89 -1.56
CA ALA B 206 17.29 -7.17 -0.96
C ALA B 206 17.80 -8.18 -1.99
N ALA B 207 17.18 -8.20 -3.18
CA ALA B 207 17.68 -9.07 -4.26
C ALA B 207 19.07 -8.65 -4.73
N LEU B 208 19.27 -7.34 -4.93
CA LEU B 208 20.59 -6.86 -5.30
C LEU B 208 21.62 -7.18 -4.21
N VAL B 209 21.25 -7.05 -2.94
CA VAL B 209 22.14 -7.40 -1.84
C VAL B 209 22.51 -8.87 -1.88
N ALA B 210 21.56 -9.72 -2.26
CA ALA B 210 21.85 -11.14 -2.42
C ALA B 210 22.86 -11.37 -3.53
N ILE B 211 22.70 -10.66 -4.65
CA ILE B 211 23.68 -10.76 -5.74
C ILE B 211 25.03 -10.23 -5.29
N HIS B 212 25.03 -9.15 -4.50
CA HIS B 212 26.26 -8.55 -4.00
C HIS B 212 27.04 -9.52 -3.12
N ILE B 213 26.33 -10.18 -2.19
CA ILE B 213 26.95 -11.18 -1.33
C ILE B 213 27.45 -12.37 -2.14
N TRP B 214 26.70 -12.79 -3.15
CA TRP B 214 27.20 -13.87 -4.01
C TRP B 214 28.44 -13.44 -4.79
N ALA B 215 28.47 -12.19 -5.24
CA ALA B 215 29.64 -11.66 -5.93
C ALA B 215 30.89 -11.69 -5.05
N PHE B 216 30.80 -11.17 -3.83
CA PHE B 216 32.01 -11.20 -3.01
C PHE B 216 32.36 -12.62 -2.55
N HIS B 217 31.38 -13.50 -2.33
CA HIS B 217 31.74 -14.90 -2.13
C HIS B 217 32.40 -15.49 -3.37
N SER B 218 32.09 -14.93 -4.54
CA SER B 218 32.71 -15.38 -5.79
C SER B 218 34.11 -14.80 -5.99
N THR B 219 34.47 -13.77 -5.23
CA THR B 219 35.82 -13.21 -5.33
C THR B 219 36.66 -13.38 -4.07
N GLY B 220 36.04 -13.63 -2.92
CA GLY B 220 36.70 -13.47 -1.63
C GLY B 220 36.86 -12.03 -1.20
N ASN B 221 36.90 -11.81 0.13
CA ASN B 221 37.07 -10.47 0.66
C ASN B 221 38.42 -9.88 0.28
N ASN B 222 38.43 -8.57 0.09
CA ASN B 222 39.66 -7.79 0.14
C ASN B 222 40.18 -7.73 1.58
N ASN B 223 41.37 -7.19 1.76
CA ASN B 223 41.92 -7.01 3.10
C ASN B 223 42.82 -5.79 3.09
N PRO B 224 43.19 -5.26 4.27
CA PRO B 224 43.95 -4.00 4.32
C PRO B 224 45.24 -3.99 3.53
N THR B 225 45.87 -5.14 3.31
CA THR B 225 47.08 -5.20 2.50
C THR B 225 46.80 -5.28 1.00
N GLY B 226 45.59 -5.64 0.60
CA GLY B 226 45.32 -5.94 -0.80
C GLY B 226 45.96 -7.20 -1.32
N VAL B 227 46.82 -7.86 -0.55
CA VAL B 227 47.46 -9.10 -0.95
C VAL B 227 46.46 -10.23 -0.85
N GLU B 228 46.34 -11.02 -1.92
CA GLU B 228 45.36 -12.09 -1.97
C GLU B 228 45.79 -13.26 -1.08
N VAL B 229 44.79 -14.01 -0.61
CA VAL B 229 45.06 -15.24 0.11
C VAL B 229 45.76 -16.24 -0.79
N ARG B 230 46.73 -16.95 -0.22
CA ARG B 230 47.46 -17.99 -0.93
C ARG B 230 46.53 -19.16 -1.30
N ARG B 231 46.33 -19.34 -2.61
CA ARG B 231 45.57 -20.46 -3.16
C ARG B 231 46.35 -21.76 -3.17
N THR B 232 47.66 -21.71 -2.90
CA THR B 232 48.55 -22.85 -3.15
C THR B 232 48.08 -24.10 -2.41
N SER B 233 47.73 -23.98 -1.13
CA SER B 233 47.36 -25.16 -0.37
C SER B 233 46.52 -24.77 0.85
N LYS B 234 45.82 -25.78 1.38
CA LYS B 234 45.01 -25.60 2.59
C LYS B 234 45.86 -25.14 3.77
N ALA B 235 47.10 -25.61 3.86
CA ALA B 235 47.99 -25.16 4.93
C ALA B 235 48.25 -23.67 4.82
N GLU B 236 48.66 -23.20 3.66
CA GLU B 236 48.95 -21.77 3.50
C GLU B 236 47.68 -20.93 3.60
N ALA B 237 46.58 -21.43 3.05
CA ALA B 237 45.31 -20.71 3.18
C ALA B 237 44.92 -20.55 4.64
N GLN B 238 45.04 -21.61 5.44
CA GLN B 238 44.70 -21.49 6.85
C GLN B 238 45.68 -20.60 7.60
N LYS B 239 46.95 -20.59 7.16
CA LYS B 239 47.91 -19.65 7.73
C LYS B 239 47.52 -18.21 7.42
N ASP B 240 46.89 -17.98 6.27
CA ASP B 240 46.40 -16.65 5.92
C ASP B 240 45.00 -16.32 6.42
N THR B 241 44.20 -17.31 6.84
CA THR B 241 42.78 -17.07 7.05
C THR B 241 42.30 -17.73 8.33
N VAL B 242 41.12 -17.29 8.77
CA VAL B 242 40.32 -17.96 9.78
C VAL B 242 38.89 -18.03 9.24
N PRO B 243 38.07 -19.00 9.66
CA PRO B 243 36.69 -19.04 9.19
C PRO B 243 35.90 -17.84 9.68
N PHE B 244 34.95 -17.41 8.83
CA PHE B 244 34.17 -16.21 9.12
C PHE B 244 33.33 -16.39 10.39
N TRP B 245 32.62 -17.50 10.50
CA TRP B 245 32.11 -18.01 11.77
C TRP B 245 33.21 -18.74 12.54
N PRO B 246 33.27 -18.57 13.87
CA PRO B 246 32.59 -17.57 14.69
C PRO B 246 33.29 -16.21 14.76
N TYR B 247 34.58 -16.18 14.40
CA TYR B 247 35.46 -15.08 14.75
C TYR B 247 34.92 -13.71 14.29
N PHE B 248 34.63 -13.59 12.99
CA PHE B 248 34.17 -12.33 12.45
C PHE B 248 32.68 -12.12 12.61
N ILE B 249 31.89 -13.19 12.74
CA ILE B 249 30.48 -13.01 13.08
C ILE B 249 30.36 -12.36 14.45
N ILE B 250 31.08 -12.89 15.43
CA ILE B 250 31.04 -12.31 16.78
C ILE B 250 31.67 -10.91 16.80
N LYS B 251 32.73 -10.68 16.03
CA LYS B 251 33.30 -9.34 15.93
C LYS B 251 32.29 -8.33 15.38
N ASP B 252 31.59 -8.71 14.31
CA ASP B 252 30.65 -7.80 13.67
C ASP B 252 29.36 -7.63 14.48
N VAL B 253 28.88 -8.68 15.14
CA VAL B 253 27.72 -8.52 16.00
C VAL B 253 28.05 -7.70 17.26
N PHE B 254 29.27 -7.80 17.79
CA PHE B 254 29.72 -6.86 18.81
C PHE B 254 29.69 -5.41 18.32
N ALA B 255 30.29 -5.15 17.16
CA ALA B 255 30.31 -3.78 16.65
C ALA B 255 28.90 -3.30 16.31
N LEU B 256 28.05 -4.19 15.80
CA LEU B 256 26.65 -3.87 15.58
C LEU B 256 25.95 -3.51 16.89
N ALA B 257 26.18 -4.29 17.95
CA ALA B 257 25.56 -4.00 19.23
C ALA B 257 25.97 -2.63 19.76
N VAL B 258 27.21 -2.21 19.51
CA VAL B 258 27.63 -0.87 19.91
C VAL B 258 26.99 0.22 19.03
N VAL B 259 26.92 -0.03 17.72
CA VAL B 259 26.28 0.93 16.83
C VAL B 259 24.79 1.06 17.15
N LEU B 260 24.13 -0.06 17.46
CA LEU B 260 22.74 0.03 17.88
C LEU B 260 22.59 0.67 19.25
N LEU B 261 23.55 0.50 20.15
CA LEU B 261 23.49 1.22 21.42
C LEU B 261 23.48 2.73 21.22
N VAL B 262 24.32 3.25 20.31
CA VAL B 262 24.27 4.69 20.04
C VAL B 262 23.04 5.06 19.23
N PHE B 263 22.64 4.23 18.26
CA PHE B 263 21.42 4.49 17.50
C PHE B 263 20.19 4.59 18.40
N PHE B 264 20.01 3.61 19.30
CA PHE B 264 18.89 3.62 20.23
C PHE B 264 19.00 4.75 21.26
N ALA B 265 20.22 5.20 21.59
CA ALA B 265 20.32 6.42 22.39
C ALA B 265 19.81 7.65 21.64
N ILE B 266 20.20 7.78 20.37
CA ILE B 266 19.67 8.86 19.54
C ILE B 266 18.14 8.79 19.44
N VAL B 267 17.62 7.61 19.09
CA VAL B 267 16.18 7.43 18.94
C VAL B 267 15.42 7.65 20.24
N GLY B 268 16.03 7.33 21.38
CA GLY B 268 15.39 7.57 22.66
C GLY B 268 15.38 9.02 23.08
N PHE B 269 16.51 9.72 22.93
CA PHE B 269 16.72 10.97 23.63
C PHE B 269 16.80 12.19 22.72
N MET B 270 16.87 12.00 21.41
CA MET B 270 16.92 13.13 20.49
C MET B 270 16.47 12.78 19.07
N PRO B 271 15.33 12.08 18.92
CA PRO B 271 14.99 11.54 17.60
C PRO B 271 14.73 12.59 16.52
N ASN B 272 14.30 13.79 16.91
CA ASN B 272 13.99 14.85 15.95
C ASN B 272 15.19 15.65 15.49
N TYR B 273 16.40 15.33 15.96
CA TYR B 273 17.56 16.13 15.59
C TYR B 273 17.88 16.01 14.11
N LEU B 274 17.81 14.79 13.55
CA LEU B 274 18.10 14.60 12.14
C LEU B 274 16.97 15.12 11.25
N GLY B 275 15.74 15.15 11.75
CA GLY B 275 14.62 15.57 10.94
C GLY B 275 14.62 17.07 10.67
N HIS B 276 13.65 17.50 9.88
CA HIS B 276 13.45 18.91 9.60
C HIS B 276 12.15 19.39 10.21
N PRO B 277 12.18 20.37 11.12
CA PRO B 277 10.97 20.74 11.86
C PRO B 277 9.80 21.16 10.99
N ASP B 278 10.06 21.75 9.82
CA ASP B 278 8.98 22.18 8.93
C ASP B 278 8.15 21.02 8.40
N ASN B 279 8.65 19.79 8.47
CA ASN B 279 7.85 18.63 8.10
C ASN B 279 6.82 18.25 9.16
N TYR B 280 6.78 18.94 10.29
CA TYR B 280 5.64 18.90 11.20
C TYR B 280 4.56 19.92 10.86
N ILE B 281 4.70 20.62 9.74
CA ILE B 281 3.64 21.47 9.19
C ILE B 281 3.01 20.74 8.01
N GLU B 282 1.68 20.70 7.97
CA GLU B 282 0.99 20.10 6.85
C GLU B 282 1.35 20.80 5.55
N ALA B 283 1.42 20.01 4.47
CA ALA B 283 1.72 20.54 3.15
C ALA B 283 0.78 21.65 2.76
N ASN B 284 1.34 22.83 2.48
CA ASN B 284 0.57 23.98 2.01
C ASN B 284 1.08 24.35 0.62
N PRO B 285 0.40 23.91 -0.45
CA PRO B 285 0.93 24.15 -1.80
C PRO B 285 0.91 25.61 -2.22
N LEU B 286 0.31 26.49 -1.42
CA LEU B 286 0.37 27.92 -1.68
C LEU B 286 1.58 28.61 -1.04
N SER B 287 2.14 28.07 0.03
CA SER B 287 3.06 28.82 0.89
C SER B 287 4.35 28.02 1.11
N THR B 288 5.39 28.37 0.35
CA THR B 288 6.67 27.69 0.46
C THR B 288 7.35 28.06 1.78
N PRO B 289 7.96 27.09 2.46
CA PRO B 289 8.83 27.43 3.59
C PRO B 289 9.93 28.40 3.21
N ALA B 290 10.53 29.00 4.24
CA ALA B 290 11.60 29.98 4.01
C ALA B 290 12.86 29.36 3.42
N HIS B 291 13.12 28.07 3.66
CA HIS B 291 14.31 27.45 3.08
C HIS B 291 14.09 25.95 2.99
N ILE B 292 13.97 25.44 1.77
CA ILE B 292 13.83 24.01 1.51
C ILE B 292 15.22 23.38 1.51
N VAL B 293 15.47 22.50 2.47
CA VAL B 293 16.70 21.71 2.54
C VAL B 293 16.34 20.23 2.39
N PRO B 294 16.81 19.55 1.35
CA PRO B 294 16.67 18.09 1.30
C PRO B 294 17.58 17.45 2.34
N GLU B 295 17.13 16.33 2.89
CA GLU B 295 17.74 15.80 4.10
C GLU B 295 19.18 15.34 3.83
N TRP B 296 19.95 15.26 4.93
CA TRP B 296 21.39 15.44 4.88
C TRP B 296 22.10 14.53 3.88
N TYR B 297 21.66 13.28 3.74
CA TYR B 297 22.34 12.37 2.83
C TYR B 297 22.17 12.72 1.36
N PHE B 298 21.23 13.58 0.99
CA PHE B 298 21.19 14.11 -0.36
C PHE B 298 22.02 15.38 -0.57
N LEU B 299 22.38 16.08 0.51
CA LEU B 299 22.96 17.41 0.36
C LEU B 299 24.21 17.51 -0.53
N PRO B 300 25.16 16.58 -0.52
CA PRO B 300 26.34 16.78 -1.38
C PRO B 300 26.02 16.77 -2.86
N PHE B 301 25.04 15.97 -3.29
CA PHE B 301 24.63 16.00 -4.69
C PHE B 301 23.77 17.21 -4.98
N TYR B 302 22.93 17.61 -4.02
CA TYR B 302 22.17 18.85 -4.18
C TYR B 302 23.11 20.05 -4.19
N ALA B 303 24.19 19.99 -3.41
CA ALA B 303 25.24 21.00 -3.49
C ALA B 303 25.86 21.06 -4.87
N ILE B 304 26.25 19.90 -5.42
CA ILE B 304 26.80 19.87 -6.78
C ILE B 304 25.79 20.43 -7.78
N LEU B 305 24.52 20.07 -7.63
CA LEU B 305 23.46 20.58 -8.51
C LEU B 305 23.40 22.10 -8.48
N ARG B 306 23.35 22.70 -7.29
CA ARG B 306 23.27 24.16 -7.21
C ARG B 306 24.57 24.84 -7.62
N ALA B 307 25.71 24.15 -7.49
CA ALA B 307 27.01 24.79 -7.69
C ALA B 307 27.22 25.31 -9.10
N PHE B 308 26.47 24.82 -10.08
CA PHE B 308 26.63 25.24 -11.47
C PHE B 308 25.48 26.15 -11.89
N THR B 309 25.82 27.34 -12.36
CA THR B 309 24.87 28.37 -12.75
C THR B 309 25.37 29.02 -14.03
N ALA B 310 24.48 29.77 -14.69
CA ALA B 310 24.84 30.46 -15.92
C ALA B 310 25.96 31.48 -15.70
N ASP B 311 26.22 31.85 -14.46
CA ASP B 311 27.35 32.70 -14.12
C ASP B 311 28.69 32.00 -14.32
N VAL B 312 28.71 30.67 -14.35
CA VAL B 312 29.93 29.88 -14.35
C VAL B 312 30.45 29.76 -15.78
N TRP B 313 31.77 29.96 -15.93
CA TRP B 313 32.39 29.99 -17.25
C TRP B 313 32.17 28.71 -18.04
N VAL B 314 32.44 27.56 -17.43
CA VAL B 314 32.22 26.28 -18.11
C VAL B 314 30.76 26.09 -18.50
N VAL B 315 29.84 26.67 -17.73
CA VAL B 315 28.42 26.65 -18.12
C VAL B 315 28.19 27.54 -19.32
N GLN B 316 28.77 28.74 -19.33
CA GLN B 316 28.66 29.61 -20.50
C GLN B 316 29.21 28.94 -21.76
N ILE B 317 30.35 28.26 -21.65
CA ILE B 317 30.89 27.49 -22.77
C ILE B 317 29.92 26.40 -23.22
N ALA B 318 29.40 25.62 -22.27
CA ALA B 318 28.47 24.54 -22.63
C ALA B 318 27.23 25.10 -23.31
N ASN B 319 26.69 26.20 -22.80
CA ASN B 319 25.57 26.89 -23.44
C ASN B 319 25.92 27.30 -24.86
N PHE B 320 27.07 27.97 -25.04
CA PHE B 320 27.47 28.43 -26.36
C PHE B 320 27.59 27.27 -27.35
N ILE B 321 28.37 26.25 -27.01
CA ILE B 321 28.65 25.18 -27.97
C ILE B 321 27.39 24.35 -28.23
N SER B 322 26.47 24.28 -27.28
CA SER B 322 25.24 23.52 -27.46
C SER B 322 24.12 24.34 -28.09
N PHE B 323 24.38 25.60 -28.47
CA PHE B 323 23.36 26.53 -28.93
C PHE B 323 22.26 26.72 -27.88
N GLY B 324 22.63 26.65 -26.60
CA GLY B 324 21.70 26.80 -25.50
C GLY B 324 20.86 25.58 -25.18
N ILE B 325 21.13 24.43 -25.81
CA ILE B 325 20.49 23.20 -25.40
C ILE B 325 20.93 22.79 -23.99
N ILE B 326 22.21 22.99 -23.69
CA ILE B 326 22.71 22.83 -22.30
C ILE B 326 22.58 24.20 -21.64
N ASP B 327 21.37 24.49 -21.15
CA ASP B 327 21.23 25.58 -20.19
C ASP B 327 21.83 25.19 -18.84
N ALA B 328 21.98 26.19 -17.97
CA ALA B 328 22.55 25.94 -16.64
C ALA B 328 21.74 24.93 -15.84
N LYS B 329 20.41 24.98 -15.97
CA LYS B 329 19.55 24.03 -15.28
C LYS B 329 19.88 22.58 -15.65
N PHE B 330 19.86 22.28 -16.95
CA PHE B 330 20.18 20.93 -17.41
C PHE B 330 21.65 20.60 -17.19
N PHE B 331 22.54 21.59 -17.31
CA PHE B 331 23.94 21.36 -16.96
C PHE B 331 24.05 20.87 -15.52
N GLY B 332 23.40 21.56 -14.59
CA GLY B 332 23.43 21.15 -13.19
C GLY B 332 22.86 19.76 -12.96
N VAL B 333 21.78 19.42 -13.67
CA VAL B 333 21.21 18.08 -13.55
C VAL B 333 22.18 17.02 -14.09
N LEU B 334 22.80 17.28 -15.24
CA LEU B 334 23.80 16.37 -15.77
C LEU B 334 24.98 16.22 -14.82
N ALA B 335 25.42 17.31 -14.20
CA ALA B 335 26.50 17.22 -13.22
C ALA B 335 26.09 16.38 -12.02
N MET B 336 24.87 16.60 -11.52
CA MET B 336 24.38 15.85 -10.37
C MET B 336 24.36 14.35 -10.63
N PHE B 337 23.99 13.94 -11.84
CA PHE B 337 24.11 12.51 -12.16
C PHE B 337 25.56 12.08 -12.44
N GLY B 338 26.31 12.89 -13.20
CA GLY B 338 27.71 12.62 -13.46
C GLY B 338 28.53 12.35 -12.21
N ALA B 339 28.20 13.01 -11.11
CA ALA B 339 28.91 12.77 -9.85
C ALA B 339 28.75 11.33 -9.37
N ILE B 340 27.56 10.76 -9.52
CA ILE B 340 27.36 9.37 -9.13
C ILE B 340 27.94 8.42 -10.17
N LEU B 341 27.72 8.72 -11.45
CA LEU B 341 28.27 7.90 -12.53
C LEU B 341 29.79 7.76 -12.41
N VAL B 342 30.49 8.87 -12.18
CA VAL B 342 31.94 8.84 -12.21
C VAL B 342 32.50 8.02 -11.05
N MET B 343 31.80 8.01 -9.90
CA MET B 343 32.13 7.08 -8.84
C MET B 343 31.82 5.64 -9.22
N ALA B 344 30.76 5.41 -9.99
CA ALA B 344 30.48 4.08 -10.50
C ALA B 344 31.58 3.56 -11.43
N LEU B 345 32.16 4.45 -12.25
CA LEU B 345 33.18 4.04 -13.21
C LEU B 345 34.58 3.89 -12.63
N VAL B 346 34.76 4.12 -11.33
CA VAL B 346 36.09 4.10 -10.71
C VAL B 346 36.89 2.81 -10.87
N PRO B 347 36.28 1.60 -11.01
CA PRO B 347 37.13 0.42 -11.28
C PRO B 347 37.98 0.52 -12.53
N TRP B 348 37.58 1.33 -13.51
CA TRP B 348 38.33 1.50 -14.74
C TRP B 348 39.10 2.81 -14.82
N LEU B 349 38.84 3.75 -13.91
CA LEU B 349 39.55 5.02 -13.90
C LEU B 349 40.85 4.98 -13.09
N ASP B 350 40.91 4.21 -12.02
CA ASP B 350 42.16 4.05 -11.28
C ASP B 350 43.08 3.12 -12.05
N THR B 351 44.06 3.70 -12.73
CA THR B 351 45.03 2.97 -13.54
C THR B 351 46.09 2.23 -12.71
N SER B 352 46.23 2.53 -11.43
CA SER B 352 47.35 2.00 -10.67
C SER B 352 47.19 0.50 -10.40
N PRO B 353 48.28 -0.27 -10.53
CA PRO B 353 48.19 -1.71 -10.24
C PRO B 353 48.14 -2.02 -8.75
N VAL B 354 48.66 -1.15 -7.89
CA VAL B 354 48.64 -1.41 -6.46
C VAL B 354 47.23 -1.21 -5.93
N ARG B 355 46.73 -2.20 -5.19
CA ARG B 355 45.35 -2.20 -4.74
C ARG B 355 45.14 -1.30 -3.52
N SER B 356 45.79 -1.61 -2.40
CA SER B 356 45.55 -0.89 -1.16
C SER B 356 46.21 0.48 -1.17
N GLY B 357 45.42 1.51 -0.84
CA GLY B 357 45.93 2.85 -0.61
C GLY B 357 46.94 2.95 0.52
N ARG B 358 46.95 1.97 1.43
CA ARG B 358 47.92 1.94 2.53
C ARG B 358 49.36 2.03 2.06
N TYR B 359 49.65 1.55 0.85
CA TYR B 359 51.00 1.55 0.32
C TYR B 359 51.23 2.61 -0.75
N ARG B 360 50.24 3.49 -0.96
CA ARG B 360 50.25 4.45 -2.06
C ARG B 360 50.41 5.85 -1.46
N PRO B 361 51.64 6.33 -1.27
CA PRO B 361 51.85 7.46 -0.36
C PRO B 361 51.24 8.78 -0.82
N MET B 362 51.11 8.97 -2.13
CA MET B 362 50.46 10.18 -2.65
C MET B 362 48.95 10.04 -2.73
N PHE B 363 48.45 8.88 -3.14
CA PHE B 363 47.02 8.62 -3.18
C PHE B 363 46.34 8.94 -1.84
N LYS B 364 46.97 8.57 -0.72
CA LYS B 364 46.42 8.86 0.60
C LYS B 364 46.02 10.33 0.76
N ILE B 365 46.84 11.25 0.24
CA ILE B 365 46.54 12.68 0.35
C ILE B 365 45.26 13.02 -0.41
N TYR B 366 45.17 12.61 -1.67
CA TYR B 366 44.02 12.96 -2.48
C TYR B 366 42.75 12.26 -2.00
N PHE B 367 42.89 11.06 -1.43
CA PHE B 367 41.74 10.41 -0.78
C PHE B 367 41.24 11.19 0.42
N TRP B 368 42.15 11.57 1.34
CA TRP B 368 41.67 12.32 2.50
C TRP B 368 41.17 13.71 2.14
N LEU B 369 41.66 14.26 1.02
CA LEU B 369 41.04 15.44 0.44
C LEU B 369 39.63 15.14 -0.07
N LEU B 370 39.45 14.01 -0.75
CA LEU B 370 38.11 13.66 -1.23
C LEU B 370 37.14 13.50 -0.06
N ALA B 371 37.59 12.87 1.03
CA ALA B 371 36.75 12.73 2.22
C ALA B 371 36.37 14.08 2.81
N ALA B 372 37.35 14.97 2.98
CA ALA B 372 37.05 16.32 3.43
C ALA B 372 36.11 17.03 2.46
N ASP B 373 36.30 16.81 1.16
CA ASP B 373 35.47 17.45 0.16
C ASP B 373 34.03 16.96 0.22
N PHE B 374 33.85 15.67 0.46
CA PHE B 374 32.51 15.11 0.67
C PHE B 374 31.85 15.72 1.90
N VAL B 375 32.62 15.96 2.96
CA VAL B 375 32.09 16.65 4.13
C VAL B 375 31.69 18.08 3.80
N ILE B 376 32.56 18.80 3.08
CA ILE B 376 32.26 20.16 2.67
C ILE B 376 31.01 20.22 1.80
N LEU B 377 30.88 19.31 0.83
CA LEU B 377 29.66 19.25 0.03
C LEU B 377 28.43 18.99 0.88
N THR B 378 28.53 18.08 1.85
CA THR B 378 27.40 17.83 2.74
C THR B 378 27.00 19.08 3.50
N TRP B 379 27.98 19.78 4.07
CA TRP B 379 27.69 20.99 4.83
C TRP B 379 27.25 22.16 3.94
N VAL B 380 27.93 22.36 2.81
CA VAL B 380 27.61 23.49 1.93
C VAL B 380 26.24 23.30 1.27
N GLY B 381 25.82 22.06 1.06
CA GLY B 381 24.48 21.82 0.50
C GLY B 381 23.35 22.42 1.32
N ALA B 382 23.55 22.60 2.62
CA ALA B 382 22.55 23.25 3.45
C ALA B 382 22.62 24.78 3.43
N GLN B 383 23.73 25.37 2.99
CA GLN B 383 23.91 26.80 3.10
C GLN B 383 23.29 27.54 1.90
N GLN B 384 23.04 28.83 2.11
CA GLN B 384 22.44 29.66 1.07
C GLN B 384 23.42 29.94 -0.06
N THR B 385 22.91 29.95 -1.29
CA THR B 385 23.75 29.93 -2.48
C THR B 385 24.37 31.29 -2.77
N THR B 386 24.54 32.12 -1.74
CA THR B 386 25.21 33.40 -1.92
C THR B 386 26.73 33.22 -1.86
N PHE B 387 27.45 34.32 -2.10
CA PHE B 387 28.84 34.41 -1.67
C PHE B 387 28.93 34.18 -0.16
N PRO B 388 29.99 33.52 0.33
CA PRO B 388 31.02 32.79 -0.41
C PRO B 388 30.65 31.34 -0.71
N TYR B 389 29.47 30.90 -0.23
CA TYR B 389 29.11 29.50 -0.31
C TYR B 389 28.98 29.02 -1.76
N ASP B 390 28.66 29.94 -2.68
CA ASP B 390 28.71 29.62 -4.10
C ASP B 390 30.11 29.21 -4.55
N TRP B 391 31.13 29.95 -4.11
CA TRP B 391 32.51 29.57 -4.40
C TRP B 391 32.89 28.24 -3.76
N ILE B 392 32.61 28.07 -2.46
CA ILE B 392 32.98 26.83 -1.79
C ILE B 392 32.29 25.64 -2.45
N SER B 393 31.03 25.81 -2.86
CA SER B 393 30.30 24.75 -3.55
C SER B 393 30.88 24.46 -4.93
N LEU B 394 31.26 25.50 -5.67
CA LEU B 394 31.82 25.29 -7.00
C LEU B 394 33.18 24.61 -6.92
N ILE B 395 34.04 25.06 -6.02
CA ILE B 395 35.37 24.47 -5.88
C ILE B 395 35.26 23.02 -5.41
N ALA B 396 34.41 22.74 -4.43
CA ALA B 396 34.19 21.36 -4.01
C ALA B 396 33.65 20.48 -5.14
N SER B 397 32.66 20.97 -5.88
CA SER B 397 32.14 20.21 -7.01
C SER B 397 33.23 19.93 -8.04
N ALA B 398 34.07 20.93 -8.32
CA ALA B 398 35.15 20.73 -9.28
C ALA B 398 36.13 19.67 -8.78
N TYR B 399 36.50 19.72 -7.49
CA TYR B 399 37.43 18.73 -6.97
C TYR B 399 36.85 17.32 -7.02
N TRP B 400 35.54 17.17 -6.80
CA TRP B 400 34.91 15.86 -6.90
C TRP B 400 35.17 15.21 -8.26
N PHE B 401 34.88 15.93 -9.35
CA PHE B 401 35.14 15.42 -10.69
C PHE B 401 36.64 15.28 -10.98
N ALA B 402 37.45 16.23 -10.52
CA ALA B 402 38.89 16.18 -10.75
C ALA B 402 39.53 14.95 -10.12
N TYR B 403 39.03 14.51 -8.97
CA TYR B 403 39.56 13.31 -8.32
C TYR B 403 39.43 12.08 -9.23
N PHE B 404 38.20 11.77 -9.63
CA PHE B 404 37.98 10.56 -10.42
C PHE B 404 38.52 10.70 -11.85
N LEU B 405 38.36 11.85 -12.48
CA LEU B 405 38.70 12.00 -13.88
C LEU B 405 40.18 12.33 -14.15
N VAL B 406 40.89 12.90 -13.19
CA VAL B 406 42.25 13.36 -13.45
C VAL B 406 43.25 12.74 -12.49
N ILE B 407 43.05 12.95 -11.19
CA ILE B 407 44.06 12.55 -10.20
C ILE B 407 44.28 11.04 -10.22
N LEU B 408 43.20 10.26 -10.17
CA LEU B 408 43.35 8.80 -10.22
C LEU B 408 44.02 8.30 -11.49
N PRO B 409 43.63 8.75 -12.70
CA PRO B 409 44.38 8.32 -13.90
C PRO B 409 45.86 8.69 -13.89
N ILE B 410 46.21 9.88 -13.39
CA ILE B 410 47.60 10.32 -13.41
C ILE B 410 48.44 9.59 -12.37
N LEU B 411 47.87 9.36 -11.18
CA LEU B 411 48.63 8.72 -10.10
C LEU B 411 49.16 7.35 -10.51
N GLY B 412 48.38 6.58 -11.27
CA GLY B 412 48.87 5.28 -11.71
C GLY B 412 50.07 5.37 -12.63
N ALA B 413 50.28 6.52 -13.29
CA ALA B 413 51.49 6.77 -14.05
C ALA B 413 52.62 7.33 -13.20
N ILE B 414 52.30 8.21 -12.26
CA ILE B 414 53.31 9.01 -11.58
C ILE B 414 53.76 8.38 -10.26
N GLU B 415 52.85 7.74 -9.54
CA GLU B 415 53.14 7.32 -8.17
C GLU B 415 54.23 6.25 -8.12
N LYS B 416 54.93 6.19 -6.99
CA LYS B 416 55.98 5.20 -6.72
C LYS B 416 55.60 4.44 -5.45
N PRO B 417 54.74 3.43 -5.57
CA PRO B 417 54.17 2.79 -4.38
C PRO B 417 55.24 2.10 -3.53
N VAL B 418 54.90 1.94 -2.24
CA VAL B 418 55.64 1.06 -1.36
C VAL B 418 55.37 -0.40 -1.73
N ALA B 419 56.30 -1.28 -1.37
CA ALA B 419 56.12 -2.70 -1.57
C ALA B 419 55.22 -3.28 -0.48
N PRO B 420 54.11 -3.92 -0.82
CA PRO B 420 53.29 -4.62 0.16
C PRO B 420 54.06 -5.73 0.85
N PRO B 421 53.61 -6.16 2.03
CA PRO B 421 54.13 -7.39 2.64
C PRO B 421 53.92 -8.60 1.74
N ALA B 422 54.74 -9.62 1.98
CA ALA B 422 54.73 -10.81 1.11
C ALA B 422 53.47 -11.65 1.29
N THR B 423 52.86 -11.62 2.47
CA THR B 423 51.64 -12.40 2.68
C THR B 423 50.87 -11.86 3.87
N ILE B 424 49.58 -12.22 3.91
CA ILE B 424 48.70 -11.81 5.00
C ILE B 424 49.21 -12.32 6.34
N GLU B 425 49.71 -13.56 6.36
CA GLU B 425 50.29 -14.12 7.59
C GLU B 425 51.38 -13.23 8.15
N GLU B 426 52.27 -12.72 7.30
CA GLU B 426 53.34 -11.84 7.76
C GLU B 426 52.77 -10.56 8.37
N ASP B 427 51.84 -9.91 7.66
CA ASP B 427 51.24 -8.68 8.16
C ASP B 427 50.54 -8.90 9.51
N PHE B 428 49.83 -10.02 9.65
CA PHE B 428 49.19 -10.34 10.92
C PHE B 428 50.21 -10.57 12.03
N ASN B 429 51.23 -11.38 11.77
CA ASN B 429 52.25 -11.64 12.78
C ASN B 429 53.07 -10.39 13.13
N ALA B 430 53.14 -9.42 12.23
CA ALA B 430 53.83 -8.17 12.52
C ALA B 430 53.13 -7.35 13.60
N HIS B 431 51.81 -7.42 13.70
CA HIS B 431 51.13 -6.78 14.81
C HIS B 431 51.05 -7.67 16.05
N TYR B 432 50.66 -8.93 15.87
CA TYR B 432 50.24 -9.79 16.98
C TYR B 432 51.29 -10.82 17.33
N SER B 433 52.56 -10.40 17.36
CA SER B 433 53.69 -11.31 17.58
C SER B 433 53.57 -12.04 18.92
N GLY C 25 13.09 30.70 13.39
CA GLY C 25 12.88 31.06 14.78
C GLY C 25 13.99 31.89 15.37
N GLY C 26 13.62 33.02 15.99
CA GLY C 26 14.61 33.90 16.55
C GLY C 26 15.25 33.33 17.81
N HIS C 27 16.42 33.85 18.13
CA HIS C 27 17.19 33.34 19.27
C HIS C 27 16.40 33.49 20.56
N VAL C 28 16.21 32.38 21.27
CA VAL C 28 15.24 32.28 22.33
C VAL C 28 15.93 32.49 23.68
N GLU C 29 15.12 32.79 24.69
CA GLU C 29 15.56 32.60 26.07
C GLU C 29 15.56 31.12 26.41
N ASP C 30 16.68 30.64 26.93
CA ASP C 30 16.87 29.21 27.21
C ASP C 30 16.16 28.86 28.51
N VAL C 31 14.85 28.69 28.41
CA VAL C 31 14.02 28.38 29.59
C VAL C 31 14.36 26.97 30.07
N PRO C 32 14.66 26.79 31.36
CA PRO C 32 14.94 25.45 31.94
C PRO C 32 13.68 24.68 32.27
N PHE C 33 12.99 24.20 31.23
CA PHE C 33 11.80 23.38 31.44
C PHE C 33 12.17 22.06 32.10
N SER C 34 11.25 21.56 32.94
CA SER C 34 11.52 20.36 33.71
C SER C 34 11.58 19.10 32.88
N PHE C 35 10.97 19.09 31.68
CA PHE C 35 10.98 17.89 30.85
C PHE C 35 12.27 17.71 30.05
N GLU C 36 13.16 18.70 30.04
CA GLU C 36 14.37 18.60 29.25
C GLU C 36 15.33 17.57 29.84
N GLY C 37 16.20 17.06 28.96
CA GLY C 37 17.19 16.07 29.33
C GLY C 37 16.62 14.68 29.52
N PRO C 38 17.50 13.68 29.59
CA PRO C 38 17.04 12.28 29.60
C PRO C 38 16.18 11.92 30.80
N PHE C 39 16.35 12.61 31.92
CA PHE C 39 15.58 12.33 33.12
C PHE C 39 14.44 13.32 33.34
N GLY C 40 14.33 14.35 32.50
CA GLY C 40 13.28 15.33 32.66
C GLY C 40 11.90 14.71 32.45
N THR C 41 10.92 15.23 33.19
CA THR C 41 9.56 14.74 33.13
C THR C 41 8.60 15.92 33.14
N PHE C 42 7.37 15.65 32.69
CA PHE C 42 6.30 16.63 32.79
C PHE C 42 5.82 16.77 34.23
N ASP C 43 5.74 18.00 34.71
CA ASP C 43 5.00 18.30 35.93
C ASP C 43 3.50 18.31 35.62
N GLN C 44 2.77 17.38 36.22
CA GLN C 44 1.33 17.28 35.99
C GLN C 44 0.60 18.57 36.34
N HIS C 45 1.01 19.23 37.42
CA HIS C 45 0.37 20.48 37.82
C HIS C 45 0.62 21.59 36.79
N GLN C 46 1.86 21.72 36.32
CA GLN C 46 2.15 22.70 35.27
C GLN C 46 1.35 22.39 34.00
N LEU C 47 1.22 21.11 33.65
CA LEU C 47 0.38 20.74 32.52
C LEU C 47 -1.07 21.17 32.72
N GLN C 48 -1.63 20.93 33.91
CA GLN C 48 -3.00 21.35 34.17
C GLN C 48 -3.17 22.86 34.11
N ARG C 49 -2.18 23.61 34.63
CA ARG C 49 -2.22 25.06 34.52
C ARG C 49 -2.18 25.51 33.06
N GLY C 50 -1.28 24.93 32.27
CA GLY C 50 -1.21 25.26 30.87
C GLY C 50 -2.50 24.94 30.12
N LEU C 51 -3.10 23.78 30.41
CA LEU C 51 -4.40 23.45 29.85
C LEU C 51 -5.46 24.50 30.20
N GLN C 52 -5.49 24.91 31.47
CA GLN C 52 -6.44 25.95 31.90
C GLN C 52 -6.24 27.23 31.11
N VAL C 53 -5.00 27.70 31.00
CA VAL C 53 -4.72 28.94 30.28
C VAL C 53 -5.08 28.80 28.80
N TYR C 54 -4.74 27.67 28.19
CA TYR C 54 -5.13 27.44 26.80
C TYR C 54 -6.64 27.49 26.63
N THR C 55 -7.38 26.86 27.54
CA THR C 55 -8.83 26.83 27.47
C THR C 55 -9.41 28.23 27.57
N GLU C 56 -8.92 29.01 28.53
CA GLU C 56 -9.49 30.33 28.76
C GLU C 56 -9.07 31.35 27.71
N VAL C 57 -7.89 31.20 27.12
CA VAL C 57 -7.35 32.22 26.22
C VAL C 57 -7.26 31.70 24.79
N CYS C 58 -6.36 30.74 24.57
CA CYS C 58 -5.94 30.39 23.22
C CYS C 58 -7.05 29.74 22.40
N ALA C 59 -7.92 28.95 23.03
CA ALA C 59 -8.98 28.26 22.31
C ALA C 59 -9.92 29.21 21.58
N ALA C 60 -9.88 30.51 21.90
CA ALA C 60 -10.61 31.48 21.10
C ALA C 60 -10.14 31.51 19.65
N CYS C 61 -8.87 31.18 19.39
CA CYS C 61 -8.37 31.24 18.02
C CYS C 61 -7.73 29.94 17.55
N HIS C 62 -6.88 29.35 18.39
CA HIS C 62 -6.05 28.23 17.95
C HIS C 62 -6.73 26.90 18.24
N GLY C 63 -6.79 26.05 17.21
CA GLY C 63 -7.28 24.69 17.38
C GLY C 63 -6.22 23.73 17.85
N MET C 64 -6.67 22.50 18.14
CA MET C 64 -5.78 21.36 18.38
C MET C 64 -6.38 20.13 17.70
N LYS C 65 -6.63 20.25 16.39
CA LYS C 65 -7.41 19.25 15.68
C LYS C 65 -6.80 17.85 15.71
N PHE C 66 -5.49 17.74 15.96
CA PHE C 66 -4.85 16.43 16.07
C PHE C 66 -4.88 15.86 17.48
N VAL C 67 -5.28 16.62 18.49
CA VAL C 67 -5.24 16.17 19.88
C VAL C 67 -6.60 15.59 20.24
N PRO C 68 -6.67 14.30 20.59
CA PRO C 68 -7.93 13.75 21.10
C PRO C 68 -8.21 14.19 22.53
N ILE C 69 -9.45 14.57 22.80
CA ILE C 69 -9.81 15.08 24.12
C ILE C 69 -9.53 14.03 25.19
N ARG C 70 -9.80 12.77 24.88
CA ARG C 70 -9.50 11.66 25.79
C ARG C 70 -8.05 11.57 26.20
N SER C 71 -7.13 12.18 25.45
CA SER C 71 -5.73 12.21 25.87
C SER C 71 -5.50 13.00 27.15
N LEU C 72 -6.47 13.82 27.58
CA LEU C 72 -6.33 14.55 28.83
C LEU C 72 -6.25 13.61 30.05
N SER C 73 -6.78 12.40 29.92
CA SER C 73 -6.69 11.39 30.97
C SER C 73 -5.51 10.43 30.77
N GLU C 74 -4.72 10.60 29.72
CA GLU C 74 -3.69 9.63 29.39
C GLU C 74 -2.57 9.67 30.43
N PRO C 75 -2.02 8.52 30.79
CA PRO C 75 -0.88 8.49 31.71
C PRO C 75 0.27 9.36 31.23
N GLY C 76 0.89 10.08 32.18
CA GLY C 76 1.98 10.99 31.88
C GLY C 76 1.55 12.32 31.32
N GLY C 77 0.25 12.55 31.13
CA GLY C 77 -0.26 13.85 30.82
C GLY C 77 -0.87 14.52 32.03
N PRO C 78 -1.86 15.40 31.81
CA PRO C 78 -2.57 15.99 32.96
C PRO C 78 -3.27 14.95 33.83
N GLU C 79 -3.56 13.77 33.30
CA GLU C 79 -4.22 12.69 34.02
C GLU C 79 -5.44 13.20 34.81
N LEU C 80 -6.28 13.96 34.12
CA LEU C 80 -7.57 14.32 34.67
C LEU C 80 -8.44 13.07 34.80
N PRO C 81 -9.29 13.02 35.83
CA PRO C 81 -10.25 11.90 35.92
C PRO C 81 -11.27 11.92 34.80
N GLU C 82 -11.76 10.72 34.46
CA GLU C 82 -12.53 10.54 33.23
C GLU C 82 -13.79 11.37 33.23
N ASP C 83 -14.49 11.45 34.37
CA ASP C 83 -15.68 12.28 34.45
C ASP C 83 -15.37 13.76 34.29
N GLN C 84 -14.21 14.21 34.77
CA GLN C 84 -13.82 15.60 34.58
C GLN C 84 -13.47 15.88 33.11
N VAL C 85 -12.82 14.93 32.44
CA VAL C 85 -12.58 15.05 31.01
C VAL C 85 -13.90 15.10 30.25
N ARG C 86 -14.87 14.28 30.66
CA ARG C 86 -16.19 14.32 30.02
C ARG C 86 -16.87 15.67 30.22
N ALA C 87 -16.84 16.19 31.45
CA ALA C 87 -17.36 17.53 31.71
C ALA C 87 -16.69 18.56 30.81
N TYR C 88 -15.36 18.53 30.74
CA TYR C 88 -14.62 19.41 29.84
C TYR C 88 -15.10 19.26 28.40
N ALA C 89 -15.18 18.03 27.91
CA ALA C 89 -15.54 17.79 26.51
C ALA C 89 -16.87 18.41 26.14
N THR C 90 -17.86 18.34 27.03
CA THR C 90 -19.20 18.83 26.71
C THR C 90 -19.28 20.32 26.47
N GLN C 91 -18.25 21.10 26.84
CA GLN C 91 -18.28 22.53 26.56
C GLN C 91 -18.22 22.82 25.07
N PHE C 92 -17.64 21.92 24.28
CA PHE C 92 -17.54 22.12 22.85
C PHE C 92 -18.84 21.71 22.15
N THR C 93 -19.12 22.36 21.02
CA THR C 93 -20.16 21.94 20.11
C THR C 93 -19.51 21.29 18.90
N VAL C 94 -19.91 20.05 18.59
CA VAL C 94 -19.29 19.26 17.53
C VAL C 94 -20.37 18.92 16.50
N THR C 95 -20.09 19.26 15.25
CA THR C 95 -20.88 18.76 14.13
C THR C 95 -20.60 17.27 13.94
N ASP C 96 -21.60 16.43 14.20
CA ASP C 96 -21.39 14.99 14.25
C ASP C 96 -21.02 14.46 12.87
N GLU C 97 -19.90 13.74 12.81
CA GLU C 97 -19.32 13.31 11.53
C GLU C 97 -20.20 12.32 10.79
N GLU C 98 -21.27 11.83 11.39
CA GLU C 98 -22.19 10.91 10.73
C GLU C 98 -23.63 11.42 10.71
N THR C 99 -24.06 12.09 11.79
CA THR C 99 -25.44 12.54 11.90
C THR C 99 -25.68 13.90 11.26
N GLY C 100 -24.63 14.72 11.14
CA GLY C 100 -24.77 16.08 10.69
C GLY C 100 -25.32 17.04 11.72
N GLU C 101 -26.08 16.55 12.69
CA GLU C 101 -26.54 17.39 13.80
C GLU C 101 -25.36 17.88 14.61
N ASP C 102 -25.47 19.11 15.11
CA ASP C 102 -24.54 19.60 16.13
C ASP C 102 -24.89 18.98 17.49
N ARG C 103 -23.85 18.69 18.27
CA ARG C 103 -24.03 18.07 19.58
C ARG C 103 -22.91 18.53 20.50
N GLU C 104 -23.08 18.25 21.79
CA GLU C 104 -22.00 18.42 22.75
C GLU C 104 -20.81 17.55 22.37
N GLY C 105 -19.62 18.05 22.70
CA GLY C 105 -18.41 17.27 22.48
C GLY C 105 -18.30 16.09 23.41
N LYS C 106 -17.63 15.05 22.92
CA LYS C 106 -17.37 13.82 23.65
C LYS C 106 -15.87 13.62 23.80
N PRO C 107 -15.44 12.87 24.82
CA PRO C 107 -14.00 12.58 24.95
C PRO C 107 -13.39 11.93 23.73
N THR C 108 -14.17 11.21 22.93
CA THR C 108 -13.67 10.60 21.71
C THR C 108 -13.48 11.62 20.58
N ASP C 109 -14.04 12.81 20.71
CA ASP C 109 -13.79 13.87 19.75
C ASP C 109 -12.39 14.45 19.93
N HIS C 110 -11.89 15.08 18.87
CA HIS C 110 -10.69 15.90 18.95
C HIS C 110 -11.07 17.33 19.34
N PHE C 111 -10.05 18.09 19.77
CA PHE C 111 -10.20 19.51 19.91
C PHE C 111 -10.65 20.14 18.58
N PRO C 112 -11.41 21.23 18.64
CA PRO C 112 -11.86 21.87 17.40
C PRO C 112 -10.70 22.35 16.54
N HIS C 113 -10.98 22.56 15.27
CA HIS C 113 -10.07 23.31 14.40
C HIS C 113 -9.99 24.76 14.85
N SER C 114 -9.00 25.47 14.32
CA SER C 114 -8.84 26.89 14.60
C SER C 114 -10.07 27.67 14.16
N ALA C 115 -10.68 28.40 15.10
CA ALA C 115 -11.83 29.21 14.78
C ALA C 115 -11.45 30.41 13.91
N LEU C 116 -10.37 31.10 14.29
CA LEU C 116 -9.80 32.14 13.44
C LEU C 116 -8.98 31.51 12.32
N GLU C 117 -9.30 31.90 11.09
CA GLU C 117 -8.87 31.16 9.91
C GLU C 117 -7.35 31.14 9.77
N ASN C 118 -6.68 32.24 10.09
CA ASN C 118 -5.23 32.35 9.95
C ASN C 118 -4.48 32.07 11.24
N ALA C 119 -5.15 31.62 12.30
CA ALA C 119 -4.45 31.17 13.49
C ALA C 119 -3.92 29.75 13.26
N PRO C 120 -2.62 29.52 13.35
CA PRO C 120 -2.09 28.17 13.14
C PRO C 120 -2.61 27.19 14.17
N ASP C 121 -2.80 25.93 13.75
CA ASP C 121 -3.10 24.86 14.67
C ASP C 121 -1.88 24.57 15.55
N LEU C 122 -2.11 24.44 16.86
CA LEU C 122 -1.04 24.30 17.83
C LEU C 122 -0.69 22.85 18.18
N SER C 123 -1.32 21.86 17.53
CA SER C 123 -1.08 20.47 17.92
C SER C 123 0.39 20.08 17.83
N LEU C 124 1.16 20.73 16.95
CA LEU C 124 2.54 20.35 16.70
C LEU C 124 3.50 21.53 16.72
N MET C 125 3.04 22.71 17.15
CA MET C 125 3.85 23.91 17.08
C MET C 125 5.14 23.78 17.90
N ALA C 126 5.11 23.06 19.02
CA ALA C 126 6.31 22.87 19.81
C ALA C 126 7.35 21.98 19.13
N LYS C 127 6.96 21.23 18.10
CA LYS C 127 7.92 20.55 17.25
C LYS C 127 8.17 21.26 15.93
N ALA C 128 7.18 21.99 15.41
CA ALA C 128 7.27 22.68 14.13
C ALA C 128 8.09 23.97 14.21
N ARG C 129 8.74 24.26 15.33
CA ARG C 129 9.59 25.43 15.45
C ARG C 129 10.91 25.07 16.12
N ALA C 130 11.99 25.58 15.55
CA ALA C 130 13.32 25.50 16.15
C ALA C 130 13.73 26.86 16.70
N GLY C 131 14.30 26.85 17.91
CA GLY C 131 14.73 28.07 18.55
C GLY C 131 16.23 28.28 18.50
N PHE C 132 16.98 27.25 18.13
CA PHE C 132 18.43 27.29 18.13
C PHE C 132 18.95 26.89 16.77
N HIS C 133 20.09 27.47 16.39
CA HIS C 133 20.62 27.29 15.05
C HIS C 133 22.14 27.30 15.11
N GLY C 134 22.77 26.62 14.15
CA GLY C 134 24.19 26.73 13.92
C GLY C 134 25.01 26.34 15.14
N PRO C 135 26.12 27.07 15.38
CA PRO C 135 26.70 28.13 14.55
C PRO C 135 27.09 27.64 13.15
N MET C 136 27.12 28.56 12.18
CA MET C 136 27.59 28.27 10.82
C MET C 136 26.87 27.07 10.22
N GLY C 137 25.61 26.87 10.59
CA GLY C 137 24.87 25.71 10.14
C GLY C 137 25.36 24.36 10.62
N THR C 138 26.32 24.33 11.55
CA THR C 138 26.85 23.05 12.02
C THR C 138 25.90 22.29 12.93
N GLY C 139 24.81 22.91 13.39
CA GLY C 139 23.82 22.23 14.19
C GLY C 139 24.21 21.87 15.60
N ILE C 140 25.43 22.19 16.05
CA ILE C 140 25.87 21.79 17.38
C ILE C 140 25.04 22.49 18.45
N SER C 141 24.52 23.68 18.15
CA SER C 141 23.67 24.36 19.12
C SER C 141 22.38 23.58 19.36
N GLN C 142 21.77 23.07 18.29
CA GLN C 142 20.62 22.20 18.46
C GLN C 142 21.02 20.88 19.10
N LEU C 143 22.27 20.46 18.91
CA LEU C 143 22.75 19.23 19.53
C LEU C 143 22.78 19.34 21.05
N PHE C 144 23.24 20.48 21.58
CA PHE C 144 23.26 20.64 23.04
C PHE C 144 21.91 21.12 23.58
N ASN C 145 21.31 22.12 22.94
CA ASN C 145 20.14 22.80 23.46
C ASN C 145 18.82 22.16 23.02
N GLY C 146 18.86 21.15 22.17
CA GLY C 146 17.66 20.61 21.58
C GLY C 146 17.07 21.55 20.51
N ILE C 147 15.86 21.19 20.08
CA ILE C 147 15.22 21.98 19.03
C ILE C 147 14.76 23.34 19.55
N GLY C 148 14.32 23.41 20.80
CA GLY C 148 14.00 24.70 21.39
C GLY C 148 12.61 25.23 21.09
N GLY C 149 11.69 24.37 20.66
CA GLY C 149 10.36 24.78 20.32
C GLY C 149 9.57 25.41 21.47
N PRO C 150 9.55 24.76 22.63
CA PRO C 150 8.91 25.40 23.79
C PRO C 150 9.52 26.73 24.16
N GLU C 151 10.85 26.85 24.09
CA GLU C 151 11.49 28.12 24.35
C GLU C 151 11.09 29.17 23.32
N TYR C 152 10.91 28.77 22.06
CA TYR C 152 10.40 29.69 21.05
C TYR C 152 8.99 30.16 21.38
N ILE C 153 8.12 29.22 21.75
CA ILE C 153 6.75 29.58 22.12
C ILE C 153 6.75 30.58 23.28
N TYR C 154 7.52 30.28 24.33
CA TYR C 154 7.67 31.21 25.44
C TYR C 154 8.20 32.57 24.99
N SER C 155 9.18 32.58 24.09
CA SER C 155 9.78 33.84 23.65
C SER C 155 8.80 34.69 22.85
N VAL C 156 7.95 34.05 22.04
CA VAL C 156 6.92 34.80 21.33
C VAL C 156 5.92 35.41 22.32
N LEU C 157 5.42 34.60 23.25
CA LEU C 157 4.44 35.07 24.21
C LEU C 157 5.01 36.16 25.10
N THR C 158 6.31 36.13 25.38
CA THR C 158 6.98 37.13 26.20
C THR C 158 7.59 38.25 25.35
N GLY C 159 7.42 38.21 24.04
CA GLY C 159 8.18 39.02 23.12
C GLY C 159 7.56 40.33 22.73
N PHE C 160 6.37 40.65 23.23
CA PHE C 160 5.73 41.93 22.96
C PHE C 160 6.25 42.99 23.94
N PRO C 161 6.98 43.99 23.45
CA PRO C 161 7.43 45.08 24.32
C PRO C 161 6.30 46.03 24.67
N GLU C 162 6.58 46.88 25.66
CA GLU C 162 5.61 47.91 26.06
C GLU C 162 5.42 48.97 24.99
N GLU C 163 6.43 49.19 24.14
CA GLU C 163 6.31 50.14 23.05
C GLU C 163 7.15 49.65 21.88
N PRO C 164 6.86 50.12 20.67
CA PRO C 164 7.56 49.61 19.49
C PRO C 164 9.04 49.97 19.52
N PRO C 165 9.84 49.41 18.62
CA PRO C 165 11.17 49.97 18.36
C PRO C 165 11.08 51.44 17.97
N LYS C 166 12.10 52.19 18.37
CA LYS C 166 12.09 53.64 18.16
C LYS C 166 12.08 54.00 16.68
N CYS C 167 12.66 53.16 15.83
CA CYS C 167 12.61 53.41 14.39
C CYS C 167 11.19 53.28 13.86
N ALA C 168 10.87 54.14 12.88
CA ALA C 168 9.68 54.00 12.03
C ALA C 168 8.39 53.97 12.84
N GLU C 169 8.33 54.76 13.90
CA GLU C 169 7.12 54.84 14.71
C GLU C 169 5.91 55.29 13.87
N GLY C 170 6.16 56.03 12.79
CA GLY C 170 5.15 56.48 11.86
C GLY C 170 4.69 55.48 10.82
N HIS C 171 5.19 54.25 10.85
CA HIS C 171 5.04 53.33 9.73
C HIS C 171 4.62 51.93 10.16
N GLU C 172 4.19 51.76 11.40
CA GLU C 172 3.74 50.45 11.87
C GLU C 172 2.57 49.96 11.03
N PRO C 173 2.62 48.73 10.52
CA PRO C 173 1.48 48.20 9.74
C PRO C 173 0.25 48.08 10.62
N ASP C 174 -0.87 48.61 10.12
CA ASP C 174 -2.10 48.56 10.89
C ASP C 174 -2.62 47.13 11.01
N GLY C 175 -3.05 46.76 12.21
CA GLY C 175 -3.47 45.40 12.48
C GLY C 175 -2.37 44.44 12.82
N PHE C 176 -1.14 44.91 13.00
CA PHE C 176 -0.02 44.05 13.36
C PHE C 176 0.69 44.63 14.58
N TYR C 177 1.44 43.77 15.25
CA TYR C 177 2.11 44.10 16.50
C TYR C 177 3.55 43.62 16.45
N TYR C 178 4.47 44.44 16.94
CA TYR C 178 5.87 44.05 16.98
C TYR C 178 6.09 42.98 18.04
N ASN C 179 6.81 41.92 17.67
CA ASN C 179 7.22 40.88 18.59
C ASN C 179 8.72 40.64 18.43
N ARG C 180 9.44 40.60 19.55
CA ARG C 180 10.88 40.46 19.51
C ARG C 180 11.33 39.12 18.94
N ALA C 181 10.55 38.06 19.19
CA ALA C 181 10.95 36.73 18.76
C ALA C 181 10.56 36.42 17.32
N PHE C 182 9.44 36.94 16.84
CA PHE C 182 8.92 36.56 15.53
C PHE C 182 9.83 37.11 14.43
N GLN C 183 10.20 36.23 13.49
CA GLN C 183 11.12 36.59 12.41
C GLN C 183 10.51 36.51 11.02
N ASN C 184 9.30 35.97 10.88
CA ASN C 184 8.66 35.81 9.59
C ASN C 184 7.75 36.97 9.20
N GLY C 185 7.65 38.01 10.04
CA GLY C 185 6.67 39.05 9.81
C GLY C 185 7.08 40.06 8.77
N SER C 186 6.12 40.94 8.44
CA SER C 186 6.41 42.13 7.66
C SER C 186 7.30 43.09 8.44
N VAL C 187 8.03 43.92 7.70
CA VAL C 187 8.89 44.95 8.28
C VAL C 187 8.72 46.23 7.46
N PRO C 188 8.53 47.38 8.09
CA PRO C 188 8.50 48.64 7.34
C PRO C 188 9.77 48.87 6.54
N ASP C 189 9.59 49.49 5.37
CA ASP C 189 10.72 49.89 4.53
C ASP C 189 11.75 50.69 5.30
N THR C 190 11.29 51.57 6.20
CA THR C 190 12.22 52.40 6.97
C THR C 190 13.08 51.56 7.92
N CYS C 191 12.57 50.42 8.38
CA CYS C 191 13.36 49.55 9.22
C CYS C 191 14.26 48.60 8.42
N LYS C 192 13.97 48.42 7.13
CA LYS C 192 14.86 47.62 6.30
C LYS C 192 16.13 48.39 5.97
N ASP C 193 17.28 47.76 6.19
CA ASP C 193 18.53 48.23 5.61
C ASP C 193 18.51 48.07 4.09
N ALA C 194 19.35 48.88 3.41
CA ALA C 194 19.23 49.06 1.98
C ALA C 194 19.33 47.74 1.21
N ASN C 195 20.05 46.76 1.78
CA ASN C 195 20.15 45.42 1.18
C ASN C 195 18.87 44.62 1.30
N GLY C 196 17.79 45.20 1.81
CA GLY C 196 16.62 44.43 2.15
C GLY C 196 16.77 43.60 3.40
N VAL C 197 17.53 44.10 4.37
CA VAL C 197 17.94 43.32 5.53
C VAL C 197 17.27 43.90 6.76
N LYS C 198 16.79 43.02 7.64
CA LYS C 198 16.04 43.45 8.81
C LYS C 198 16.98 44.05 9.84
N THR C 199 16.75 45.31 10.20
CA THR C 199 17.53 45.94 11.26
C THR C 199 17.06 45.51 12.65
N THR C 200 15.76 45.30 12.81
CA THR C 200 15.21 44.97 14.12
C THR C 200 15.44 43.49 14.44
N ALA C 201 15.62 43.20 15.73
CA ALA C 201 15.72 41.81 16.16
C ALA C 201 14.42 41.06 15.89
N GLY C 202 13.28 41.68 16.18
CA GLY C 202 11.99 41.08 15.95
C GLY C 202 11.37 41.49 14.62
N SER C 203 10.05 41.34 14.56
CA SER C 203 9.27 41.80 13.42
C SER C 203 7.81 41.91 13.86
N TRP C 204 6.99 42.49 12.98
CA TRP C 204 5.59 42.73 13.31
C TRP C 204 4.74 41.49 13.04
N ILE C 205 3.96 41.10 14.04
CA ILE C 205 3.13 39.91 13.99
C ILE C 205 1.67 40.31 14.09
N ALA C 206 0.80 39.52 13.45
CA ALA C 206 -0.63 39.77 13.46
C ALA C 206 -1.27 39.40 14.80
N MET C 207 -0.59 38.57 15.59
CA MET C 207 -1.07 38.19 16.91
C MET C 207 -1.03 39.32 17.92
N PRO C 208 -2.18 39.79 18.42
CA PRO C 208 -2.15 40.77 19.50
C PRO C 208 -1.57 40.18 20.77
N PRO C 209 -0.96 40.99 21.61
CA PRO C 209 -0.38 40.48 22.87
C PRO C 209 -1.40 39.70 23.69
N PRO C 210 -1.26 38.38 23.77
CA PRO C 210 -2.36 37.55 24.27
C PRO C 210 -2.44 37.48 25.79
N LEU C 211 -1.29 37.38 26.44
CA LEU C 211 -1.21 37.31 27.89
C LEU C 211 -1.18 38.68 28.53
N MET C 212 -1.72 38.76 29.74
CA MET C 212 -1.74 39.97 30.54
C MET C 212 -1.67 39.56 32.00
N ASP C 213 -1.11 40.43 32.84
CA ASP C 213 -0.85 40.07 34.23
C ASP C 213 -2.12 39.64 34.96
N ASP C 214 -2.03 38.51 35.66
CA ASP C 214 -3.15 37.91 36.38
C ASP C 214 -4.37 37.64 35.51
N LEU C 215 -4.17 37.48 34.19
CA LEU C 215 -5.31 37.22 33.31
C LEU C 215 -6.06 35.95 33.70
N VAL C 216 -5.33 34.92 34.13
CA VAL C 216 -5.92 33.65 34.53
C VAL C 216 -5.66 33.44 36.01
N GLU C 217 -6.71 33.11 36.76
CA GLU C 217 -6.61 32.82 38.18
C GLU C 217 -6.34 31.33 38.38
N TYR C 218 -5.15 31.01 38.85
CA TYR C 218 -4.84 29.64 39.27
C TYR C 218 -5.42 29.39 40.66
N ALA C 219 -6.36 28.43 40.75
CA ALA C 219 -7.14 28.27 41.96
C ALA C 219 -6.27 27.86 43.15
N ASP C 220 -5.13 27.23 42.90
CA ASP C 220 -4.19 26.91 43.98
C ASP C 220 -3.42 28.13 44.47
N GLY C 221 -3.57 29.28 43.82
CA GLY C 221 -2.79 30.44 44.18
C GLY C 221 -1.39 30.47 43.62
N HIS C 222 -1.10 29.67 42.60
CA HIS C 222 0.19 29.73 41.93
C HIS C 222 0.40 31.09 41.28
N ASP C 223 1.67 31.40 41.02
CA ASP C 223 2.05 32.63 40.34
C ASP C 223 1.31 32.76 39.02
N ALA C 224 0.59 33.86 38.85
CA ALA C 224 -0.16 34.15 37.63
C ALA C 224 0.49 35.25 36.79
N SER C 225 1.79 35.46 36.95
CA SER C 225 2.51 36.37 36.06
C SER C 225 2.47 35.87 34.62
N VAL C 226 2.70 36.79 33.69
CA VAL C 226 2.76 36.44 32.27
C VAL C 226 3.86 35.41 32.01
N HIS C 227 4.99 35.52 32.70
CA HIS C 227 6.06 34.54 32.55
C HIS C 227 5.62 33.15 32.99
N ALA C 228 4.95 33.07 34.14
CA ALA C 228 4.44 31.79 34.63
C ALA C 228 3.46 31.18 33.65
N MET C 229 2.49 31.96 33.18
CA MET C 229 1.49 31.43 32.24
C MET C 229 2.13 31.00 30.94
N ALA C 230 3.07 31.80 30.42
CA ALA C 230 3.78 31.45 29.19
C ALA C 230 4.55 30.13 29.35
N GLU C 231 5.23 29.95 30.48
CA GLU C 231 5.92 28.70 30.72
C GLU C 231 4.94 27.52 30.79
N ASP C 232 3.84 27.70 31.53
CA ASP C 232 2.86 26.63 31.69
C ASP C 232 2.25 26.22 30.36
N VAL C 233 1.87 27.18 29.53
CA VAL C 233 1.36 26.85 28.20
C VAL C 233 2.44 26.23 27.32
N SER C 234 3.69 26.69 27.44
CA SER C 234 4.75 26.08 26.63
C SER C 234 4.94 24.61 26.99
N ALA C 235 4.86 24.28 28.29
CA ALA C 235 4.92 22.89 28.72
C ALA C 235 3.70 22.10 28.24
N PHE C 236 2.51 22.68 28.35
CA PHE C 236 1.32 22.02 27.85
C PHE C 236 1.41 21.75 26.35
N LEU C 237 1.94 22.71 25.58
CA LEU C 237 2.09 22.52 24.14
C LEU C 237 3.16 21.51 23.81
N MET C 238 4.22 21.42 24.61
CA MET C 238 5.18 20.33 24.47
C MET C 238 4.52 18.97 24.67
N TRP C 239 3.70 18.85 25.72
CA TRP C 239 2.97 17.59 25.92
C TRP C 239 1.99 17.32 24.78
N ALA C 240 1.32 18.35 24.29
CA ALA C 240 0.43 18.19 23.15
C ALA C 240 1.17 17.72 21.90
N ALA C 241 2.41 18.17 21.72
CA ALA C 241 3.20 17.70 20.58
C ALA C 241 3.80 16.32 20.81
N GLU C 242 4.15 15.95 22.04
CA GLU C 242 4.70 14.63 22.32
C GLU C 242 4.10 14.04 23.59
N PRO C 243 2.88 13.50 23.51
CA PRO C 243 2.24 12.94 24.73
C PRO C 243 3.00 11.77 25.33
N LYS C 244 3.66 10.97 24.49
CA LYS C 244 4.35 9.74 24.89
C LYS C 244 5.85 9.95 25.08
N LEU C 245 6.30 11.19 25.26
CA LEU C 245 7.71 11.47 25.51
C LEU C 245 8.26 10.65 26.69
N MET C 246 7.47 10.51 27.75
CA MET C 246 7.90 9.70 28.90
C MET C 246 8.18 8.27 28.49
N ALA C 247 7.23 7.64 27.78
CA ALA C 247 7.40 6.27 27.33
C ALA C 247 8.59 6.13 26.39
N ARG C 248 8.84 7.15 25.57
CA ARG C 248 10.03 7.15 24.73
C ARG C 248 11.32 7.19 25.55
N LYS C 249 11.38 8.04 26.58
CA LYS C 249 12.51 8.00 27.51
C LYS C 249 12.70 6.63 28.13
N GLN C 250 11.61 6.00 28.57
CA GLN C 250 11.75 4.71 29.26
C GLN C 250 12.20 3.60 28.30
N ALA C 251 11.66 3.60 27.08
CA ALA C 251 12.13 2.66 26.06
C ALA C 251 13.60 2.91 25.73
N GLY C 252 13.98 4.18 25.62
CA GLY C 252 15.38 4.52 25.43
C GLY C 252 16.30 3.94 26.49
N PHE C 253 15.95 4.13 27.77
CA PHE C 253 16.74 3.55 28.85
C PHE C 253 16.78 2.02 28.78
N THR C 254 15.63 1.38 28.59
CA THR C 254 15.63 -0.09 28.61
C THR C 254 16.41 -0.67 27.44
N ALA C 255 16.32 -0.03 26.27
CA ALA C 255 17.11 -0.43 25.12
C ALA C 255 18.60 -0.22 25.35
N VAL C 256 18.98 0.96 25.86
CA VAL C 256 20.38 1.21 26.19
C VAL C 256 20.93 0.18 27.18
N MET C 257 20.13 -0.21 28.17
CA MET C 257 20.60 -1.25 29.10
C MET C 257 20.75 -2.61 28.44
N PHE C 258 19.76 -3.03 27.64
CA PHE C 258 19.90 -4.30 26.93
C PHE C 258 21.12 -4.31 26.02
N LEU C 259 21.31 -3.25 25.25
CA LEU C 259 22.44 -3.18 24.32
C LEU C 259 23.77 -2.98 25.01
N THR C 260 23.79 -2.40 26.21
CA THR C 260 25.01 -2.38 27.01
C THR C 260 25.40 -3.77 27.46
N VAL C 261 24.45 -4.52 28.01
CA VAL C 261 24.76 -5.87 28.48
C VAL C 261 25.21 -6.74 27.31
N LEU C 262 24.46 -6.69 26.20
CA LEU C 262 24.83 -7.44 25.00
C LEU C 262 26.21 -7.04 24.49
N SER C 263 26.49 -5.73 24.42
CA SER C 263 27.80 -5.23 24.00
C SER C 263 28.93 -5.79 24.86
N VAL C 264 28.78 -5.74 26.19
CA VAL C 264 29.84 -6.23 27.06
C VAL C 264 30.03 -7.74 26.92
N LEU C 265 28.94 -8.50 26.88
CA LEU C 265 29.09 -9.96 26.76
C LEU C 265 29.65 -10.36 25.40
N LEU C 266 29.29 -9.65 24.33
CA LEU C 266 29.91 -9.89 23.03
C LEU C 266 31.38 -9.50 23.02
N TYR C 267 31.73 -8.38 23.67
CA TYR C 267 33.13 -8.00 23.76
C TYR C 267 33.95 -9.10 24.45
N LEU C 268 33.46 -9.61 25.58
CA LEU C 268 34.19 -10.67 26.27
C LEU C 268 34.25 -11.96 25.44
N THR C 269 33.18 -12.29 24.73
CA THR C 269 33.22 -13.49 23.88
C THR C 269 34.21 -13.33 22.74
N ASN C 270 34.21 -12.16 22.09
CA ASN C 270 35.19 -11.86 21.04
C ASN C 270 36.61 -11.95 21.57
N LYS C 271 36.86 -11.36 22.74
CA LYS C 271 38.20 -11.39 23.31
C LYS C 271 38.64 -12.82 23.60
N ARG C 272 37.77 -13.62 24.19
CA ARG C 272 38.13 -15.02 24.45
C ARG C 272 38.39 -15.80 23.17
N LEU C 273 37.54 -15.62 22.16
CA LEU C 273 37.73 -16.32 20.88
C LEU C 273 39.05 -15.92 20.23
N TRP C 274 39.26 -14.62 20.00
CA TRP C 274 40.42 -14.16 19.25
C TRP C 274 41.72 -14.29 20.02
N ALA C 275 41.68 -14.36 21.35
CA ALA C 275 42.88 -14.74 22.09
C ALA C 275 43.42 -16.10 21.66
N GLY C 276 42.54 -17.01 21.23
CA GLY C 276 42.98 -18.33 20.82
C GLY C 276 43.85 -18.36 19.58
N VAL C 277 43.82 -17.30 18.77
CA VAL C 277 44.58 -17.27 17.52
C VAL C 277 45.80 -16.38 17.58
N LYS C 278 46.06 -15.74 18.72
CA LYS C 278 47.23 -14.89 18.86
C LYS C 278 47.75 -14.87 20.29
N TRP D 79 26.09 -30.98 37.45
CA TRP D 79 26.60 -31.63 36.26
C TRP D 79 26.74 -30.64 35.11
N LYS D 80 27.37 -31.09 34.02
CA LYS D 80 27.78 -30.20 32.93
C LYS D 80 26.67 -29.25 32.49
N TYR D 81 25.46 -29.76 32.25
CA TYR D 81 24.43 -28.93 31.61
C TYR D 81 24.05 -27.73 32.46
N ARG D 82 24.15 -27.84 33.79
CA ARG D 82 23.77 -26.70 34.63
C ARG D 82 24.75 -25.53 34.52
N TYR D 83 25.95 -25.76 33.99
CA TYR D 83 26.80 -24.63 33.64
C TYR D 83 26.27 -23.92 32.40
N ARG D 84 25.81 -24.71 31.42
CA ARG D 84 25.16 -24.13 30.24
C ARG D 84 23.85 -23.47 30.64
N LEU D 85 22.97 -24.26 31.29
CA LEU D 85 21.67 -23.75 31.70
C LEU D 85 21.82 -22.64 32.73
N GLY D 86 22.78 -22.77 33.65
CA GLY D 86 23.06 -21.67 34.55
C GLY D 86 23.54 -20.43 33.81
N GLY D 87 24.26 -20.62 32.70
CA GLY D 87 24.51 -19.51 31.80
C GLY D 87 23.21 -18.95 31.27
N PHE D 88 22.34 -19.84 30.79
CA PHE D 88 21.03 -19.47 30.26
C PHE D 88 20.24 -18.67 31.29
N ALA D 89 20.15 -19.18 32.52
CA ALA D 89 19.47 -18.50 33.61
C ALA D 89 20.15 -17.19 33.99
N SER D 90 21.49 -17.18 34.09
CA SER D 90 22.21 -15.98 34.48
C SER D 90 21.95 -14.82 33.53
N GLY D 91 21.98 -15.09 32.23
CA GLY D 91 21.67 -14.05 31.26
C GLY D 91 20.26 -13.49 31.44
N ALA D 92 19.30 -14.36 31.76
CA ALA D 92 17.92 -13.91 31.92
C ALA D 92 17.77 -12.87 33.04
N LEU D 93 18.18 -13.23 34.26
CA LEU D 93 17.95 -12.32 35.37
C LEU D 93 18.77 -11.03 35.24
N LEU D 94 20.00 -11.13 34.73
CA LEU D 94 20.84 -9.94 34.62
C LEU D 94 20.28 -8.92 33.64
N ALA D 95 19.80 -9.37 32.47
CA ALA D 95 19.18 -8.46 31.51
C ALA D 95 17.94 -7.78 32.07
N LEU D 96 17.02 -8.57 32.63
CA LEU D 96 15.78 -8.02 33.18
C LEU D 96 16.04 -7.06 34.34
N ALA D 97 16.86 -7.48 35.31
CA ALA D 97 17.09 -6.67 36.51
C ALA D 97 17.64 -5.29 36.19
N LEU D 98 18.58 -5.20 35.25
CA LEU D 98 19.18 -3.90 34.95
C LEU D 98 18.19 -2.97 34.24
N ALA D 99 17.38 -3.50 33.33
CA ALA D 99 16.31 -2.69 32.74
C ALA D 99 15.27 -2.30 33.77
N GLY D 100 14.99 -3.18 34.75
CA GLY D 100 14.12 -2.80 35.85
C GLY D 100 14.66 -1.66 36.69
N ILE D 101 15.95 -1.73 37.04
CA ILE D 101 16.56 -0.68 37.86
C ILE D 101 16.38 0.68 37.21
N PHE D 102 16.73 0.80 35.93
CA PHE D 102 16.60 2.09 35.24
C PHE D 102 15.14 2.52 35.08
N SER D 103 14.19 1.60 35.15
CA SER D 103 12.78 1.98 35.14
C SER D 103 12.34 2.69 36.42
N THR D 104 13.17 2.69 37.46
CA THR D 104 12.96 3.56 38.61
C THR D 104 13.42 4.99 38.37
N GLY D 105 14.19 5.24 37.32
CA GLY D 105 14.40 6.60 36.85
C GLY D 105 15.23 7.48 37.77
N ASN D 106 15.96 6.88 38.70
CA ASN D 106 16.66 7.64 39.73
C ASN D 106 18.17 7.67 39.55
N PHE D 107 18.69 7.04 38.49
CA PHE D 107 20.11 7.08 38.11
C PHE D 107 21.06 6.86 39.30
N HIS E 7 7.69 -15.82 -52.47
CA HIS E 7 7.27 -16.56 -51.28
C HIS E 7 8.25 -16.33 -50.13
N ALA E 8 7.79 -16.59 -48.91
CA ALA E 8 8.70 -16.70 -47.78
C ALA E 8 9.63 -17.90 -47.92
N GLY E 9 10.75 -17.84 -47.21
CA GLY E 9 11.69 -18.94 -47.22
C GLY E 9 11.15 -20.18 -46.54
N THR E 10 11.61 -21.34 -47.00
CA THR E 10 11.35 -22.62 -46.34
C THR E 10 12.22 -22.83 -45.11
N ARG E 11 13.26 -22.01 -44.93
CA ARG E 11 14.19 -22.15 -43.80
C ARG E 11 13.46 -22.29 -42.47
N ARG E 12 14.04 -23.11 -41.60
CA ARG E 12 13.63 -23.17 -40.19
C ARG E 12 13.93 -21.87 -39.44
N ASP E 13 15.13 -21.31 -39.63
CA ASP E 13 15.50 -20.10 -38.89
C ASP E 13 14.67 -18.89 -39.31
N PHE E 14 14.19 -18.87 -40.56
CA PHE E 14 13.17 -17.89 -40.94
C PHE E 14 11.96 -17.99 -40.03
N LEU E 15 11.42 -19.20 -39.89
CA LEU E 15 10.25 -19.44 -39.03
C LEU E 15 10.56 -19.06 -37.58
N TYR E 16 11.70 -19.51 -37.07
CA TYR E 16 12.11 -19.20 -35.70
C TYR E 16 12.14 -17.70 -35.45
N TYR E 17 12.81 -16.95 -36.32
CA TYR E 17 12.89 -15.52 -36.15
C TYR E 17 11.53 -14.85 -36.30
N ALA E 18 10.67 -15.35 -37.20
CA ALA E 18 9.30 -14.82 -37.26
C ALA E 18 8.57 -15.02 -35.94
N THR E 19 8.77 -16.16 -35.28
CA THR E 19 8.15 -16.37 -33.97
C THR E 19 8.74 -15.42 -32.93
N ALA E 20 10.03 -15.15 -33.00
CA ALA E 20 10.63 -14.14 -32.12
C ALA E 20 10.05 -12.76 -32.38
N GLY E 21 9.81 -12.42 -33.64
CA GLY E 21 9.15 -11.15 -33.96
C GLY E 21 7.75 -11.04 -33.38
N ALA E 22 6.94 -12.07 -33.57
CA ALA E 22 5.60 -12.08 -33.00
C ALA E 22 5.63 -12.02 -31.47
N GLY E 23 6.59 -12.70 -30.84
CA GLY E 23 6.72 -12.59 -29.39
C GLY E 23 7.19 -11.22 -28.93
N ALA E 24 8.05 -10.59 -29.72
CA ALA E 24 8.52 -9.25 -29.42
C ALA E 24 7.37 -8.24 -29.44
N VAL E 25 6.55 -8.26 -30.50
CA VAL E 25 5.42 -7.34 -30.55
C VAL E 25 4.36 -7.68 -29.50
N ALA E 26 4.11 -8.98 -29.27
CA ALA E 26 3.21 -9.38 -28.19
C ALA E 26 3.73 -8.95 -26.81
N THR E 27 5.04 -8.75 -26.67
CA THR E 27 5.56 -8.15 -25.45
C THR E 27 5.36 -6.64 -25.44
N GLY E 28 5.78 -5.97 -26.51
CA GLY E 28 5.76 -4.51 -26.54
C GLY E 28 4.37 -3.93 -26.37
N ALA E 29 3.37 -4.56 -26.97
CA ALA E 29 1.98 -4.15 -26.76
C ALA E 29 1.47 -4.44 -25.34
N ALA E 30 2.09 -5.36 -24.63
CA ALA E 30 1.76 -5.63 -23.22
C ALA E 30 2.47 -4.69 -22.24
N VAL E 31 3.71 -4.30 -22.53
CA VAL E 31 4.41 -3.35 -21.66
C VAL E 31 3.80 -1.94 -21.71
N TRP E 32 3.46 -1.45 -22.90
CA TRP E 32 3.02 -0.06 -23.03
C TRP E 32 1.87 0.32 -22.10
N PRO E 33 0.80 -0.47 -21.95
CA PRO E 33 -0.24 -0.12 -20.96
C PRO E 33 0.26 0.05 -19.54
N LEU E 34 1.27 -0.72 -19.13
CA LEU E 34 1.78 -0.65 -17.75
C LEU E 34 2.50 0.67 -17.45
N ILE E 35 3.09 1.32 -18.45
CA ILE E 35 3.67 2.64 -18.23
C ILE E 35 2.71 3.75 -18.63
N ASN E 36 1.84 3.48 -19.61
CA ASN E 36 0.86 4.50 -20.02
C ASN E 36 -0.12 4.84 -18.90
N GLN E 37 -0.53 3.85 -18.10
CA GLN E 37 -1.45 4.09 -17.00
C GLN E 37 -0.96 5.14 -16.01
N MET E 38 0.35 5.38 -15.92
CA MET E 38 0.87 6.43 -15.06
C MET E 38 0.69 7.84 -15.62
N ASN E 39 0.34 7.99 -16.90
CA ASN E 39 0.01 9.29 -17.44
C ASN E 39 -1.29 9.85 -16.82
N PRO E 40 -1.50 11.16 -16.92
CA PRO E 40 -2.72 11.77 -16.36
C PRO E 40 -4.00 11.12 -16.86
N SER E 41 -5.01 11.10 -15.98
CA SER E 41 -6.19 10.29 -16.18
C SER E 41 -7.48 11.10 -16.03
N ALA E 42 -7.94 11.27 -14.79
CA ALA E 42 -8.98 12.26 -14.48
C ALA E 42 -8.46 13.68 -14.38
N ASP E 43 -7.14 13.87 -14.35
CA ASP E 43 -6.56 15.20 -14.12
C ASP E 43 -6.63 16.11 -15.34
N VAL E 44 -6.75 15.55 -16.55
CA VAL E 44 -6.79 16.35 -17.77
C VAL E 44 -7.99 17.30 -17.84
N GLN E 45 -9.05 17.03 -17.11
CA GLN E 45 -10.20 17.92 -17.04
C GLN E 45 -10.07 19.02 -15.99
N ALA E 46 -8.88 19.20 -15.42
CA ALA E 46 -8.58 20.37 -14.59
C ALA E 46 -8.56 21.68 -15.38
N LEU E 47 -8.61 21.61 -16.71
CA LEU E 47 -8.55 22.78 -17.59
C LEU E 47 -9.95 23.31 -17.92
N ALA E 48 -10.79 23.45 -16.89
CA ALA E 48 -12.22 23.66 -17.07
C ALA E 48 -12.50 25.05 -17.64
N SER E 49 -13.74 25.23 -18.12
CA SER E 49 -14.14 26.43 -18.84
C SER E 49 -14.40 27.64 -17.94
N ILE E 50 -14.56 27.43 -16.64
CA ILE E 50 -14.67 28.51 -15.65
C ILE E 50 -15.66 29.59 -16.08
N PHE E 51 -16.85 29.17 -16.53
CA PHE E 51 -17.92 30.11 -16.82
C PHE E 51 -18.59 30.57 -15.54
N VAL E 52 -18.91 31.86 -15.46
CA VAL E 52 -19.51 32.48 -14.29
C VAL E 52 -20.54 33.50 -14.76
N ASP E 53 -21.48 33.82 -13.86
CA ASP E 53 -22.39 34.93 -14.07
C ASP E 53 -21.68 36.28 -13.91
N VAL E 54 -22.16 37.27 -14.66
CA VAL E 54 -21.49 38.57 -14.75
C VAL E 54 -21.82 39.42 -13.53
N SER E 55 -20.93 40.38 -13.26
CA SER E 55 -21.29 41.62 -12.57
C SER E 55 -20.38 42.73 -13.08
N SER E 56 -20.86 43.96 -12.99
CA SER E 56 -20.00 45.13 -13.03
C SER E 56 -19.25 45.31 -11.72
N VAL E 57 -18.30 46.25 -11.74
CA VAL E 57 -17.36 46.55 -10.65
C VAL E 57 -16.41 45.40 -10.38
N GLU E 58 -15.11 45.72 -10.31
CA GLU E 58 -14.04 44.71 -10.36
C GLU E 58 -14.16 43.68 -9.23
N PRO E 59 -14.18 44.05 -7.95
CA PRO E 59 -14.37 43.04 -6.90
C PRO E 59 -15.77 42.45 -6.85
N GLY E 60 -16.64 42.79 -7.80
CA GLY E 60 -17.94 42.17 -7.92
C GLY E 60 -17.89 40.83 -8.63
N VAL E 61 -17.57 40.82 -9.92
CA VAL E 61 -17.57 39.59 -10.69
C VAL E 61 -16.26 38.81 -10.53
N GLN E 62 -15.14 39.49 -10.35
CA GLN E 62 -13.84 38.85 -10.48
C GLN E 62 -13.54 38.03 -9.23
N LEU E 63 -12.86 36.89 -9.44
CA LEU E 63 -12.82 35.83 -8.44
C LEU E 63 -11.46 35.15 -8.44
N THR E 64 -11.07 34.68 -7.25
CA THR E 64 -9.81 33.99 -7.00
C THR E 64 -9.86 32.54 -7.48
N VAL E 65 -10.63 32.28 -8.55
CA VAL E 65 -11.19 30.95 -8.76
C VAL E 65 -10.08 29.98 -9.14
N LYS E 66 -10.27 28.71 -8.76
CA LYS E 66 -9.27 27.67 -8.97
C LYS E 66 -9.28 27.17 -10.41
N PHE E 67 -8.11 27.17 -11.04
CA PHE E 67 -7.92 26.62 -12.38
C PHE E 67 -6.50 26.11 -12.49
N LEU E 68 -6.33 25.04 -13.26
CA LEU E 68 -5.10 24.23 -13.23
C LEU E 68 -4.72 23.88 -11.80
N GLY E 69 -5.74 23.60 -10.98
CA GLY E 69 -5.56 23.30 -9.57
C GLY E 69 -5.13 24.45 -8.70
N LYS E 70 -5.03 25.67 -9.22
CA LYS E 70 -4.49 26.79 -8.47
C LYS E 70 -5.35 28.02 -8.72
N PRO E 71 -5.36 28.97 -7.79
CA PRO E 71 -6.20 30.16 -7.96
C PRO E 71 -5.72 31.05 -9.09
N ILE E 72 -6.68 31.75 -9.70
CA ILE E 72 -6.46 32.62 -10.85
C ILE E 72 -7.13 33.96 -10.54
N PHE E 73 -6.67 35.00 -11.21
CA PHE E 73 -7.44 36.24 -11.31
C PHE E 73 -7.70 36.62 -12.77
N ILE E 74 -8.97 36.85 -13.09
CA ILE E 74 -9.42 37.37 -14.37
C ILE E 74 -10.05 38.72 -14.09
N ARG E 75 -9.58 39.77 -14.76
CA ARG E 75 -9.83 41.14 -14.30
C ARG E 75 -10.13 42.05 -15.49
N ARG E 76 -11.40 42.45 -15.61
CA ARG E 76 -11.78 43.54 -16.49
C ARG E 76 -11.28 44.88 -15.96
N ARG E 77 -10.68 45.68 -16.84
CA ARG E 77 -10.05 46.94 -16.45
C ARG E 77 -11.10 48.02 -16.24
N THR E 78 -11.97 47.78 -15.26
CA THR E 78 -13.32 48.34 -15.28
C THR E 78 -13.36 49.78 -14.78
N GLU E 79 -12.91 50.01 -13.55
CA GLU E 79 -13.18 51.27 -12.87
C GLU E 79 -12.03 51.69 -11.97
N ALA E 80 -11.07 50.80 -11.74
CA ALA E 80 -9.79 51.16 -11.15
C ALA E 80 -8.59 50.78 -12.01
N ASP E 81 -8.65 49.66 -12.72
CA ASP E 81 -7.48 49.07 -13.33
C ASP E 81 -7.01 49.82 -14.59
N ILE E 82 -7.94 50.26 -15.44
CA ILE E 82 -7.53 51.08 -16.57
C ILE E 82 -7.12 52.48 -16.13
N GLU E 83 -7.76 53.03 -15.10
CA GLU E 83 -7.38 54.35 -14.60
C GLU E 83 -5.95 54.34 -14.07
N LEU E 84 -5.66 53.42 -13.15
CA LEU E 84 -4.29 53.28 -12.63
C LEU E 84 -3.34 52.75 -13.69
N GLY E 85 -3.81 51.91 -14.61
CA GLY E 85 -3.00 51.55 -15.75
C GLY E 85 -2.60 52.75 -16.59
N ARG E 86 -3.50 53.74 -16.69
CA ARG E 86 -3.21 55.03 -17.28
C ARG E 86 -2.62 56.00 -16.25
N SER E 87 -2.07 55.48 -15.16
CA SER E 87 -1.38 56.29 -14.16
C SER E 87 -0.14 55.59 -13.59
N VAL E 88 0.38 54.58 -14.29
CA VAL E 88 1.67 54.00 -13.97
C VAL E 88 2.49 53.91 -15.25
N GLN E 89 3.70 54.45 -15.21
CA GLN E 89 4.58 54.51 -16.37
C GLN E 89 5.24 53.16 -16.63
N LEU E 90 5.56 52.91 -17.91
CA LEU E 90 6.39 51.77 -18.27
C LEU E 90 7.77 51.86 -17.61
N GLY E 91 8.27 53.07 -17.38
CA GLY E 91 9.54 53.24 -16.70
C GLY E 91 9.49 53.08 -15.20
N GLN E 92 8.28 53.09 -14.63
CA GLN E 92 8.13 52.88 -13.20
C GLN E 92 8.16 51.40 -12.84
N LEU E 93 7.64 50.54 -13.72
CA LEU E 93 7.64 49.11 -13.50
C LEU E 93 9.06 48.57 -13.45
N VAL E 94 9.25 47.48 -12.69
CA VAL E 94 10.52 46.77 -12.67
C VAL E 94 10.53 45.54 -13.59
N ASP E 95 9.70 44.55 -13.28
CA ASP E 95 9.71 43.30 -14.02
C ASP E 95 9.22 43.54 -15.46
N THR E 96 10.10 43.29 -16.42
CA THR E 96 10.05 43.94 -17.73
C THR E 96 9.25 43.16 -18.76
N ASN E 97 9.83 42.08 -19.30
CA ASN E 97 9.29 41.43 -20.50
C ASN E 97 7.85 40.99 -20.30
N ALA E 98 7.09 41.05 -21.41
CA ALA E 98 5.67 40.67 -21.43
C ALA E 98 5.41 39.34 -20.76
N ARG E 99 6.30 38.37 -20.95
CA ARG E 99 6.35 37.13 -20.16
C ARG E 99 4.96 36.48 -20.13
N ASN E 100 4.35 36.40 -21.32
CA ASN E 100 2.92 36.18 -21.46
C ASN E 100 2.68 35.12 -22.53
N ALA E 101 1.77 34.19 -22.25
CA ALA E 101 1.41 33.16 -23.21
C ALA E 101 0.28 33.56 -24.15
N ASN E 102 -0.58 34.50 -23.76
CA ASN E 102 -1.66 34.95 -24.64
C ASN E 102 -1.21 36.00 -25.65
N ILE E 103 -0.10 36.68 -25.38
CA ILE E 103 0.62 37.44 -26.41
C ILE E 103 1.65 36.53 -27.07
N ASP E 104 1.95 36.84 -28.33
CA ASP E 104 2.88 36.04 -29.12
C ASP E 104 4.33 36.28 -28.73
N ALA E 105 4.76 37.53 -28.59
CA ALA E 105 6.17 37.80 -28.38
C ALA E 105 6.37 39.00 -27.45
N GLY E 106 7.62 39.14 -27.03
CA GLY E 106 7.96 39.98 -25.89
C GLY E 106 7.66 41.45 -26.09
N ALA E 107 7.48 42.14 -24.97
CA ALA E 107 7.33 43.59 -24.92
C ALA E 107 7.81 44.08 -23.57
N GLU E 108 8.38 45.29 -23.56
CA GLU E 108 8.93 45.88 -22.35
C GLU E 108 7.84 46.43 -21.44
N ALA E 109 7.77 45.90 -20.22
CA ALA E 109 7.15 46.57 -19.07
C ALA E 109 5.77 47.11 -19.39
N THR E 110 5.03 46.38 -20.22
CA THR E 110 3.87 46.94 -20.89
C THR E 110 2.64 46.87 -20.00
N ASP E 111 1.88 47.96 -19.97
CA ASP E 111 0.70 48.04 -19.11
C ASP E 111 -0.45 47.20 -19.67
N GLN E 112 -0.84 47.47 -20.92
CA GLN E 112 -1.59 46.51 -21.71
C GLN E 112 -0.59 45.56 -22.38
N ASN E 113 -1.08 44.68 -23.25
CA ASN E 113 -0.36 43.50 -23.74
C ASN E 113 -0.05 42.52 -22.61
N ARG E 114 -0.27 42.94 -21.36
CA ARG E 114 -0.63 41.98 -20.32
C ARG E 114 -2.07 41.52 -20.48
N THR E 115 -2.83 42.21 -21.33
CA THR E 115 -4.24 41.98 -21.58
C THR E 115 -4.45 40.95 -22.68
N LEU E 116 -5.62 40.30 -22.62
CA LEU E 116 -6.05 39.41 -23.70
C LEU E 116 -6.12 40.15 -25.03
N ASP E 117 -6.55 41.41 -25.00
CA ASP E 117 -6.87 42.19 -26.17
C ASP E 117 -5.93 43.39 -26.28
N GLU E 118 -5.64 43.80 -27.51
CA GLU E 118 -4.98 45.08 -27.74
C GLU E 118 -5.86 46.24 -27.32
N ALA E 119 -7.18 46.11 -27.46
CA ALA E 119 -8.11 47.02 -26.80
C ALA E 119 -7.94 47.00 -25.28
N GLY E 120 -7.37 45.94 -24.74
CA GLY E 120 -6.96 45.90 -23.33
C GLY E 120 -8.07 46.04 -22.34
N GLU E 121 -9.22 45.42 -22.61
CA GLU E 121 -10.36 45.48 -21.70
C GLU E 121 -10.37 44.37 -20.66
N TRP E 122 -9.62 43.29 -20.88
CA TRP E 122 -9.44 42.24 -19.88
C TRP E 122 -7.99 41.81 -19.79
N LEU E 123 -7.51 41.62 -18.56
CA LEU E 123 -6.23 40.97 -18.30
C LEU E 123 -6.42 39.89 -17.24
N VAL E 124 -5.43 38.99 -17.16
CA VAL E 124 -5.55 37.76 -16.39
C VAL E 124 -4.18 37.43 -15.79
N MET E 125 -4.17 36.88 -14.58
CA MET E 125 -2.93 36.43 -13.97
C MET E 125 -3.20 35.29 -12.99
N TRP E 126 -2.20 34.43 -12.82
CA TRP E 126 -2.19 33.46 -11.73
C TRP E 126 -2.33 34.13 -10.37
N GLY E 127 -3.28 33.65 -9.58
CA GLY E 127 -3.34 34.05 -8.18
C GLY E 127 -2.14 33.58 -7.37
N VAL E 128 -1.57 32.44 -7.75
CA VAL E 128 -0.40 31.83 -7.11
C VAL E 128 0.89 32.59 -7.42
N CYS E 129 1.08 33.74 -6.76
CA CYS E 129 2.33 34.47 -6.83
C CYS E 129 3.51 33.52 -6.64
N THR E 130 4.36 33.42 -7.66
CA THR E 130 5.12 32.21 -7.89
C THR E 130 6.62 32.36 -7.66
N HIS E 131 7.12 33.56 -7.36
CA HIS E 131 8.56 33.71 -7.22
C HIS E 131 9.07 33.05 -5.94
N LEU E 132 8.20 32.89 -4.96
CA LEU E 132 8.34 31.94 -3.86
C LEU E 132 7.11 31.05 -3.78
N GLY E 133 5.94 31.67 -3.69
CA GLY E 133 4.68 30.99 -3.49
C GLY E 133 3.81 31.74 -2.50
N CYS E 134 2.77 32.39 -3.02
CA CYS E 134 1.68 32.90 -2.20
C CYS E 134 0.46 33.13 -3.08
N VAL E 135 -0.69 33.29 -2.43
CA VAL E 135 -1.85 33.93 -3.07
C VAL E 135 -2.04 35.31 -2.46
N PRO E 136 -1.45 36.35 -3.04
CA PRO E 136 -1.66 37.70 -2.52
C PRO E 136 -3.12 38.12 -2.55
N ILE E 137 -3.50 38.93 -1.56
CA ILE E 137 -4.88 39.39 -1.41
C ILE E 137 -5.19 40.34 -2.57
N GLY E 138 -6.10 39.93 -3.45
CA GLY E 138 -6.62 40.80 -4.47
C GLY E 138 -7.67 41.78 -3.97
N GLY E 139 -8.91 41.60 -4.40
CA GLY E 139 -9.94 42.56 -4.04
C GLY E 139 -9.67 43.99 -4.45
N VAL E 140 -8.91 44.18 -5.54
CA VAL E 140 -8.36 45.46 -6.00
C VAL E 140 -7.57 46.20 -4.92
N SER E 141 -7.19 45.50 -3.86
CA SER E 141 -6.53 46.14 -2.73
C SER E 141 -5.02 46.14 -2.92
N GLY E 142 -4.34 46.95 -2.12
CA GLY E 142 -2.97 47.37 -2.42
C GLY E 142 -2.98 48.59 -3.31
N ASP E 143 -2.10 49.55 -3.01
CA ASP E 143 -2.38 50.95 -3.35
C ASP E 143 -2.13 51.29 -4.82
N PHE E 144 -1.47 50.45 -5.60
CA PHE E 144 -1.58 50.57 -7.05
C PHE E 144 -2.85 49.92 -7.60
N GLY E 145 -3.76 49.52 -6.72
CA GLY E 145 -5.07 49.01 -7.09
C GLY E 145 -5.10 47.53 -7.38
N GLY E 146 -4.00 46.82 -7.13
CA GLY E 146 -3.83 45.46 -7.59
C GLY E 146 -4.00 44.42 -6.50
N TRP E 147 -2.86 43.98 -5.99
CA TRP E 147 -2.75 42.94 -4.98
C TRP E 147 -1.67 43.36 -3.99
N PHE E 148 -1.72 42.76 -2.81
CA PHE E 148 -0.59 42.80 -1.89
C PHE E 148 -0.39 41.41 -1.31
N CYS E 149 0.86 41.08 -1.01
CA CYS E 149 1.22 39.74 -0.60
C CYS E 149 1.42 39.72 0.92
N PRO E 150 0.62 38.95 1.66
CA PRO E 150 0.91 38.74 3.09
C PRO E 150 2.08 37.80 3.36
N CYS E 151 2.33 36.89 2.42
CA CYS E 151 3.48 36.00 2.55
C CYS E 151 4.80 36.74 2.35
N HIS E 152 4.80 37.83 1.58
CA HIS E 152 6.04 38.37 1.03
C HIS E 152 6.14 39.89 1.10
N GLY E 153 5.03 40.63 1.18
CA GLY E 153 5.10 42.07 1.31
C GLY E 153 5.15 42.88 0.04
N SER E 154 5.12 42.25 -1.12
CA SER E 154 5.01 43.00 -2.36
C SER E 154 3.65 43.67 -2.48
N HIS E 155 3.61 44.76 -3.23
CA HIS E 155 2.38 45.36 -3.72
C HIS E 155 2.37 45.26 -5.24
N TYR E 156 1.18 45.18 -5.83
CA TYR E 156 1.06 44.99 -7.26
C TYR E 156 0.21 46.07 -7.92
N ASP E 157 0.59 46.41 -9.14
CA ASP E 157 -0.27 47.16 -10.05
C ASP E 157 -1.59 46.43 -10.24
N SER E 158 -2.66 47.22 -10.35
CA SER E 158 -3.95 46.69 -10.81
C SER E 158 -3.81 45.84 -12.08
N ALA E 159 -2.80 46.14 -12.89
CA ALA E 159 -2.48 45.31 -14.06
C ALA E 159 -1.84 43.97 -13.69
N GLY E 160 -1.60 43.70 -12.41
CA GLY E 160 -0.93 42.48 -12.00
C GLY E 160 0.58 42.50 -12.15
N ARG E 161 1.21 43.65 -11.93
CA ARG E 161 2.62 43.85 -12.23
C ARG E 161 3.30 44.46 -11.02
N ILE E 162 4.58 44.11 -10.82
CA ILE E 162 5.28 44.41 -9.57
C ILE E 162 5.97 45.76 -9.66
N ARG E 163 5.93 46.52 -8.57
CA ARG E 163 6.74 47.73 -8.45
C ARG E 163 7.42 47.84 -7.10
N LYS E 164 6.64 47.66 -6.02
CA LYS E 164 7.14 47.71 -4.65
C LYS E 164 7.18 46.31 -4.06
N GLY E 165 8.31 45.98 -3.44
CA GLY E 165 8.46 44.72 -2.75
C GLY E 165 9.89 44.22 -2.72
N PRO E 166 10.11 43.08 -2.07
CA PRO E 166 11.48 42.55 -1.97
C PRO E 166 12.08 42.16 -3.31
N ALA E 167 11.33 41.52 -4.19
CA ALA E 167 11.89 41.02 -5.44
C ALA E 167 10.91 41.23 -6.57
N PRO E 168 11.41 41.53 -7.78
CA PRO E 168 10.54 41.77 -8.93
C PRO E 168 10.20 40.50 -9.74
N GLU E 169 9.03 39.93 -9.50
CA GLU E 169 8.35 39.15 -10.54
C GLU E 169 6.90 39.57 -10.61
N ASN E 170 6.41 39.78 -11.82
CA ASN E 170 4.99 40.08 -12.02
C ASN E 170 4.12 38.89 -11.64
N LEU E 171 2.89 39.20 -11.24
CA LEU E 171 1.89 38.17 -10.98
C LEU E 171 1.56 37.49 -12.31
N PRO E 172 1.93 36.22 -12.50
CA PRO E 172 2.21 35.73 -13.85
C PRO E 172 0.95 35.42 -14.65
N ILE E 173 1.12 35.47 -15.96
CA ILE E 173 0.01 35.57 -16.91
C ILE E 173 -0.23 34.18 -17.50
N PRO E 174 -1.38 33.55 -17.26
CA PRO E 174 -1.71 32.28 -17.90
C PRO E 174 -2.39 32.49 -19.24
N LEU E 175 -2.55 31.38 -19.97
CA LEU E 175 -3.37 31.37 -21.17
C LEU E 175 -4.82 31.66 -20.83
N ALA E 176 -5.38 32.71 -21.44
CA ALA E 176 -6.79 33.03 -21.31
C ALA E 176 -7.24 33.76 -22.57
N LYS E 177 -8.52 33.58 -22.93
CA LYS E 177 -9.11 34.34 -24.02
C LYS E 177 -10.63 34.19 -24.06
N PHE E 178 -11.23 34.55 -25.20
CA PHE E 178 -12.63 34.30 -25.55
C PHE E 178 -13.57 35.18 -24.73
N ILE E 179 -13.61 35.01 -23.40
CA ILE E 179 -14.06 36.01 -22.44
C ILE E 179 -15.37 36.68 -22.88
N ASP E 180 -16.26 35.90 -23.48
CA ASP E 180 -17.25 36.42 -24.43
C ASP E 180 -18.56 36.83 -23.78
N GLU E 181 -19.05 36.08 -22.80
CA GLU E 181 -20.36 36.39 -22.20
C GLU E 181 -20.29 37.49 -21.16
N THR E 182 -19.58 38.58 -21.46
CA THR E 182 -19.37 39.72 -20.56
C THR E 182 -18.69 39.33 -19.25
N THR E 183 -18.06 38.16 -19.18
CA THR E 183 -17.89 37.47 -17.91
C THR E 183 -16.68 36.55 -17.99
N ILE E 184 -16.25 36.07 -16.83
CA ILE E 184 -15.22 35.06 -16.72
C ILE E 184 -15.56 33.87 -17.60
N GLN E 185 -14.65 33.51 -18.51
CA GLN E 185 -14.74 32.31 -19.30
C GLN E 185 -13.33 31.84 -19.65
N LEU E 186 -13.20 30.54 -19.89
CA LEU E 186 -11.97 29.95 -20.40
C LEU E 186 -12.31 28.87 -21.40
N GLY E 187 -11.32 28.49 -22.20
CA GLY E 187 -11.49 27.45 -23.19
C GLY E 187 -10.23 27.14 -23.97
N MET F 1 25.28 -30.81 -11.17
CA MET F 1 24.12 -30.07 -10.69
C MET F 1 23.06 -31.04 -10.17
N SER F 2 22.32 -31.66 -11.09
CA SER F 2 21.17 -32.49 -10.73
C SER F 2 21.55 -33.95 -10.49
N GLY F 3 22.78 -34.34 -10.81
CA GLY F 3 23.19 -35.73 -10.77
C GLY F 3 22.88 -36.52 -12.02
N ILE F 4 22.21 -35.92 -13.00
CA ILE F 4 22.23 -36.45 -14.37
C ILE F 4 23.57 -36.12 -14.99
N PRO F 5 24.23 -37.07 -15.65
CA PRO F 5 25.44 -36.74 -16.41
C PRO F 5 25.13 -35.70 -17.48
N HIS F 6 25.85 -34.58 -17.42
CA HIS F 6 25.58 -33.46 -18.32
C HIS F 6 26.87 -32.70 -18.57
N ASP F 7 26.89 -31.95 -19.67
CA ASP F 7 27.96 -30.99 -19.93
C ASP F 7 27.75 -29.74 -19.09
N HIS F 8 28.81 -29.32 -18.40
CA HIS F 8 28.78 -28.05 -17.70
C HIS F 8 28.88 -26.89 -18.68
N TYR F 9 28.49 -25.71 -18.20
CA TYR F 9 28.70 -24.48 -18.97
C TYR F 9 30.18 -24.27 -19.25
N GLU F 10 30.46 -23.65 -20.39
CA GLU F 10 31.83 -23.30 -20.77
C GLU F 10 31.84 -21.92 -21.43
N PRO F 11 32.39 -20.92 -20.76
CA PRO F 11 32.46 -19.58 -21.36
C PRO F 11 33.45 -19.55 -22.51
N ARG F 12 33.07 -18.84 -23.57
CA ARG F 12 33.89 -18.80 -24.78
C ARG F 12 34.09 -17.39 -25.32
N THR F 13 33.05 -16.55 -25.28
CA THR F 13 33.20 -15.16 -25.62
C THR F 13 34.06 -14.44 -24.60
N GLY F 14 34.78 -13.41 -25.07
CA GLY F 14 35.64 -12.65 -24.17
C GLY F 14 34.89 -12.10 -22.97
N ILE F 15 33.72 -11.49 -23.22
CA ILE F 15 32.91 -10.97 -22.12
C ILE F 15 32.41 -12.12 -21.23
N GLU F 16 32.05 -13.24 -21.84
CA GLU F 16 31.64 -14.41 -21.06
C GLU F 16 32.74 -14.85 -20.11
N LYS F 17 33.98 -14.90 -20.59
CA LYS F 17 35.08 -15.34 -19.74
C LYS F 17 35.41 -14.30 -18.68
N TRP F 18 35.31 -13.01 -19.04
CA TRP F 18 35.52 -11.94 -18.07
C TRP F 18 34.51 -12.01 -16.94
N LEU F 19 33.24 -12.26 -17.26
CA LEU F 19 32.20 -12.32 -16.24
C LEU F 19 32.29 -13.60 -15.42
N HIS F 20 32.48 -14.74 -16.10
CA HIS F 20 32.46 -16.03 -15.42
C HIS F 20 33.58 -16.15 -14.39
N SER F 21 34.72 -15.50 -14.65
CA SER F 21 35.80 -15.51 -13.67
C SER F 21 35.48 -14.65 -12.45
N ARG F 22 34.39 -13.89 -12.49
CA ARG F 22 34.03 -12.96 -11.42
C ARG F 22 32.70 -13.29 -10.77
N LEU F 23 31.70 -13.68 -11.56
CA LEU F 23 30.40 -14.09 -11.03
C LEU F 23 29.77 -15.11 -11.96
N PRO F 24 29.59 -16.36 -11.52
CA PRO F 24 29.04 -17.39 -12.42
C PRO F 24 27.54 -17.32 -12.61
N ILE F 25 27.01 -16.10 -12.77
CA ILE F 25 25.57 -15.94 -12.99
C ILE F 25 25.13 -16.63 -14.28
N VAL F 26 25.94 -16.52 -15.33
CA VAL F 26 25.62 -17.17 -16.59
C VAL F 26 25.76 -18.68 -16.46
N ALA F 27 26.75 -19.16 -15.72
CA ALA F 27 26.90 -20.60 -15.52
C ALA F 27 25.68 -21.18 -14.80
N LEU F 28 25.21 -20.49 -13.76
CA LEU F 28 23.99 -20.91 -13.06
C LEU F 28 22.76 -20.85 -13.97
N ALA F 29 22.65 -19.81 -14.80
CA ALA F 29 21.53 -19.72 -15.72
C ALA F 29 21.55 -20.87 -16.73
N TYR F 30 22.72 -21.14 -17.30
CA TYR F 30 22.87 -22.27 -18.23
C TYR F 30 22.48 -23.59 -17.56
N ASP F 31 23.04 -23.86 -16.38
CA ASP F 31 22.65 -25.07 -15.65
C ASP F 31 21.15 -25.13 -15.41
N THR F 32 20.52 -23.97 -15.15
CA THR F 32 19.09 -23.95 -14.90
C THR F 32 18.29 -24.31 -16.15
N ILE F 33 18.63 -23.71 -17.29
CA ILE F 33 17.88 -23.95 -18.51
C ILE F 33 18.26 -25.24 -19.23
N MET F 34 19.47 -25.76 -19.01
CA MET F 34 19.94 -26.91 -19.77
C MET F 34 19.70 -28.25 -19.07
N ILE F 35 19.06 -28.25 -17.90
CA ILE F 35 18.82 -29.46 -17.12
C ILE F 35 18.24 -30.56 -18.00
N PRO F 36 18.83 -31.75 -18.01
CA PRO F 36 18.28 -32.85 -18.82
C PRO F 36 16.93 -33.30 -18.28
N THR F 37 15.92 -33.25 -19.15
CA THR F 37 14.54 -33.48 -18.76
C THR F 37 14.00 -34.73 -19.44
N PRO F 38 13.29 -35.59 -18.71
CA PRO F 38 12.68 -36.77 -19.34
C PRO F 38 11.86 -36.44 -20.58
N ARG F 39 12.16 -37.13 -21.67
CA ARG F 39 11.57 -36.82 -22.97
C ARG F 39 10.12 -37.29 -23.09
N ASN F 40 9.61 -38.07 -22.14
CA ASN F 40 8.27 -38.64 -22.23
C ASN F 40 7.22 -37.83 -21.49
N LEU F 41 7.54 -36.62 -21.03
CA LEU F 41 6.56 -35.80 -20.32
C LEU F 41 5.37 -35.48 -21.21
N ASN F 42 4.18 -35.53 -20.62
CA ASN F 42 2.95 -35.17 -21.31
C ASN F 42 2.52 -33.75 -20.93
N TRP F 43 1.37 -33.34 -21.48
CA TRP F 43 0.87 -31.98 -21.33
C TRP F 43 0.62 -31.58 -19.88
N MET F 44 0.47 -32.52 -18.96
CA MET F 44 0.27 -32.13 -17.57
C MET F 44 1.47 -31.43 -16.94
N TRP F 45 2.65 -31.50 -17.55
CA TRP F 45 3.83 -30.81 -17.03
C TRP F 45 3.89 -29.33 -17.40
N ILE F 46 2.98 -28.84 -18.24
CA ILE F 46 3.00 -27.42 -18.62
C ILE F 46 2.66 -26.49 -17.46
N TRP F 47 1.93 -26.97 -16.46
CA TRP F 47 1.30 -26.07 -15.50
C TRP F 47 2.29 -25.31 -14.62
N GLY F 48 3.49 -25.85 -14.42
CA GLY F 48 4.52 -25.10 -13.70
C GLY F 48 4.89 -23.78 -14.35
N VAL F 49 5.02 -23.78 -15.68
CA VAL F 49 5.32 -22.53 -16.39
C VAL F 49 4.13 -21.57 -16.33
N VAL F 50 2.92 -22.11 -16.47
CA VAL F 50 1.72 -21.28 -16.36
C VAL F 50 1.61 -20.69 -14.96
N LEU F 51 2.01 -21.43 -13.94
CA LEU F 51 2.00 -20.89 -12.58
C LEU F 51 2.98 -19.74 -12.40
N ALA F 52 4.20 -19.89 -12.92
CA ALA F 52 5.16 -18.79 -12.89
C ALA F 52 4.61 -17.56 -13.61
N PHE F 53 4.02 -17.76 -14.79
CA PHE F 53 3.36 -16.66 -15.49
C PHE F 53 2.32 -15.98 -14.61
N CYS F 54 1.43 -16.78 -14.02
CA CYS F 54 0.35 -16.21 -13.20
C CYS F 54 0.91 -15.41 -12.04
N LEU F 55 1.95 -15.91 -11.38
CA LEU F 55 2.58 -15.16 -10.29
C LEU F 55 3.14 -13.83 -10.78
N VAL F 56 3.87 -13.85 -11.89
CA VAL F 56 4.42 -12.61 -12.44
C VAL F 56 3.32 -11.63 -12.81
N LEU F 57 2.27 -12.12 -13.46
CA LEU F 57 1.13 -11.28 -13.85
C LEU F 57 0.49 -10.65 -12.61
N GLN F 58 0.19 -11.46 -11.61
CA GLN F 58 -0.52 -10.95 -10.43
C GLN F 58 0.33 -9.94 -9.67
N ILE F 59 1.65 -10.18 -9.60
CA ILE F 59 2.56 -9.21 -8.98
C ILE F 59 2.55 -7.89 -9.75
N VAL F 60 2.73 -7.95 -11.07
CA VAL F 60 2.88 -6.74 -11.86
C VAL F 60 1.58 -5.93 -11.89
N THR F 61 0.44 -6.60 -12.09
CA THR F 61 -0.84 -5.90 -12.01
C THR F 61 -1.13 -5.39 -10.62
N GLY F 62 -0.72 -6.10 -9.57
CA GLY F 62 -0.88 -5.57 -8.23
C GLY F 62 -0.12 -4.27 -8.06
N ILE F 63 1.15 -4.27 -8.47
CA ILE F 63 1.99 -3.09 -8.32
C ILE F 63 1.40 -1.91 -9.09
N VAL F 64 0.92 -2.16 -10.31
CA VAL F 64 0.28 -1.09 -11.08
C VAL F 64 -0.99 -0.61 -10.37
N LEU F 65 -1.88 -1.54 -10.03
CA LEU F 65 -3.09 -1.18 -9.28
C LEU F 65 -2.78 -0.49 -7.96
N ALA F 66 -1.73 -0.91 -7.27
CA ALA F 66 -1.39 -0.30 -5.99
C ALA F 66 -0.98 1.16 -6.11
N MET F 67 -0.69 1.64 -7.32
CA MET F 67 -0.45 3.07 -7.51
C MET F 67 -1.73 3.89 -7.42
N HIS F 68 -2.90 3.26 -7.53
CA HIS F 68 -4.17 3.99 -7.61
C HIS F 68 -5.18 3.62 -6.53
N TYR F 69 -5.14 2.38 -6.02
CA TYR F 69 -6.00 2.01 -4.90
C TYR F 69 -5.66 2.81 -3.66
N THR F 70 -6.67 3.03 -2.81
CA THR F 70 -6.49 3.66 -1.51
C THR F 70 -7.01 2.75 -0.40
N PRO F 71 -6.17 2.30 0.52
CA PRO F 71 -6.60 1.39 1.61
C PRO F 71 -7.28 2.13 2.76
N HIS F 72 -8.42 2.76 2.45
CA HIS F 72 -9.22 3.40 3.48
C HIS F 72 -10.69 3.18 3.19
N VAL F 73 -11.46 2.90 4.24
CA VAL F 73 -12.84 2.45 4.10
C VAL F 73 -13.79 3.51 3.57
N ASP F 74 -13.35 4.77 3.48
CA ASP F 74 -14.11 5.81 2.82
C ASP F 74 -13.73 5.97 1.36
N LEU F 75 -12.60 5.39 0.95
CA LEU F 75 -11.99 5.67 -0.34
C LEU F 75 -11.73 4.43 -1.18
N ALA F 76 -11.72 3.24 -0.56
CA ALA F 76 -11.35 2.02 -1.27
C ALA F 76 -12.27 1.77 -2.46
N PHE F 77 -13.57 1.63 -2.21
CA PHE F 77 -14.52 1.38 -3.28
C PHE F 77 -14.48 2.49 -4.33
N ALA F 78 -14.43 3.74 -3.89
CA ALA F 78 -14.36 4.86 -4.82
C ALA F 78 -13.07 4.83 -5.63
N SER F 79 -11.96 4.43 -5.01
CA SER F 79 -10.69 4.34 -5.75
C SER F 79 -10.70 3.19 -6.74
N VAL F 80 -11.40 2.10 -6.42
CA VAL F 80 -11.57 1.00 -7.38
C VAL F 80 -12.41 1.45 -8.56
N GLU F 81 -13.47 2.21 -8.31
CA GLU F 81 -14.24 2.79 -9.42
C GLU F 81 -13.40 3.78 -10.24
N HIS F 82 -12.56 4.56 -9.57
CA HIS F 82 -11.62 5.43 -10.27
C HIS F 82 -10.69 4.64 -11.18
N ILE F 83 -10.19 3.51 -10.70
CA ILE F 83 -9.39 2.62 -11.54
C ILE F 83 -10.22 2.14 -12.73
N MET F 84 -11.43 1.66 -12.46
CA MET F 84 -12.32 1.16 -13.50
C MET F 84 -12.69 2.20 -14.53
N ARG F 85 -12.56 3.49 -14.22
CA ARG F 85 -13.33 4.48 -14.95
C ARG F 85 -12.47 5.59 -15.56
N ASN F 86 -11.39 5.98 -14.86
CA ASN F 86 -10.55 7.09 -15.29
C ASN F 86 -9.15 6.70 -15.73
N VAL F 87 -8.57 5.67 -15.14
CA VAL F 87 -7.18 5.31 -15.40
C VAL F 87 -7.06 4.67 -16.77
N ASN F 88 -6.02 5.05 -17.51
CA ASN F 88 -5.76 4.50 -18.84
C ASN F 88 -5.55 2.99 -18.81
N GLY F 89 -6.51 2.24 -19.34
CA GLY F 89 -6.49 0.79 -19.27
C GLY F 89 -6.80 0.18 -17.92
N GLY F 90 -7.27 0.98 -16.96
CA GLY F 90 -7.39 0.49 -15.59
C GLY F 90 -8.45 -0.58 -15.45
N PHE F 91 -9.55 -0.45 -16.20
CA PHE F 91 -10.57 -1.48 -16.24
C PHE F 91 -9.99 -2.83 -16.64
N MET F 92 -9.18 -2.84 -17.71
CA MET F 92 -8.60 -4.09 -18.17
C MET F 92 -7.56 -4.61 -17.18
N LEU F 93 -6.73 -3.73 -16.63
CA LEU F 93 -5.73 -4.16 -15.64
C LEU F 93 -6.39 -4.81 -14.44
N ARG F 94 -7.52 -4.26 -13.99
CA ARG F 94 -8.21 -4.84 -12.84
C ARG F 94 -8.91 -6.15 -13.20
N TYR F 95 -9.57 -6.21 -14.35
CA TYR F 95 -10.17 -7.48 -14.76
C TYR F 95 -9.10 -8.55 -15.00
N LEU F 96 -7.91 -8.14 -15.45
CA LEU F 96 -6.78 -9.05 -15.56
C LEU F 96 -6.37 -9.59 -14.20
N HIS F 97 -6.24 -8.73 -13.20
CA HIS F 97 -5.81 -9.22 -11.89
C HIS F 97 -6.87 -10.12 -11.27
N ALA F 98 -8.14 -9.76 -11.43
CA ALA F 98 -9.22 -10.54 -10.83
C ALA F 98 -9.37 -11.91 -11.48
N ASN F 99 -9.33 -11.97 -12.82
CA ASN F 99 -9.40 -13.28 -13.45
C ASN F 99 -8.10 -14.05 -13.35
N GLY F 100 -6.96 -13.35 -13.28
CA GLY F 100 -5.69 -14.02 -13.08
C GLY F 100 -5.60 -14.77 -11.78
N ALA F 101 -6.26 -14.27 -10.73
CA ALA F 101 -6.32 -15.05 -9.49
C ALA F 101 -7.06 -16.38 -9.69
N SER F 102 -8.11 -16.37 -10.51
CA SER F 102 -8.81 -17.62 -10.82
C SER F 102 -7.96 -18.54 -11.69
N LEU F 103 -7.29 -17.97 -12.71
CA LEU F 103 -6.35 -18.76 -13.51
C LEU F 103 -5.28 -19.38 -12.63
N PHE F 104 -4.79 -18.63 -11.66
CA PHE F 104 -3.74 -19.11 -10.76
C PHE F 104 -4.23 -20.29 -9.93
N PHE F 105 -5.44 -20.18 -9.36
CA PHE F 105 -5.96 -21.30 -8.59
C PHE F 105 -6.32 -22.50 -9.46
N ILE F 106 -6.77 -22.28 -10.69
CA ILE F 106 -6.98 -23.39 -11.61
C ILE F 106 -5.67 -24.12 -11.85
N ALA F 107 -4.63 -23.37 -12.20
CA ALA F 107 -3.34 -23.99 -12.50
C ALA F 107 -2.75 -24.68 -11.28
N VAL F 108 -3.07 -24.24 -10.07
CA VAL F 108 -2.50 -24.96 -8.93
C VAL F 108 -3.33 -26.18 -8.60
N TYR F 109 -4.61 -26.20 -8.96
CA TYR F 109 -5.38 -27.39 -8.65
C TYR F 109 -5.04 -28.49 -9.66
N LEU F 110 -4.80 -28.10 -10.92
CA LEU F 110 -4.34 -29.07 -11.90
C LEU F 110 -2.92 -29.53 -11.62
N HIS F 111 -2.03 -28.62 -11.17
CA HIS F 111 -0.68 -29.01 -10.80
C HIS F 111 -0.69 -29.99 -9.63
N ILE F 112 -1.55 -29.74 -8.65
CA ILE F 112 -1.68 -30.63 -7.50
C ILE F 112 -2.20 -31.99 -7.92
N PHE F 113 -3.29 -32.03 -8.70
CA PHE F 113 -3.83 -33.34 -9.06
C PHE F 113 -2.92 -34.11 -10.00
N ARG F 114 -2.14 -33.43 -10.84
CA ARG F 114 -1.04 -34.10 -11.54
C ARG F 114 -0.09 -34.76 -10.56
N GLY F 115 0.41 -33.99 -9.58
CA GLY F 115 1.37 -34.54 -8.64
C GLY F 115 0.81 -35.71 -7.86
N LEU F 116 -0.47 -35.62 -7.47
CA LEU F 116 -1.14 -36.72 -6.79
C LEU F 116 -1.23 -37.96 -7.67
N TYR F 117 -1.53 -37.79 -8.96
CA TYR F 117 -1.70 -38.95 -9.82
C TYR F 117 -0.36 -39.61 -10.12
N TYR F 118 0.63 -38.84 -10.56
CA TYR F 118 1.91 -39.42 -10.96
C TYR F 118 2.85 -39.67 -9.79
N GLY F 119 2.39 -39.47 -8.55
CA GLY F 119 3.22 -39.75 -7.40
C GLY F 119 4.41 -38.83 -7.21
N SER F 120 4.34 -37.61 -7.77
CA SER F 120 5.47 -36.68 -7.69
C SER F 120 5.77 -36.23 -6.26
N TYR F 121 4.94 -36.60 -5.29
CA TYR F 121 5.20 -36.33 -3.88
C TYR F 121 6.06 -37.38 -3.21
N LYS F 122 6.23 -38.55 -3.81
CA LYS F 122 6.97 -39.62 -3.18
C LYS F 122 8.46 -39.30 -3.06
N ALA F 123 9.12 -40.05 -2.18
CA ALA F 123 10.55 -39.90 -1.95
C ALA F 123 11.33 -39.99 -3.27
N PRO F 124 12.33 -39.12 -3.48
CA PRO F 124 12.90 -38.13 -2.55
C PRO F 124 12.20 -36.77 -2.54
N ARG F 125 11.00 -36.69 -3.13
CA ARG F 125 10.38 -35.41 -3.45
C ARG F 125 9.46 -34.88 -2.34
N GLU F 126 9.55 -35.42 -1.13
CA GLU F 126 8.70 -34.92 -0.04
C GLU F 126 8.95 -33.44 0.24
N VAL F 127 10.20 -32.99 0.12
CA VAL F 127 10.53 -31.60 0.41
C VAL F 127 9.92 -30.64 -0.62
N THR F 128 9.99 -30.97 -1.91
CA THR F 128 9.36 -30.09 -2.89
C THR F 128 7.85 -30.08 -2.73
N TRP F 129 7.26 -31.20 -2.33
CA TRP F 129 5.84 -31.24 -1.99
C TRP F 129 5.52 -30.29 -0.83
N ILE F 130 6.33 -30.33 0.23
CA ILE F 130 6.08 -29.48 1.39
C ILE F 130 6.23 -28.01 1.04
N VAL F 131 7.25 -27.65 0.25
CA VAL F 131 7.35 -26.27 -0.23
C VAL F 131 6.14 -25.90 -1.08
N GLY F 132 5.65 -26.84 -1.89
CA GLY F 132 4.40 -26.58 -2.62
C GLY F 132 3.22 -26.30 -1.70
N MET F 133 3.11 -27.06 -0.61
CA MET F 133 2.04 -26.81 0.36
C MET F 133 2.17 -25.44 1.02
N LEU F 134 3.40 -25.02 1.31
CA LEU F 134 3.60 -23.67 1.86
C LEU F 134 3.23 -22.60 0.83
N ILE F 135 3.59 -22.81 -0.43
CA ILE F 135 3.21 -21.92 -1.50
C ILE F 135 1.69 -21.80 -1.57
N TYR F 136 1.00 -22.94 -1.51
CA TYR F 136 -0.46 -22.94 -1.62
C TYR F 136 -1.11 -22.21 -0.45
N LEU F 137 -0.66 -22.47 0.77
CA LEU F 137 -1.20 -21.73 1.91
C LEU F 137 -0.97 -20.23 1.79
N ALA F 138 0.20 -19.83 1.28
CA ALA F 138 0.46 -18.40 1.12
C ALA F 138 -0.41 -17.81 0.02
N MET F 139 -0.67 -18.58 -1.05
CA MET F 139 -1.59 -18.12 -2.07
C MET F 139 -2.99 -17.93 -1.51
N MET F 140 -3.44 -18.87 -0.68
CA MET F 140 -4.78 -18.77 -0.10
C MET F 140 -4.92 -17.50 0.73
N ALA F 141 -3.94 -17.25 1.61
CA ALA F 141 -4.00 -16.02 2.41
C ALA F 141 -3.91 -14.78 1.53
N THR F 142 -3.03 -14.77 0.54
CA THR F 142 -2.87 -13.62 -0.34
C THR F 142 -4.17 -13.32 -1.07
N ALA F 143 -4.79 -14.34 -1.66
CA ALA F 143 -6.02 -14.13 -2.42
C ALA F 143 -7.17 -13.68 -1.53
N PHE F 144 -7.30 -14.27 -0.34
CA PHE F 144 -8.34 -13.82 0.57
C PHE F 144 -8.18 -12.33 0.92
N MET F 145 -6.99 -11.94 1.35
CA MET F 145 -6.78 -10.54 1.72
C MET F 145 -6.92 -9.61 0.52
N GLY F 146 -6.52 -10.07 -0.67
CA GLY F 146 -6.79 -9.28 -1.87
C GLY F 146 -8.28 -9.07 -2.09
N TYR F 147 -9.07 -10.13 -1.90
CA TYR F 147 -10.51 -10.03 -2.10
C TYR F 147 -11.18 -9.19 -1.03
N VAL F 148 -10.52 -8.97 0.11
CA VAL F 148 -11.06 -8.03 1.08
C VAL F 148 -10.89 -6.58 0.61
N LEU F 149 -9.88 -6.33 -0.22
CA LEU F 149 -9.51 -4.95 -0.54
C LEU F 149 -10.58 -4.12 -1.25
N PRO F 150 -11.42 -4.66 -2.13
CA PRO F 150 -12.43 -3.79 -2.78
C PRO F 150 -13.47 -3.22 -1.83
N TRP F 151 -13.62 -3.78 -0.62
CA TRP F 151 -14.56 -3.28 0.38
C TRP F 151 -15.99 -3.27 -0.14
N GLY F 152 -16.35 -4.26 -0.96
CA GLY F 152 -17.72 -4.52 -1.27
C GLY F 152 -18.40 -5.33 -0.18
N GLN F 153 -19.67 -5.65 -0.42
CA GLN F 153 -20.42 -6.42 0.57
C GLN F 153 -19.80 -7.79 0.80
N MET F 154 -19.40 -8.46 -0.28
CA MET F 154 -18.76 -9.76 -0.14
C MET F 154 -17.40 -9.64 0.54
N SER F 155 -16.63 -8.61 0.20
CA SER F 155 -15.37 -8.35 0.86
C SER F 155 -15.55 -8.20 2.36
N PHE F 156 -16.53 -7.39 2.77
CA PHE F 156 -16.73 -7.09 4.18
C PHE F 156 -17.22 -8.30 4.95
N TRP F 157 -18.21 -9.01 4.41
CA TRP F 157 -18.74 -10.14 5.16
C TRP F 157 -17.79 -11.34 5.14
N GLY F 158 -17.00 -11.50 4.07
CA GLY F 158 -15.90 -12.46 4.11
C GLY F 158 -14.89 -12.13 5.19
N ALA F 159 -14.42 -10.87 5.23
CA ALA F 159 -13.52 -10.47 6.30
C ALA F 159 -14.12 -10.71 7.68
N THR F 160 -15.43 -10.54 7.81
CA THR F 160 -16.10 -10.81 9.08
C THR F 160 -16.05 -12.29 9.42
N VAL F 161 -16.56 -13.14 8.52
CA VAL F 161 -16.61 -14.58 8.76
C VAL F 161 -15.23 -15.15 9.07
N ILE F 162 -14.25 -14.80 8.24
CA ILE F 162 -12.94 -15.45 8.33
C ILE F 162 -12.23 -15.11 9.62
N THR F 163 -12.27 -13.84 10.04
CA THR F 163 -11.72 -13.50 11.35
C THR F 163 -12.47 -14.20 12.48
N GLY F 164 -13.77 -14.49 12.30
CA GLY F 164 -14.47 -15.28 13.28
C GLY F 164 -13.90 -16.68 13.45
N LEU F 165 -13.30 -17.23 12.39
CA LEU F 165 -12.72 -18.57 12.49
C LEU F 165 -11.63 -18.60 13.54
N PHE F 166 -10.80 -17.56 13.59
CA PHE F 166 -9.75 -17.52 14.60
C PHE F 166 -10.36 -17.34 15.99
N GLY F 167 -11.49 -16.63 16.06
CA GLY F 167 -12.26 -16.53 17.29
C GLY F 167 -12.83 -17.85 17.75
N ALA F 168 -12.93 -18.82 16.84
CA ALA F 168 -13.49 -20.12 17.21
C ALA F 168 -12.55 -20.97 18.05
N ILE F 169 -11.25 -20.66 18.04
CA ILE F 169 -10.27 -21.42 18.80
C ILE F 169 -10.56 -21.29 20.29
N PRO F 170 -10.73 -22.39 21.02
CA PRO F 170 -11.11 -22.27 22.43
C PRO F 170 -10.06 -21.55 23.26
N GLY F 171 -10.53 -20.76 24.22
CA GLY F 171 -9.67 -19.98 25.08
C GLY F 171 -9.03 -18.78 24.41
N ILE F 172 -7.91 -19.02 23.71
CA ILE F 172 -7.12 -17.93 23.15
C ILE F 172 -7.78 -17.28 21.94
N GLY F 173 -8.78 -17.93 21.35
CA GLY F 173 -9.28 -17.52 20.05
C GLY F 173 -9.73 -16.07 20.01
N HIS F 174 -10.41 -15.61 21.06
CA HIS F 174 -10.84 -14.22 21.10
C HIS F 174 -9.67 -13.25 21.03
N SER F 175 -8.54 -13.61 21.64
CA SER F 175 -7.35 -12.76 21.57
C SER F 175 -6.80 -12.69 20.16
N ILE F 176 -6.68 -13.84 19.48
CA ILE F 176 -6.19 -13.84 18.10
C ILE F 176 -7.15 -13.06 17.20
N GLN F 177 -8.45 -13.25 17.39
CA GLN F 177 -9.44 -12.53 16.59
C GLN F 177 -9.30 -11.02 16.77
N THR F 178 -9.25 -10.55 18.02
CA THR F 178 -9.12 -9.12 18.26
C THR F 178 -7.77 -8.57 17.82
N TRP F 179 -6.73 -9.41 17.80
CA TRP F 179 -5.44 -8.97 17.28
C TRP F 179 -5.43 -8.88 15.76
N LEU F 180 -6.14 -9.78 15.07
CA LEU F 180 -6.30 -9.65 13.64
C LEU F 180 -7.18 -8.47 13.27
N LEU F 181 -8.27 -8.26 13.99
CA LEU F 181 -9.15 -7.13 13.70
C LEU F 181 -8.50 -5.81 14.07
N GLY F 182 -7.73 -5.79 15.15
CA GLY F 182 -7.34 -4.54 15.77
C GLY F 182 -8.43 -3.90 16.60
N GLY F 183 -9.51 -4.61 16.87
CA GLY F 183 -10.66 -4.05 17.55
C GLY F 183 -11.79 -5.04 17.65
N PRO F 184 -12.96 -4.56 18.07
CA PRO F 184 -14.12 -5.45 18.22
C PRO F 184 -14.83 -5.77 16.92
N ALA F 185 -14.47 -5.11 15.82
CA ALA F 185 -15.17 -5.31 14.56
C ALA F 185 -14.23 -5.06 13.39
N VAL F 186 -14.65 -5.56 12.23
CA VAL F 186 -13.99 -5.25 10.96
C VAL F 186 -14.10 -3.76 10.69
N ASP F 187 -12.96 -3.10 10.51
CA ASP F 187 -12.95 -1.67 10.24
C ASP F 187 -11.67 -1.32 9.47
N ASN F 188 -11.37 -0.01 9.41
CA ASN F 188 -10.21 0.50 8.68
C ASN F 188 -8.89 -0.14 9.10
N ALA F 189 -8.73 -0.49 10.38
CA ALA F 189 -7.53 -1.21 10.80
C ALA F 189 -7.40 -2.54 10.07
N THR F 190 -8.51 -3.25 9.92
CA THR F 190 -8.50 -4.53 9.22
C THR F 190 -8.15 -4.35 7.75
N LEU F 191 -8.83 -3.41 7.08
CA LEU F 191 -8.58 -3.20 5.66
C LEU F 191 -7.13 -2.80 5.42
N ASN F 192 -6.60 -1.90 6.24
CA ASN F 192 -5.25 -1.37 6.03
C ASN F 192 -4.18 -2.42 6.28
N ARG F 193 -4.30 -3.20 7.36
CA ARG F 193 -3.36 -4.30 7.56
C ARG F 193 -3.51 -5.41 6.52
N PHE F 194 -4.75 -5.71 6.10
CA PHE F 194 -4.91 -6.69 5.02
C PHE F 194 -4.31 -6.21 3.71
N PHE F 195 -4.34 -4.90 3.45
CA PHE F 195 -3.63 -4.36 2.29
C PHE F 195 -2.13 -4.55 2.43
N SER F 196 -1.58 -4.17 3.58
CA SER F 196 -0.14 -4.32 3.79
C SER F 196 0.32 -5.77 3.63
N LEU F 197 -0.44 -6.72 4.19
CA LEU F 197 -0.08 -8.13 4.08
C LEU F 197 -0.32 -8.71 2.69
N HIS F 198 -1.37 -8.26 1.99
CA HIS F 198 -1.55 -8.66 0.60
C HIS F 198 -0.43 -8.14 -0.28
N TYR F 199 0.13 -6.97 0.03
CA TYR F 199 1.32 -6.50 -0.68
C TYR F 199 2.55 -7.34 -0.34
N LEU F 200 2.73 -7.66 0.95
CA LEU F 200 3.91 -8.39 1.40
C LEU F 200 3.99 -9.82 0.87
N LEU F 201 2.91 -10.59 1.02
CA LEU F 201 3.00 -12.04 0.83
C LEU F 201 3.36 -12.53 -0.58
N PRO F 202 3.02 -11.86 -1.68
CA PRO F 202 3.54 -12.32 -2.99
C PRO F 202 5.05 -12.45 -3.08
N PHE F 203 5.83 -11.60 -2.40
CA PHE F 203 7.28 -11.77 -2.42
C PHE F 203 7.72 -13.00 -1.63
N VAL F 204 6.99 -13.34 -0.57
CA VAL F 204 7.21 -14.60 0.13
C VAL F 204 6.90 -15.77 -0.79
N ILE F 205 5.77 -15.71 -1.47
CA ILE F 205 5.42 -16.73 -2.46
C ILE F 205 6.52 -16.88 -3.50
N ALA F 206 7.08 -15.76 -3.96
CA ALA F 206 8.15 -15.82 -4.95
C ALA F 206 9.40 -16.51 -4.41
N ALA F 207 9.79 -16.18 -3.18
CA ALA F 207 10.95 -16.86 -2.58
C ALA F 207 10.69 -18.35 -2.38
N LEU F 208 9.47 -18.70 -1.97
CA LEU F 208 9.10 -20.10 -1.87
C LEU F 208 9.14 -20.81 -3.23
N VAL F 209 8.70 -20.13 -4.28
CA VAL F 209 8.79 -20.68 -5.63
C VAL F 209 10.23 -20.92 -6.03
N ALA F 210 11.12 -19.99 -5.66
CA ALA F 210 12.55 -20.19 -5.93
C ALA F 210 13.09 -21.41 -5.20
N ILE F 211 12.69 -21.59 -3.94
CA ILE F 211 13.11 -22.78 -3.20
C ILE F 211 12.48 -24.05 -3.80
N HIS F 212 11.26 -23.95 -4.31
CA HIS F 212 10.59 -25.08 -4.95
C HIS F 212 11.32 -25.50 -6.22
N ILE F 213 11.75 -24.52 -7.02
CA ILE F 213 12.53 -24.81 -8.21
C ILE F 213 13.86 -25.45 -7.85
N TRP F 214 14.53 -24.92 -6.82
CA TRP F 214 15.79 -25.52 -6.38
C TRP F 214 15.59 -26.94 -5.89
N ALA F 215 14.49 -27.19 -5.16
CA ALA F 215 14.16 -28.54 -4.70
C ALA F 215 13.97 -29.52 -5.86
N PHE F 216 13.18 -29.14 -6.86
CA PHE F 216 12.95 -30.12 -7.91
C PHE F 216 14.15 -30.25 -8.84
N HIS F 217 14.96 -29.20 -9.01
CA HIS F 217 16.25 -29.38 -9.67
C HIS F 217 17.13 -30.35 -8.89
N SER F 218 17.07 -30.26 -7.56
CA SER F 218 17.89 -31.12 -6.70
C SER F 218 17.42 -32.57 -6.72
N THR F 219 16.16 -32.82 -7.03
CA THR F 219 15.69 -34.19 -7.23
C THR F 219 15.62 -34.61 -8.68
N GLY F 220 15.55 -33.67 -9.62
CA GLY F 220 15.15 -33.98 -10.98
C GLY F 220 13.66 -34.21 -11.15
N ASN F 221 13.16 -33.98 -12.37
CA ASN F 221 11.74 -34.10 -12.64
C ASN F 221 11.28 -35.55 -12.57
N ASN F 222 10.07 -35.75 -12.05
CA ASN F 222 9.34 -37.00 -12.23
C ASN F 222 8.83 -37.10 -13.65
N ASN F 223 8.41 -38.31 -14.03
CA ASN F 223 7.88 -38.52 -15.38
C ASN F 223 6.71 -39.50 -15.34
N PRO F 224 5.90 -39.57 -16.40
CA PRO F 224 4.69 -40.42 -16.35
C PRO F 224 4.94 -41.88 -15.99
N THR F 225 6.12 -42.43 -16.32
CA THR F 225 6.41 -43.81 -15.93
C THR F 225 6.80 -43.95 -14.47
N GLY F 226 7.26 -42.89 -13.83
CA GLY F 226 7.81 -43.01 -12.50
C GLY F 226 9.14 -43.73 -12.39
N VAL F 227 9.72 -44.14 -13.51
CA VAL F 227 11.05 -44.75 -13.52
C VAL F 227 12.09 -43.64 -13.66
N GLU F 228 13.14 -43.73 -12.86
CA GLU F 228 14.15 -42.67 -12.82
C GLU F 228 15.02 -42.70 -14.08
N VAL F 229 15.61 -41.54 -14.38
CA VAL F 229 16.61 -41.46 -15.44
C VAL F 229 17.83 -42.29 -15.08
N ARG F 230 18.33 -43.04 -16.05
CA ARG F 230 19.56 -43.81 -15.86
C ARG F 230 20.74 -42.87 -15.58
N ARG F 231 21.29 -42.98 -14.37
CA ARG F 231 22.41 -42.15 -13.94
C ARG F 231 23.76 -42.69 -14.40
N THR F 232 23.80 -43.88 -15.02
CA THR F 232 25.05 -44.57 -15.27
C THR F 232 26.01 -43.74 -16.11
N SER F 233 25.51 -43.12 -17.19
CA SER F 233 26.43 -42.49 -18.13
C SER F 233 25.71 -41.43 -18.95
N LYS F 234 26.49 -40.47 -19.43
CA LYS F 234 26.02 -39.52 -20.43
C LYS F 234 25.26 -40.20 -21.56
N ALA F 235 25.82 -41.29 -22.08
CA ALA F 235 25.20 -41.97 -23.23
C ALA F 235 23.82 -42.51 -22.90
N GLU F 236 23.66 -43.07 -21.71
CA GLU F 236 22.33 -43.57 -21.32
C GLU F 236 21.40 -42.44 -20.92
N ALA F 237 21.91 -41.46 -20.15
CA ALA F 237 21.08 -40.32 -19.77
C ALA F 237 20.53 -39.59 -20.98
N GLN F 238 21.35 -39.40 -22.02
CA GLN F 238 20.88 -38.74 -23.23
C GLN F 238 19.83 -39.54 -23.97
N LYS F 239 19.77 -40.85 -23.77
CA LYS F 239 18.70 -41.65 -24.37
C LYS F 239 17.39 -41.50 -23.60
N ASP F 240 17.47 -41.39 -22.28
CA ASP F 240 16.28 -41.20 -21.45
C ASP F 240 15.79 -39.76 -21.44
N THR F 241 16.60 -38.79 -21.85
CA THR F 241 16.28 -37.40 -21.61
C THR F 241 16.56 -36.54 -22.84
N VAL F 242 16.09 -35.30 -22.76
CA VAL F 242 16.41 -34.25 -23.74
C VAL F 242 16.57 -32.94 -22.98
N PRO F 243 17.41 -32.03 -23.48
CA PRO F 243 17.61 -30.79 -22.74
C PRO F 243 16.35 -29.93 -22.69
N PHE F 244 16.15 -29.28 -21.54
CA PHE F 244 14.93 -28.53 -21.29
C PHE F 244 14.76 -27.39 -22.29
N TRP F 245 15.78 -26.55 -22.43
CA TRP F 245 15.92 -25.69 -23.59
C TRP F 245 16.49 -26.48 -24.77
N PRO F 246 15.94 -26.30 -25.98
CA PRO F 246 14.74 -25.54 -26.33
C PRO F 246 13.42 -26.31 -26.21
N TYR F 247 13.50 -27.64 -26.24
CA TYR F 247 12.34 -28.48 -26.57
C TYR F 247 11.16 -28.22 -25.63
N PHE F 248 11.40 -28.30 -24.32
CA PHE F 248 10.31 -28.13 -23.37
C PHE F 248 10.02 -26.68 -23.05
N ILE F 249 11.01 -25.79 -23.17
CA ILE F 249 10.71 -24.36 -23.08
C ILE F 249 9.69 -23.99 -24.14
N ILE F 250 9.93 -24.39 -25.39
CA ILE F 250 9.01 -24.08 -26.48
C ILE F 250 7.68 -24.77 -26.30
N LYS F 251 7.68 -26.04 -25.85
CA LYS F 251 6.42 -26.73 -25.59
C LYS F 251 5.59 -25.99 -24.54
N ASP F 252 6.23 -25.58 -23.45
CA ASP F 252 5.51 -24.89 -22.38
C ASP F 252 5.04 -23.51 -22.81
N VAL F 253 5.86 -22.77 -23.55
CA VAL F 253 5.43 -21.46 -24.02
C VAL F 253 4.28 -21.58 -25.02
N PHE F 254 4.30 -22.60 -25.87
CA PHE F 254 3.14 -22.89 -26.73
C PHE F 254 1.88 -23.13 -25.90
N ALA F 255 1.98 -24.02 -24.91
CA ALA F 255 0.81 -24.32 -24.08
C ALA F 255 0.33 -23.07 -23.33
N LEU F 256 1.27 -22.29 -22.80
CA LEU F 256 0.94 -21.03 -22.16
C LEU F 256 0.18 -20.11 -23.10
N ALA F 257 0.66 -19.97 -24.33
CA ALA F 257 0.01 -19.10 -25.31
C ALA F 257 -1.42 -19.56 -25.58
N VAL F 258 -1.61 -20.85 -25.82
CA VAL F 258 -2.96 -21.35 -26.10
C VAL F 258 -3.87 -21.22 -24.88
N VAL F 259 -3.33 -21.34 -23.67
CA VAL F 259 -4.13 -21.11 -22.47
C VAL F 259 -4.52 -19.64 -22.35
N LEU F 260 -3.56 -18.74 -22.58
CA LEU F 260 -3.85 -17.32 -22.48
C LEU F 260 -4.77 -16.83 -23.59
N LEU F 261 -4.87 -17.53 -24.71
CA LEU F 261 -5.87 -17.14 -25.68
C LEU F 261 -7.27 -17.19 -25.08
N VAL F 262 -7.57 -18.27 -24.34
CA VAL F 262 -8.85 -18.38 -23.64
C VAL F 262 -8.91 -17.41 -22.47
N PHE F 263 -7.80 -17.23 -21.75
CA PHE F 263 -7.80 -16.30 -20.63
C PHE F 263 -8.15 -14.88 -21.07
N PHE F 264 -7.46 -14.38 -22.10
CA PHE F 264 -7.76 -13.05 -22.63
C PHE F 264 -9.11 -12.98 -23.32
N ALA F 265 -9.60 -14.09 -23.89
CA ALA F 265 -10.96 -14.09 -24.39
C ALA F 265 -11.97 -13.88 -23.28
N ILE F 266 -11.77 -14.55 -22.14
CA ILE F 266 -12.66 -14.35 -20.99
C ILE F 266 -12.56 -12.92 -20.48
N VAL F 267 -11.33 -12.44 -20.26
CA VAL F 267 -11.12 -11.09 -19.75
C VAL F 267 -11.71 -10.03 -20.69
N GLY F 268 -11.67 -10.27 -22.00
CA GLY F 268 -12.28 -9.35 -22.93
C GLY F 268 -13.80 -9.38 -22.93
N PHE F 269 -14.36 -10.58 -23.04
CA PHE F 269 -15.76 -10.72 -23.42
C PHE F 269 -16.67 -11.17 -22.28
N MET F 270 -16.13 -11.62 -21.16
CA MET F 270 -16.97 -12.03 -20.04
C MET F 270 -16.25 -11.91 -18.70
N PRO F 271 -15.66 -10.76 -18.37
CA PRO F 271 -14.78 -10.70 -17.20
C PRO F 271 -15.50 -10.83 -15.87
N ASN F 272 -16.82 -10.65 -15.83
CA ASN F 272 -17.58 -10.68 -14.59
C ASN F 272 -18.21 -12.03 -14.28
N TYR F 273 -18.07 -13.01 -15.19
CA TYR F 273 -18.76 -14.28 -15.00
C TYR F 273 -18.32 -14.99 -13.72
N LEU F 274 -17.02 -14.98 -13.45
CA LEU F 274 -16.48 -15.68 -12.28
C LEU F 274 -16.65 -14.91 -10.98
N GLY F 275 -17.03 -13.64 -11.02
CA GLY F 275 -17.15 -12.83 -9.83
C GLY F 275 -18.54 -12.89 -9.24
N HIS F 276 -18.77 -12.00 -8.26
CA HIS F 276 -20.07 -11.86 -7.62
C HIS F 276 -20.63 -10.47 -7.87
N PRO F 277 -21.83 -10.34 -8.43
CA PRO F 277 -22.46 -9.02 -8.53
C PRO F 277 -22.56 -8.26 -7.22
N ASP F 278 -22.77 -8.99 -6.10
CA ASP F 278 -22.99 -8.33 -4.81
C ASP F 278 -21.78 -7.54 -4.33
N ASN F 279 -20.59 -7.83 -4.84
CA ASN F 279 -19.42 -7.04 -4.48
C ASN F 279 -19.35 -5.70 -5.20
N TYR F 280 -20.25 -5.45 -6.14
CA TYR F 280 -20.47 -4.09 -6.65
C TYR F 280 -21.40 -3.27 -5.78
N ILE F 281 -21.83 -3.80 -4.63
CA ILE F 281 -22.56 -3.04 -3.62
C ILE F 281 -21.59 -2.67 -2.51
N GLU F 282 -21.60 -1.39 -2.11
CA GLU F 282 -20.74 -0.94 -1.03
C GLU F 282 -21.04 -1.70 0.25
N ALA F 283 -19.98 -1.99 1.02
CA ALA F 283 -20.11 -2.65 2.30
C ALA F 283 -21.11 -1.93 3.21
N ASN F 284 -21.97 -2.71 3.86
CA ASN F 284 -22.98 -2.17 4.76
C ASN F 284 -22.96 -3.04 6.02
N PRO F 285 -22.38 -2.55 7.11
CA PRO F 285 -22.29 -3.37 8.33
C PRO F 285 -23.63 -3.72 8.95
N LEU F 286 -24.73 -3.10 8.54
CA LEU F 286 -26.02 -3.32 9.15
C LEU F 286 -26.86 -4.40 8.48
N SER F 287 -26.48 -4.89 7.31
CA SER F 287 -27.26 -5.92 6.64
C SER F 287 -26.37 -6.79 5.78
N THR F 288 -26.36 -8.09 6.06
CA THR F 288 -25.69 -9.08 5.22
C THR F 288 -26.55 -9.41 4.00
N PRO F 289 -25.96 -9.47 2.81
CA PRO F 289 -26.71 -9.90 1.62
C PRO F 289 -27.28 -11.30 1.80
N ALA F 290 -28.14 -11.68 0.86
CA ALA F 290 -28.76 -13.00 0.86
C ALA F 290 -28.05 -13.98 -0.07
N HIS F 291 -26.87 -13.63 -0.60
CA HIS F 291 -26.12 -14.51 -1.48
C HIS F 291 -24.68 -14.56 -1.00
N ILE F 292 -24.47 -15.24 0.14
CA ILE F 292 -23.14 -15.40 0.72
C ILE F 292 -22.49 -16.63 0.09
N VAL F 293 -21.55 -16.39 -0.82
CA VAL F 293 -20.87 -17.46 -1.55
C VAL F 293 -19.41 -17.06 -1.73
N PRO F 294 -18.47 -17.83 -1.17
CA PRO F 294 -17.06 -17.55 -1.40
C PRO F 294 -16.69 -17.56 -2.89
N GLU F 295 -15.62 -16.85 -3.21
CA GLU F 295 -14.97 -17.02 -4.51
C GLU F 295 -14.59 -18.49 -4.71
N TRP F 296 -14.80 -18.97 -5.93
CA TRP F 296 -15.06 -20.39 -6.18
C TRP F 296 -13.93 -21.30 -5.67
N TYR F 297 -12.69 -20.83 -5.69
CA TYR F 297 -11.59 -21.71 -5.29
C TYR F 297 -11.58 -22.04 -3.80
N PHE F 298 -12.30 -21.29 -2.97
CA PHE F 298 -12.46 -21.64 -1.57
C PHE F 298 -13.68 -22.51 -1.30
N LEU F 299 -14.56 -22.69 -2.29
CA LEU F 299 -15.83 -23.39 -2.04
C LEU F 299 -15.69 -24.81 -1.48
N PRO F 300 -14.70 -25.63 -1.87
CA PRO F 300 -14.61 -26.95 -1.23
C PRO F 300 -14.38 -26.89 0.27
N PHE F 301 -13.54 -25.94 0.72
CA PHE F 301 -13.25 -25.84 2.14
C PHE F 301 -14.43 -25.22 2.89
N TYR F 302 -15.09 -24.24 2.28
CA TYR F 302 -16.34 -23.73 2.82
C TYR F 302 -17.41 -24.82 2.91
N ALA F 303 -17.47 -25.68 1.89
CA ALA F 303 -18.39 -26.82 1.95
C ALA F 303 -18.06 -27.77 3.10
N ILE F 304 -16.77 -28.07 3.29
CA ILE F 304 -16.38 -28.95 4.39
C ILE F 304 -16.69 -28.30 5.73
N LEU F 305 -16.50 -26.99 5.84
CA LEU F 305 -16.89 -26.26 7.05
C LEU F 305 -18.38 -26.39 7.32
N ARG F 306 -19.21 -26.18 6.30
CA ARG F 306 -20.66 -26.26 6.49
C ARG F 306 -21.15 -27.67 6.74
N ALA F 307 -20.43 -28.69 6.28
CA ALA F 307 -20.94 -30.06 6.35
C ALA F 307 -21.14 -30.53 7.79
N PHE F 308 -20.33 -30.03 8.73
CA PHE F 308 -20.34 -30.52 10.10
C PHE F 308 -21.22 -29.61 10.96
N THR F 309 -22.53 -29.85 10.87
CA THR F 309 -23.48 -29.28 11.82
C THR F 309 -23.53 -30.10 13.11
N ALA F 310 -24.12 -29.50 14.14
CA ALA F 310 -24.08 -30.04 15.49
C ALA F 310 -24.81 -31.38 15.62
N ASP F 311 -25.69 -31.72 14.68
CA ASP F 311 -26.37 -33.00 14.68
C ASP F 311 -25.53 -34.14 14.11
N VAL F 312 -24.42 -33.83 13.46
CA VAL F 312 -23.58 -34.88 12.86
C VAL F 312 -22.98 -35.74 13.96
N TRP F 313 -23.15 -37.06 13.82
CA TRP F 313 -22.85 -37.99 14.91
C TRP F 313 -21.41 -37.87 15.39
N VAL F 314 -20.47 -37.74 14.46
CA VAL F 314 -19.06 -37.60 14.85
C VAL F 314 -18.85 -36.31 15.63
N VAL F 315 -19.56 -35.25 15.26
CA VAL F 315 -19.45 -33.99 16.00
C VAL F 315 -19.98 -34.18 17.42
N GLN F 316 -21.11 -34.88 17.57
CA GLN F 316 -21.67 -35.14 18.89
C GLN F 316 -20.70 -35.95 19.74
N ILE F 317 -20.10 -36.99 19.16
CA ILE F 317 -19.11 -37.80 19.87
C ILE F 317 -17.94 -36.93 20.33
N ALA F 318 -17.38 -36.14 19.41
CA ALA F 318 -16.24 -35.30 19.77
C ALA F 318 -16.61 -34.30 20.86
N ASN F 319 -17.80 -33.72 20.78
CA ASN F 319 -18.27 -32.80 21.82
C ASN F 319 -18.37 -33.49 23.16
N PHE F 320 -18.91 -34.71 23.18
CA PHE F 320 -18.98 -35.48 24.42
C PHE F 320 -17.60 -35.74 24.99
N ILE F 321 -16.74 -36.42 24.21
CA ILE F 321 -15.46 -36.86 24.75
C ILE F 321 -14.54 -35.69 25.07
N SER F 322 -14.72 -34.55 24.41
CA SER F 322 -13.97 -33.34 24.76
C SER F 322 -14.57 -32.60 25.95
N PHE F 323 -15.68 -33.10 26.50
CA PHE F 323 -16.40 -32.44 27.59
C PHE F 323 -16.78 -31.01 27.21
N GLY F 324 -17.24 -30.84 25.97
CA GLY F 324 -17.68 -29.55 25.47
C GLY F 324 -16.58 -28.63 25.01
N ILE F 325 -15.32 -29.03 25.11
CA ILE F 325 -14.24 -28.20 24.60
C ILE F 325 -14.27 -28.12 23.08
N ILE F 326 -14.74 -29.18 22.42
CA ILE F 326 -15.01 -29.15 20.99
C ILE F 326 -16.51 -29.02 20.76
N ASP F 327 -16.88 -28.15 19.82
CA ASP F 327 -18.26 -28.00 19.40
C ASP F 327 -18.30 -27.93 17.87
N ALA F 328 -19.52 -27.92 17.33
CA ALA F 328 -19.70 -27.92 15.88
C ALA F 328 -18.93 -26.79 15.20
N LYS F 329 -18.91 -25.61 15.81
CA LYS F 329 -18.11 -24.50 15.29
C LYS F 329 -16.63 -24.88 15.21
N PHE F 330 -16.06 -25.28 16.34
CA PHE F 330 -14.63 -25.59 16.37
C PHE F 330 -14.33 -26.88 15.63
N PHE F 331 -15.22 -27.87 15.71
CA PHE F 331 -15.05 -29.08 14.91
C PHE F 331 -15.00 -28.74 13.43
N GLY F 332 -15.90 -27.89 12.96
CA GLY F 332 -15.88 -27.47 11.56
C GLY F 332 -14.61 -26.76 11.17
N VAL F 333 -14.11 -25.90 12.06
CA VAL F 333 -12.86 -25.18 11.76
C VAL F 333 -11.68 -26.15 11.71
N LEU F 334 -11.63 -27.08 12.66
CA LEU F 334 -10.59 -28.09 12.66
C LEU F 334 -10.65 -28.95 11.40
N ALA F 335 -11.85 -29.31 10.95
CA ALA F 335 -11.99 -30.10 9.73
C ALA F 335 -11.55 -29.30 8.51
N MET F 336 -11.98 -28.05 8.41
CA MET F 336 -11.61 -27.21 7.28
C MET F 336 -10.10 -27.01 7.19
N PHE F 337 -9.39 -27.00 8.33
CA PHE F 337 -7.93 -26.98 8.23
C PHE F 337 -7.33 -28.38 8.01
N GLY F 338 -7.94 -29.41 8.60
CA GLY F 338 -7.50 -30.76 8.35
C GLY F 338 -7.53 -31.15 6.89
N ALA F 339 -8.47 -30.60 6.13
CA ALA F 339 -8.56 -30.92 4.71
C ALA F 339 -7.25 -30.59 3.99
N ILE F 340 -6.57 -29.52 4.40
CA ILE F 340 -5.28 -29.17 3.81
C ILE F 340 -4.14 -29.87 4.53
N LEU F 341 -4.22 -29.99 5.86
CA LEU F 341 -3.20 -30.71 6.62
C LEU F 341 -2.98 -32.13 6.08
N VAL F 342 -4.08 -32.86 5.89
CA VAL F 342 -3.97 -34.26 5.50
C VAL F 342 -3.43 -34.39 4.09
N MET F 343 -3.69 -33.39 3.24
CA MET F 343 -3.08 -33.36 1.92
C MET F 343 -1.60 -33.05 1.97
N ALA F 344 -1.16 -32.22 2.91
CA ALA F 344 0.27 -32.00 3.10
C ALA F 344 1.00 -33.27 3.52
N LEU F 345 0.33 -34.14 4.27
CA LEU F 345 0.93 -35.38 4.77
C LEU F 345 0.93 -36.53 3.77
N VAL F 346 0.38 -36.34 2.57
CA VAL F 346 0.29 -37.41 1.57
C VAL F 346 1.61 -38.10 1.23
N PRO F 347 2.79 -37.47 1.28
CA PRO F 347 4.01 -38.25 0.98
C PRO F 347 4.24 -39.40 1.94
N TRP F 348 3.77 -39.29 3.18
CA TRP F 348 3.95 -40.32 4.20
C TRP F 348 2.76 -41.26 4.33
N LEU F 349 1.55 -40.78 4.01
CA LEU F 349 0.37 -41.63 4.12
C LEU F 349 0.34 -42.69 3.03
N ASP F 350 0.86 -42.39 1.85
CA ASP F 350 0.89 -43.37 0.76
C ASP F 350 2.04 -44.34 1.03
N THR F 351 1.69 -45.54 1.48
CA THR F 351 2.66 -46.58 1.80
C THR F 351 3.17 -47.34 0.59
N SER F 352 2.57 -47.14 -0.58
CA SER F 352 2.90 -47.97 -1.73
C SER F 352 4.34 -47.72 -2.19
N PRO F 353 5.05 -48.76 -2.64
CA PRO F 353 6.37 -48.55 -3.25
C PRO F 353 6.31 -48.06 -4.69
N VAL F 354 5.19 -48.22 -5.38
CA VAL F 354 5.10 -47.87 -6.80
C VAL F 354 4.83 -46.38 -6.92
N ARG F 355 5.64 -45.70 -7.74
CA ARG F 355 5.53 -44.26 -7.92
C ARG F 355 4.32 -43.84 -8.76
N SER F 356 4.31 -44.21 -10.03
CA SER F 356 3.30 -43.70 -10.94
C SER F 356 1.98 -44.44 -10.77
N GLY F 357 0.89 -43.68 -10.66
CA GLY F 357 -0.44 -44.24 -10.52
C GLY F 357 -0.94 -45.01 -11.72
N ARG F 358 -0.39 -44.78 -12.91
CA ARG F 358 -0.88 -45.47 -14.10
C ARG F 358 -0.57 -46.96 -14.09
N TYR F 359 0.31 -47.43 -13.21
CA TYR F 359 0.57 -48.85 -13.06
C TYR F 359 -0.13 -49.43 -11.83
N ARG F 360 -1.02 -48.66 -11.22
CA ARG F 360 -1.71 -49.01 -9.98
C ARG F 360 -3.20 -49.16 -10.29
N PRO F 361 -3.67 -50.36 -10.65
CA PRO F 361 -5.00 -50.45 -11.26
C PRO F 361 -6.15 -50.15 -10.32
N MET F 362 -5.98 -50.32 -9.01
CA MET F 362 -7.01 -49.90 -8.06
C MET F 362 -6.91 -48.42 -7.72
N PHE F 363 -5.68 -47.91 -7.53
CA PHE F 363 -5.47 -46.51 -7.20
C PHE F 363 -6.17 -45.57 -8.17
N LYS F 364 -6.17 -45.90 -9.47
CA LYS F 364 -6.86 -45.08 -10.46
C LYS F 364 -8.30 -44.78 -10.08
N ILE F 365 -9.00 -45.78 -9.56
CA ILE F 365 -10.41 -45.61 -9.21
C ILE F 365 -10.57 -44.60 -8.09
N TYR F 366 -9.86 -44.79 -6.99
CA TYR F 366 -9.98 -43.87 -5.86
C TYR F 366 -9.48 -42.48 -6.21
N PHE F 367 -8.46 -42.36 -7.06
CA PHE F 367 -8.02 -41.04 -7.52
C PHE F 367 -9.11 -40.32 -8.30
N TRP F 368 -9.71 -40.99 -9.29
CA TRP F 368 -10.75 -40.32 -10.06
C TRP F 368 -11.98 -40.04 -9.22
N LEU F 369 -12.28 -40.91 -8.25
CA LEU F 369 -13.29 -40.60 -7.25
C LEU F 369 -12.94 -39.34 -6.47
N LEU F 370 -11.66 -39.18 -6.10
CA LEU F 370 -11.23 -37.98 -5.38
C LEU F 370 -11.41 -36.73 -6.23
N ALA F 371 -11.05 -36.80 -7.52
CA ALA F 371 -11.21 -35.64 -8.39
C ALA F 371 -12.68 -35.27 -8.55
N ALA F 372 -13.53 -36.29 -8.72
CA ALA F 372 -14.97 -36.03 -8.77
C ALA F 372 -15.47 -35.47 -7.45
N ASP F 373 -14.98 -36.00 -6.34
CA ASP F 373 -15.35 -35.50 -5.02
C ASP F 373 -14.96 -34.04 -4.85
N PHE F 374 -13.79 -33.65 -5.33
CA PHE F 374 -13.37 -32.25 -5.28
C PHE F 374 -14.27 -31.36 -6.14
N VAL F 375 -14.72 -31.88 -7.28
CA VAL F 375 -15.70 -31.15 -8.08
C VAL F 375 -17.01 -30.99 -7.32
N ILE F 376 -17.49 -32.07 -6.70
CA ILE F 376 -18.71 -32.02 -5.91
C ILE F 376 -18.58 -31.01 -4.78
N LEU F 377 -17.46 -31.05 -4.07
CA LEU F 377 -17.22 -30.08 -2.99
C LEU F 377 -17.26 -28.65 -3.50
N THR F 378 -16.70 -28.41 -4.69
CA THR F 378 -16.82 -27.07 -5.28
C THR F 378 -18.27 -26.71 -5.55
N TRP F 379 -19.03 -27.65 -6.14
CA TRP F 379 -20.41 -27.38 -6.50
C TRP F 379 -21.33 -27.25 -5.29
N VAL F 380 -21.21 -28.14 -4.30
CA VAL F 380 -22.04 -28.04 -3.10
C VAL F 380 -21.77 -26.76 -2.34
N GLY F 381 -20.56 -26.22 -2.42
CA GLY F 381 -20.27 -24.95 -1.78
C GLY F 381 -21.19 -23.83 -2.21
N ALA F 382 -21.66 -23.86 -3.45
CA ALA F 382 -22.57 -22.83 -3.95
C ALA F 382 -24.03 -23.09 -3.60
N GLN F 383 -24.37 -24.28 -3.12
CA GLN F 383 -25.75 -24.61 -2.83
C GLN F 383 -26.13 -24.22 -1.41
N GLN F 384 -27.43 -24.19 -1.15
CA GLN F 384 -27.94 -23.99 0.20
C GLN F 384 -27.70 -25.22 1.07
N THR F 385 -27.89 -25.04 2.37
CA THR F 385 -27.55 -26.06 3.36
C THR F 385 -28.71 -27.03 3.60
N THR F 386 -29.83 -26.86 2.91
CA THR F 386 -30.96 -27.76 3.08
C THR F 386 -30.63 -29.16 2.57
N PHE F 387 -31.53 -30.09 2.90
CA PHE F 387 -31.57 -31.38 2.23
C PHE F 387 -31.70 -31.16 0.72
N PRO F 388 -31.05 -32.00 -0.12
CA PRO F 388 -30.14 -33.08 0.24
C PRO F 388 -28.68 -32.65 0.35
N TYR F 389 -28.43 -31.35 0.14
CA TYR F 389 -27.06 -30.88 -0.02
C TYR F 389 -26.23 -31.05 1.26
N ASP F 390 -26.89 -31.05 2.43
CA ASP F 390 -26.18 -31.37 3.66
C ASP F 390 -25.60 -32.79 3.62
N TRP F 391 -26.41 -33.75 3.18
CA TRP F 391 -25.92 -35.13 3.03
C TRP F 391 -24.81 -35.21 2.01
N ILE F 392 -25.00 -34.60 0.84
CA ILE F 392 -23.99 -34.68 -0.22
C ILE F 392 -22.68 -34.10 0.26
N SER F 393 -22.71 -32.92 0.87
CA SER F 393 -21.49 -32.29 1.38
C SER F 393 -20.84 -33.11 2.50
N LEU F 394 -21.65 -33.74 3.35
CA LEU F 394 -21.08 -34.56 4.41
C LEU F 394 -20.39 -35.79 3.84
N ILE F 395 -21.06 -36.48 2.92
CA ILE F 395 -20.46 -37.67 2.29
C ILE F 395 -19.19 -37.28 1.55
N ALA F 396 -19.22 -36.15 0.83
CA ALA F 396 -18.03 -35.68 0.13
C ALA F 396 -16.86 -35.42 1.07
N SER F 397 -17.11 -34.68 2.17
CA SER F 397 -16.05 -34.44 3.14
C SER F 397 -15.51 -35.74 3.72
N ALA F 398 -16.41 -36.68 4.05
CA ALA F 398 -15.98 -37.95 4.58
C ALA F 398 -15.11 -38.72 3.60
N TYR F 399 -15.46 -38.70 2.32
CA TYR F 399 -14.62 -39.37 1.32
C TYR F 399 -13.27 -38.68 1.19
N TRP F 400 -13.28 -37.34 1.20
CA TRP F 400 -12.02 -36.60 1.15
C TRP F 400 -11.06 -37.03 2.26
N PHE F 401 -11.55 -37.09 3.49
CA PHE F 401 -10.70 -37.54 4.59
C PHE F 401 -10.33 -39.02 4.48
N ALA F 402 -11.31 -39.87 4.11
CA ALA F 402 -11.07 -41.30 4.01
C ALA F 402 -10.02 -41.64 2.97
N TYR F 403 -9.96 -40.88 1.87
CA TYR F 403 -8.97 -41.13 0.84
C TYR F 403 -7.56 -41.08 1.42
N PHE F 404 -7.22 -39.98 2.07
CA PHE F 404 -5.85 -39.83 2.60
C PHE F 404 -5.61 -40.72 3.82
N LEU F 405 -6.59 -40.82 4.73
CA LEU F 405 -6.33 -41.50 6.00
C LEU F 405 -6.54 -43.00 5.98
N VAL F 406 -7.32 -43.54 5.05
CA VAL F 406 -7.63 -44.97 5.03
C VAL F 406 -7.18 -45.61 3.73
N ILE F 407 -7.68 -45.09 2.62
CA ILE F 407 -7.51 -45.76 1.32
C ILE F 407 -6.04 -45.85 0.94
N LEU F 408 -5.32 -44.73 1.03
CA LEU F 408 -3.90 -44.75 0.67
C LEU F 408 -3.08 -45.69 1.54
N PRO F 409 -3.19 -45.68 2.88
CA PRO F 409 -2.44 -46.67 3.67
C PRO F 409 -2.78 -48.11 3.33
N ILE F 410 -4.05 -48.41 3.01
CA ILE F 410 -4.45 -49.78 2.72
C ILE F 410 -3.90 -50.22 1.37
N LEU F 411 -4.07 -49.39 0.33
CA LEU F 411 -3.72 -49.79 -1.02
C LEU F 411 -2.26 -50.23 -1.11
N GLY F 412 -1.36 -49.47 -0.47
CA GLY F 412 0.04 -49.85 -0.49
C GLY F 412 0.32 -51.15 0.24
N ALA F 413 -0.62 -51.60 1.07
CA ALA F 413 -0.50 -52.90 1.72
C ALA F 413 -1.17 -54.02 0.93
N ILE F 414 -2.06 -53.71 -0.01
CA ILE F 414 -2.85 -54.75 -0.66
C ILE F 414 -2.84 -54.68 -2.17
N GLU F 415 -2.43 -53.57 -2.80
CA GLU F 415 -2.54 -53.45 -4.25
C GLU F 415 -1.54 -54.37 -4.96
N LYS F 416 -1.97 -54.88 -6.11
CA LYS F 416 -1.18 -55.74 -6.99
C LYS F 416 -0.75 -54.97 -8.23
N PRO F 417 0.32 -54.19 -8.17
CA PRO F 417 0.63 -53.26 -9.27
C PRO F 417 1.11 -53.99 -10.51
N VAL F 418 0.92 -53.30 -11.65
CA VAL F 418 1.55 -53.71 -12.91
C VAL F 418 3.04 -53.39 -12.88
N ALA F 419 3.80 -54.08 -13.73
CA ALA F 419 5.22 -53.81 -13.86
C ALA F 419 5.45 -52.62 -14.79
N PRO F 420 6.13 -51.57 -14.34
CA PRO F 420 6.46 -50.46 -15.22
C PRO F 420 7.50 -50.84 -16.26
N PRO F 421 7.68 -50.00 -17.29
CA PRO F 421 8.77 -50.23 -18.25
C PRO F 421 10.14 -50.27 -17.58
N ALA F 422 11.11 -50.84 -18.31
CA ALA F 422 12.49 -50.84 -17.83
C ALA F 422 13.13 -49.46 -17.89
N THR F 423 12.78 -48.65 -18.89
CA THR F 423 13.42 -47.34 -19.05
C THR F 423 12.44 -46.36 -19.67
N ILE F 424 12.74 -45.08 -19.48
CA ILE F 424 12.02 -44.01 -20.16
C ILE F 424 12.18 -44.13 -21.68
N GLU F 425 13.39 -44.49 -22.13
CA GLU F 425 13.62 -44.72 -23.55
C GLU F 425 12.66 -45.74 -24.13
N GLU F 426 12.45 -46.85 -23.42
CA GLU F 426 11.52 -47.87 -23.90
C GLU F 426 10.11 -47.34 -24.05
N ASP F 427 9.62 -46.62 -23.03
CA ASP F 427 8.29 -46.03 -23.09
C ASP F 427 8.16 -45.05 -24.24
N PHE F 428 9.15 -44.16 -24.40
CA PHE F 428 9.13 -43.20 -25.50
C PHE F 428 9.10 -43.90 -26.86
N ASN F 429 9.94 -44.92 -27.03
CA ASN F 429 9.95 -45.66 -28.29
C ASN F 429 8.63 -46.36 -28.53
N ALA F 430 8.06 -46.97 -27.49
CA ALA F 430 6.80 -47.69 -27.65
C ALA F 430 5.67 -46.77 -28.11
N HIS F 431 5.73 -45.49 -27.73
CA HIS F 431 4.71 -44.53 -28.12
C HIS F 431 5.08 -43.73 -29.37
N TYR F 432 6.36 -43.69 -29.73
CA TYR F 432 6.86 -42.82 -30.79
C TYR F 432 6.48 -41.37 -30.55
N GLY G 25 -33.17 -11.87 -9.28
CA GLY G 25 -34.50 -12.02 -9.83
C GLY G 25 -34.62 -13.16 -10.83
N GLY G 26 -35.54 -14.07 -10.56
CA GLY G 26 -35.77 -15.18 -11.46
C GLY G 26 -36.67 -14.81 -12.63
N HIS G 27 -36.52 -15.56 -13.71
CA HIS G 27 -37.36 -15.43 -14.91
C HIS G 27 -37.38 -13.98 -15.41
N VAL G 28 -36.22 -13.33 -15.35
CA VAL G 28 -36.05 -12.06 -16.05
C VAL G 28 -36.32 -12.24 -17.54
N GLU G 29 -36.88 -11.19 -18.15
CA GLU G 29 -37.05 -11.15 -19.61
C GLU G 29 -35.69 -10.98 -20.29
N ASP G 30 -35.35 -11.94 -21.15
CA ASP G 30 -34.12 -11.88 -21.93
C ASP G 30 -34.31 -10.90 -23.08
N VAL G 31 -34.18 -9.62 -22.76
CA VAL G 31 -34.29 -8.56 -23.78
C VAL G 31 -33.05 -8.60 -24.67
N PRO G 32 -33.21 -8.61 -26.00
CA PRO G 32 -32.07 -8.38 -26.90
C PRO G 32 -31.61 -6.93 -26.86
N PHE G 33 -30.37 -6.72 -26.44
CA PHE G 33 -29.74 -5.41 -26.45
C PHE G 33 -28.60 -5.40 -27.46
N SER G 34 -28.44 -4.27 -28.15
CA SER G 34 -27.45 -4.18 -29.21
C SER G 34 -26.02 -4.33 -28.71
N PHE G 35 -25.75 -4.02 -27.44
CA PHE G 35 -24.41 -4.19 -26.87
C PHE G 35 -24.09 -5.64 -26.51
N GLU G 36 -25.07 -6.54 -26.55
CA GLU G 36 -24.81 -7.93 -26.23
C GLU G 36 -23.94 -8.60 -27.29
N GLY G 37 -23.23 -9.64 -26.86
CA GLY G 37 -22.32 -10.37 -27.71
C GLY G 37 -21.00 -9.66 -27.92
N PRO G 38 -20.00 -10.39 -28.43
CA PRO G 38 -18.66 -9.80 -28.57
C PRO G 38 -18.59 -8.68 -29.58
N PHE G 39 -19.45 -8.68 -30.60
CA PHE G 39 -19.52 -7.61 -31.57
C PHE G 39 -20.52 -6.52 -31.19
N GLY G 40 -21.21 -6.67 -30.06
CA GLY G 40 -22.22 -5.71 -29.69
C GLY G 40 -21.63 -4.34 -29.38
N THR G 41 -22.42 -3.31 -29.65
CA THR G 41 -22.01 -1.93 -29.43
C THR G 41 -23.21 -1.13 -28.93
N PHE G 42 -22.91 -0.04 -28.22
CA PHE G 42 -23.96 0.88 -27.79
C PHE G 42 -24.54 1.66 -28.96
N ASP G 43 -25.87 1.78 -28.97
CA ASP G 43 -26.55 2.74 -29.84
C ASP G 43 -26.50 4.11 -29.18
N GLN G 44 -25.73 5.03 -29.76
CA GLN G 44 -25.57 6.37 -29.19
C GLN G 44 -26.93 7.05 -28.98
N HIS G 45 -27.86 6.88 -29.92
CA HIS G 45 -29.16 7.52 -29.78
C HIS G 45 -30.00 6.85 -28.71
N GLN G 46 -29.92 5.53 -28.60
CA GLN G 46 -30.57 4.85 -27.48
C GLN G 46 -29.99 5.30 -26.15
N LEU G 47 -28.67 5.52 -26.10
CA LEU G 47 -28.06 6.04 -24.88
C LEU G 47 -28.57 7.43 -24.55
N GLN G 48 -28.67 8.31 -25.55
CA GLN G 48 -29.20 9.65 -25.30
C GLN G 48 -30.66 9.62 -24.85
N ARG G 49 -31.47 8.75 -25.45
CA ARG G 49 -32.84 8.55 -24.97
C ARG G 49 -32.87 8.07 -23.52
N GLY G 50 -32.04 7.09 -23.18
CA GLY G 50 -31.98 6.64 -21.80
C GLY G 50 -31.53 7.71 -20.83
N LEU G 51 -30.55 8.53 -21.25
CA LEU G 51 -30.13 9.67 -20.45
C LEU G 51 -31.28 10.64 -20.22
N GLN G 52 -32.06 10.93 -21.27
CA GLN G 52 -33.21 11.81 -21.11
C GLN G 52 -34.23 11.23 -20.14
N VAL G 53 -34.55 9.94 -20.30
CA VAL G 53 -35.49 9.28 -19.39
C VAL G 53 -35.00 9.36 -17.95
N TYR G 54 -33.72 9.05 -17.72
CA TYR G 54 -33.18 9.13 -16.37
C TYR G 54 -33.27 10.55 -15.82
N THR G 55 -32.84 11.53 -16.60
CA THR G 55 -32.79 12.92 -16.15
C THR G 55 -34.18 13.43 -15.81
N GLU G 56 -35.18 13.12 -16.63
CA GLU G 56 -36.51 13.68 -16.38
C GLU G 56 -37.25 12.90 -15.30
N VAL G 57 -37.13 11.58 -15.28
CA VAL G 57 -37.94 10.79 -14.35
C VAL G 57 -37.04 10.29 -13.21
N CYS G 58 -36.09 9.40 -13.54
CA CYS G 58 -35.42 8.62 -12.50
C CYS G 58 -34.54 9.48 -11.61
N ALA G 59 -33.92 10.52 -12.17
CA ALA G 59 -32.99 11.34 -11.39
C ALA G 59 -33.64 12.08 -10.23
N ALA G 60 -34.98 12.14 -10.20
CA ALA G 60 -35.65 12.75 -9.05
C ALA G 60 -35.39 11.96 -7.78
N CYS G 61 -35.43 10.63 -7.85
CA CYS G 61 -35.20 9.77 -6.71
C CYS G 61 -33.76 9.27 -6.61
N HIS G 62 -33.27 8.64 -7.67
CA HIS G 62 -31.99 7.96 -7.65
C HIS G 62 -30.85 8.92 -8.00
N GLY G 63 -29.63 8.49 -7.64
CA GLY G 63 -28.43 9.21 -8.04
C GLY G 63 -27.42 8.29 -8.69
N MET G 64 -26.31 8.89 -9.11
CA MET G 64 -25.23 8.19 -9.78
C MET G 64 -23.88 8.74 -9.29
N LYS G 65 -23.63 8.60 -7.99
CA LYS G 65 -22.51 9.28 -7.35
C LYS G 65 -21.16 8.93 -7.96
N PHE G 66 -21.05 7.81 -8.65
CA PHE G 66 -19.77 7.37 -9.21
C PHE G 66 -19.58 7.74 -10.67
N VAL G 67 -20.55 8.41 -11.29
CA VAL G 67 -20.48 8.75 -12.70
C VAL G 67 -20.05 10.21 -12.82
N PRO G 68 -18.88 10.49 -13.41
CA PRO G 68 -18.54 11.89 -13.73
C PRO G 68 -19.40 12.41 -14.87
N ILE G 69 -19.95 13.62 -14.69
CA ILE G 69 -20.84 14.19 -15.70
C ILE G 69 -20.10 14.40 -17.02
N ARG G 70 -18.84 14.80 -16.93
CA ARG G 70 -17.97 14.95 -18.10
C ARG G 70 -17.96 13.70 -18.98
N SER G 71 -18.17 12.52 -18.40
CA SER G 71 -18.12 11.29 -19.19
C SER G 71 -19.22 11.20 -20.24
N LEU G 72 -20.28 12.01 -20.11
CA LEU G 72 -21.31 12.08 -21.15
C LEU G 72 -20.75 12.56 -22.49
N SER G 73 -19.61 13.26 -22.48
CA SER G 73 -18.99 13.73 -23.71
C SER G 73 -17.97 12.75 -24.28
N GLU G 74 -17.59 11.71 -23.54
CA GLU G 74 -16.45 10.89 -23.91
C GLU G 74 -16.85 9.82 -24.91
N PRO G 75 -15.90 9.34 -25.72
CA PRO G 75 -16.24 8.39 -26.78
C PRO G 75 -16.84 7.10 -26.25
N GLY G 76 -17.75 6.53 -27.04
CA GLY G 76 -18.47 5.33 -26.66
C GLY G 76 -19.68 5.55 -25.80
N GLY G 77 -19.90 6.76 -25.29
CA GLY G 77 -21.08 7.07 -24.53
C GLY G 77 -22.11 7.79 -25.37
N PRO G 78 -22.95 8.60 -24.72
CA PRO G 78 -23.83 9.50 -25.48
C PRO G 78 -23.09 10.47 -26.38
N GLU G 79 -21.82 10.75 -26.08
CA GLU G 79 -20.94 11.54 -26.95
C GLU G 79 -21.53 12.91 -27.24
N LEU G 80 -22.14 13.51 -26.23
CA LEU G 80 -22.70 14.84 -26.36
C LEU G 80 -21.57 15.86 -26.57
N PRO G 81 -21.84 16.93 -27.32
CA PRO G 81 -20.90 18.05 -27.37
C PRO G 81 -20.65 18.63 -25.98
N GLU G 82 -19.41 19.06 -25.75
CA GLU G 82 -19.00 19.50 -24.43
C GLU G 82 -19.81 20.69 -23.94
N ASP G 83 -20.23 21.57 -24.86
CA ASP G 83 -21.08 22.69 -24.48
C ASP G 83 -22.46 22.21 -24.00
N GLN G 84 -22.97 21.13 -24.60
CA GLN G 84 -24.22 20.55 -24.09
C GLN G 84 -24.03 19.90 -22.73
N VAL G 85 -22.89 19.23 -22.50
CA VAL G 85 -22.63 18.65 -21.20
C VAL G 85 -22.49 19.75 -20.14
N ARG G 86 -21.84 20.86 -20.51
CA ARG G 86 -21.72 22.01 -19.61
C ARG G 86 -23.07 22.62 -19.28
N ALA G 87 -23.96 22.74 -20.28
CA ALA G 87 -25.32 23.19 -20.00
C ALA G 87 -26.06 22.20 -19.10
N TYR G 88 -25.90 20.90 -19.37
CA TYR G 88 -26.55 19.88 -18.55
C TYR G 88 -26.08 19.96 -17.10
N ALA G 89 -24.77 20.06 -16.89
CA ALA G 89 -24.22 20.13 -15.54
C ALA G 89 -24.75 21.33 -14.76
N THR G 90 -24.99 22.45 -15.44
CA THR G 90 -25.48 23.65 -14.77
C THR G 90 -26.85 23.46 -14.14
N GLN G 91 -27.60 22.44 -14.55
CA GLN G 91 -28.89 22.17 -13.89
C GLN G 91 -28.70 21.74 -12.44
N PHE G 92 -27.57 21.10 -12.13
CA PHE G 92 -27.30 20.70 -10.75
C PHE G 92 -26.68 21.86 -9.98
N THR G 93 -26.69 21.74 -8.65
CA THR G 93 -25.89 22.62 -7.81
C THR G 93 -25.45 21.86 -6.56
N VAL G 94 -24.19 22.09 -6.17
CA VAL G 94 -23.47 21.21 -5.25
C VAL G 94 -22.74 22.05 -4.22
N THR G 95 -22.60 21.49 -3.01
CA THR G 95 -21.83 22.11 -1.94
C THR G 95 -20.33 22.00 -2.20
N ASP G 96 -19.76 23.03 -2.81
CA ASP G 96 -18.38 22.96 -3.28
C ASP G 96 -17.41 22.93 -2.10
N GLU G 97 -16.34 22.16 -2.25
CA GLU G 97 -15.34 21.99 -1.20
C GLU G 97 -14.68 23.33 -0.82
N GLU G 98 -14.37 24.16 -1.81
CA GLU G 98 -13.64 25.40 -1.54
C GLU G 98 -14.51 26.49 -0.94
N THR G 99 -15.79 26.56 -1.31
CA THR G 99 -16.67 27.59 -0.77
C THR G 99 -17.58 27.08 0.34
N GLY G 100 -17.76 25.78 0.47
CA GLY G 100 -18.59 25.27 1.54
C GLY G 100 -20.06 25.56 1.37
N GLU G 101 -20.48 25.91 0.16
CA GLU G 101 -21.79 26.51 -0.07
C GLU G 101 -22.28 26.10 -1.45
N ASP G 102 -23.60 26.17 -1.62
CA ASP G 102 -24.24 25.66 -2.82
C ASP G 102 -23.72 26.35 -4.08
N ARG G 103 -23.26 25.54 -5.03
CA ARG G 103 -22.51 26.02 -6.18
C ARG G 103 -22.95 25.19 -7.38
N GLU G 104 -23.27 25.86 -8.49
CA GLU G 104 -23.84 25.17 -9.65
C GLU G 104 -22.90 24.11 -10.21
N GLY G 105 -23.49 23.01 -10.66
CA GLY G 105 -22.70 21.86 -11.07
C GLY G 105 -21.84 22.17 -12.29
N LYS G 106 -20.66 21.56 -12.32
CA LYS G 106 -19.74 21.65 -13.44
C LYS G 106 -19.42 20.25 -13.96
N PRO G 107 -18.96 20.13 -15.21
CA PRO G 107 -18.74 18.80 -15.78
C PRO G 107 -17.77 17.93 -14.98
N THR G 108 -16.83 18.54 -14.26
CA THR G 108 -15.93 17.78 -13.41
C THR G 108 -16.61 17.21 -12.17
N ASP G 109 -17.75 17.76 -11.76
CA ASP G 109 -18.53 17.16 -10.69
C ASP G 109 -19.08 15.81 -11.12
N HIS G 110 -19.37 14.97 -10.12
CA HIS G 110 -20.14 13.76 -10.31
C HIS G 110 -21.64 14.07 -10.26
N PHE G 111 -22.42 13.12 -10.79
CA PHE G 111 -23.85 13.12 -10.54
C PHE G 111 -24.13 13.11 -9.03
N PRO G 112 -25.20 13.76 -8.59
CA PRO G 112 -25.49 13.82 -7.16
C PRO G 112 -25.91 12.46 -6.60
N HIS G 113 -25.81 12.37 -5.28
CA HIS G 113 -26.32 11.20 -4.56
C HIS G 113 -27.83 11.12 -4.66
N SER G 114 -28.37 9.95 -4.31
CA SER G 114 -29.81 9.74 -4.31
C SER G 114 -30.50 10.72 -3.37
N ALA G 115 -31.42 11.50 -3.91
CA ALA G 115 -32.13 12.48 -3.08
C ALA G 115 -33.02 11.79 -2.07
N LEU G 116 -33.65 10.68 -2.45
CA LEU G 116 -34.33 9.81 -1.49
C LEU G 116 -33.33 8.81 -0.94
N GLU G 117 -33.08 8.88 0.37
CA GLU G 117 -32.11 8.00 1.01
C GLU G 117 -32.47 6.53 0.89
N ASN G 118 -33.76 6.21 0.72
CA ASN G 118 -34.19 4.83 0.53
C ASN G 118 -33.78 4.28 -0.84
N ALA G 119 -33.59 5.13 -1.84
CA ALA G 119 -33.43 4.68 -3.21
C ALA G 119 -31.97 4.33 -3.48
N PRO G 120 -31.66 3.10 -3.90
CA PRO G 120 -30.27 2.72 -4.15
C PRO G 120 -29.61 3.58 -5.23
N ASP G 121 -28.29 3.72 -5.11
CA ASP G 121 -27.50 4.34 -6.17
C ASP G 121 -27.42 3.42 -7.38
N LEU G 122 -27.59 4.01 -8.57
CA LEU G 122 -27.66 3.27 -9.83
C LEU G 122 -26.34 3.20 -10.58
N SER G 123 -25.25 3.75 -10.06
CA SER G 123 -24.00 3.77 -10.82
C SER G 123 -23.55 2.38 -11.25
N LEU G 124 -23.84 1.36 -10.45
CA LEU G 124 -23.37 0.01 -10.73
C LEU G 124 -24.49 -1.02 -10.73
N MET G 125 -25.75 -0.57 -10.68
CA MET G 125 -26.87 -1.49 -10.53
C MET G 125 -26.93 -2.51 -11.66
N ALA G 126 -26.56 -2.09 -12.88
CA ALA G 126 -26.57 -3.03 -14.01
C ALA G 126 -25.49 -4.10 -13.90
N LYS G 127 -24.48 -3.89 -13.06
CA LYS G 127 -23.53 -4.96 -12.75
C LYS G 127 -23.84 -5.67 -11.44
N ALA G 128 -24.49 -4.98 -10.50
CA ALA G 128 -24.77 -5.53 -9.17
C ALA G 128 -25.99 -6.44 -9.12
N ARG G 129 -26.54 -6.84 -10.27
CA ARG G 129 -27.72 -7.69 -10.29
C ARG G 129 -27.56 -8.79 -11.33
N ALA G 130 -27.97 -10.00 -10.95
CA ALA G 130 -28.02 -11.14 -11.85
C ALA G 130 -29.46 -11.42 -12.24
N GLY G 131 -29.71 -11.53 -13.54
CA GLY G 131 -31.03 -11.89 -14.02
C GLY G 131 -31.20 -13.37 -14.33
N PHE G 132 -30.08 -14.07 -14.50
CA PHE G 132 -30.08 -15.46 -14.94
C PHE G 132 -29.34 -16.33 -13.93
N HIS G 133 -29.82 -17.55 -13.75
CA HIS G 133 -29.35 -18.41 -12.67
C HIS G 133 -29.32 -19.86 -13.16
N GLY G 134 -28.46 -20.65 -12.54
CA GLY G 134 -28.42 -22.07 -12.75
C GLY G 134 -28.09 -22.46 -14.19
N PRO G 135 -28.69 -23.56 -14.69
CA PRO G 135 -29.54 -24.51 -13.97
C PRO G 135 -28.83 -25.20 -12.82
N MET G 136 -29.58 -25.55 -11.76
CA MET G 136 -29.11 -26.42 -10.68
C MET G 136 -27.74 -25.95 -10.16
N GLY G 137 -27.59 -24.64 -10.03
CA GLY G 137 -26.35 -24.05 -9.54
C GLY G 137 -25.15 -24.16 -10.46
N THR G 138 -25.32 -24.63 -11.70
CA THR G 138 -24.18 -24.88 -12.56
C THR G 138 -23.63 -23.61 -13.22
N GLY G 139 -24.38 -22.52 -13.22
CA GLY G 139 -23.90 -21.30 -13.85
C GLY G 139 -23.87 -21.32 -15.37
N ILE G 140 -24.49 -22.31 -16.00
CA ILE G 140 -24.47 -22.39 -17.46
C ILE G 140 -25.40 -21.34 -18.06
N SER G 141 -26.52 -21.05 -17.39
CA SER G 141 -27.43 -20.03 -17.90
C SER G 141 -26.73 -18.68 -17.99
N GLN G 142 -26.00 -18.31 -16.94
CA GLN G 142 -25.20 -17.09 -17.03
C GLN G 142 -24.11 -17.23 -18.08
N LEU G 143 -23.60 -18.45 -18.29
CA LEU G 143 -22.52 -18.64 -19.25
C LEU G 143 -22.95 -18.36 -20.68
N PHE G 144 -24.22 -18.60 -21.02
CA PHE G 144 -24.70 -18.23 -22.35
C PHE G 144 -25.45 -16.90 -22.40
N ASN G 145 -26.25 -16.59 -21.39
CA ASN G 145 -27.08 -15.39 -21.39
C ASN G 145 -26.38 -14.16 -20.83
N GLY G 146 -25.19 -14.30 -20.25
CA GLY G 146 -24.58 -13.24 -19.49
C GLY G 146 -25.17 -13.09 -18.11
N ILE G 147 -24.74 -12.03 -17.42
CA ILE G 147 -25.19 -11.79 -16.05
C ILE G 147 -26.67 -11.40 -16.02
N GLY G 148 -27.13 -10.64 -17.00
CA GLY G 148 -28.54 -10.29 -17.05
C GLY G 148 -28.92 -9.02 -16.32
N GLY G 149 -27.98 -8.11 -16.08
CA GLY G 149 -28.23 -6.94 -15.28
C GLY G 149 -29.24 -5.97 -15.86
N PRO G 150 -28.96 -5.40 -17.03
CA PRO G 150 -29.94 -4.48 -17.65
C PRO G 150 -31.23 -5.17 -18.02
N GLU G 151 -31.19 -6.47 -18.34
CA GLU G 151 -32.43 -7.22 -18.52
C GLU G 151 -33.24 -7.26 -17.23
N TYR G 152 -32.57 -7.47 -16.09
CA TYR G 152 -33.25 -7.42 -14.80
C TYR G 152 -33.84 -6.04 -14.54
N ILE G 153 -33.08 -4.98 -14.82
CA ILE G 153 -33.60 -3.62 -14.65
C ILE G 153 -34.86 -3.42 -15.47
N TYR G 154 -34.81 -3.76 -16.77
CA TYR G 154 -36.00 -3.68 -17.61
C TYR G 154 -37.16 -4.49 -17.04
N SER G 155 -36.89 -5.70 -16.56
CA SER G 155 -37.95 -6.55 -16.04
C SER G 155 -38.58 -5.93 -14.79
N VAL G 156 -37.78 -5.27 -13.96
CA VAL G 156 -38.35 -4.60 -12.79
C VAL G 156 -39.18 -3.40 -13.21
N LEU G 157 -38.67 -2.59 -14.16
CA LEU G 157 -39.42 -1.45 -14.65
C LEU G 157 -40.74 -1.88 -15.30
N THR G 158 -40.71 -2.96 -16.08
CA THR G 158 -41.91 -3.50 -16.71
C THR G 158 -42.72 -4.39 -15.77
N GLY G 159 -42.24 -4.61 -14.55
CA GLY G 159 -42.75 -5.67 -13.69
C GLY G 159 -43.98 -5.34 -12.87
N PHE G 160 -44.45 -4.10 -12.93
CA PHE G 160 -45.66 -3.73 -12.19
C PHE G 160 -46.91 -4.11 -12.97
N PRO G 161 -47.65 -5.12 -12.53
CA PRO G 161 -48.89 -5.49 -13.22
C PRO G 161 -50.02 -4.52 -12.91
N GLU G 162 -51.09 -4.64 -13.70
CA GLU G 162 -52.26 -3.79 -13.48
C GLU G 162 -53.00 -4.19 -12.21
N GLU G 163 -52.96 -5.48 -11.85
CA GLU G 163 -53.74 -6.00 -10.74
C GLU G 163 -52.85 -6.85 -9.83
N PRO G 164 -53.01 -6.71 -8.52
CA PRO G 164 -52.26 -7.57 -7.57
C PRO G 164 -52.57 -9.04 -7.81
N PRO G 165 -51.87 -9.96 -7.12
CA PRO G 165 -52.11 -11.39 -7.37
C PRO G 165 -53.42 -11.91 -6.81
N LYS G 166 -54.17 -11.10 -6.07
CA LYS G 166 -55.48 -11.37 -5.48
C LYS G 166 -55.38 -12.28 -4.26
N CYS G 167 -54.21 -12.80 -3.92
CA CYS G 167 -54.07 -13.57 -2.70
C CYS G 167 -54.25 -12.69 -1.47
N ALA G 168 -53.76 -11.45 -1.54
CA ALA G 168 -53.95 -10.47 -0.47
C ALA G 168 -54.71 -9.27 -1.03
N GLU G 169 -55.84 -9.56 -1.69
CA GLU G 169 -56.64 -8.52 -2.34
C GLU G 169 -57.04 -7.42 -1.36
N GLY G 170 -57.34 -7.78 -0.11
CA GLY G 170 -57.66 -6.79 0.89
C GLY G 170 -56.59 -6.63 1.94
N HIS G 171 -55.39 -7.15 1.67
CA HIS G 171 -54.45 -7.49 2.73
C HIS G 171 -53.01 -7.12 2.38
N GLU G 172 -52.76 -6.60 1.18
CA GLU G 172 -51.40 -6.23 0.80
C GLU G 172 -50.93 -5.02 1.59
N PRO G 173 -49.62 -4.85 1.77
CA PRO G 173 -49.10 -3.63 2.37
C PRO G 173 -49.55 -2.38 1.63
N ASP G 174 -49.57 -1.27 2.37
CA ASP G 174 -50.04 0.00 1.84
C ASP G 174 -48.92 0.82 1.20
N GLY G 175 -47.77 0.90 1.86
CA GLY G 175 -46.64 1.67 1.38
C GLY G 175 -45.78 0.98 0.34
N PHE G 176 -46.26 -0.11 -0.26
CA PHE G 176 -45.46 -0.92 -1.15
C PHE G 176 -46.33 -1.43 -2.28
N TYR G 177 -45.68 -1.82 -3.37
CA TYR G 177 -46.36 -2.17 -4.61
C TYR G 177 -45.86 -3.51 -5.10
N TYR G 178 -46.77 -4.35 -5.57
CA TYR G 178 -46.40 -5.65 -6.11
C TYR G 178 -45.67 -5.50 -7.45
N ASN G 179 -44.54 -6.20 -7.57
CA ASN G 179 -43.77 -6.26 -8.81
C ASN G 179 -43.41 -7.71 -9.05
N ARG G 180 -43.64 -8.19 -10.27
CA ARG G 180 -43.48 -9.62 -10.53
C ARG G 180 -42.01 -10.02 -10.73
N ALA G 181 -41.13 -9.06 -10.98
CA ALA G 181 -39.71 -9.38 -11.13
C ALA G 181 -38.94 -9.27 -9.81
N PHE G 182 -39.33 -8.33 -8.94
CA PHE G 182 -38.59 -8.10 -7.71
C PHE G 182 -38.81 -9.26 -6.75
N GLN G 183 -37.72 -9.76 -6.14
CA GLN G 183 -37.79 -10.94 -5.29
C GLN G 183 -37.49 -10.66 -3.82
N ASN G 184 -36.79 -9.58 -3.50
CA ASN G 184 -36.33 -9.33 -2.13
C ASN G 184 -37.40 -8.68 -1.24
N GLY G 185 -38.58 -8.40 -1.77
CA GLY G 185 -39.54 -7.59 -1.04
C GLY G 185 -40.30 -8.34 0.03
N SER G 186 -41.09 -7.59 0.79
CA SER G 186 -42.01 -8.16 1.74
C SER G 186 -43.09 -8.97 1.03
N VAL G 187 -43.69 -9.91 1.76
CA VAL G 187 -44.80 -10.71 1.26
C VAL G 187 -45.88 -10.79 2.32
N PRO G 188 -47.14 -10.57 1.96
CA PRO G 188 -48.23 -10.82 2.91
C PRO G 188 -48.32 -12.28 3.30
N ASP G 189 -48.58 -12.53 4.59
CA ASP G 189 -48.62 -13.90 5.09
C ASP G 189 -49.70 -14.74 4.42
N THR G 190 -50.72 -14.12 3.84
CA THR G 190 -51.70 -14.88 3.07
C THR G 190 -51.13 -15.32 1.74
N CYS G 191 -50.16 -14.57 1.20
CA CYS G 191 -49.42 -15.02 0.03
C CYS G 191 -48.29 -15.96 0.41
N LYS G 192 -47.72 -15.78 1.61
CA LYS G 192 -46.63 -16.61 2.08
C LYS G 192 -47.10 -18.03 2.33
N ASP G 193 -46.15 -18.97 2.29
CA ASP G 193 -46.39 -20.35 2.67
C ASP G 193 -45.36 -20.79 3.69
N ALA G 194 -45.81 -21.56 4.68
CA ALA G 194 -44.89 -22.32 5.52
C ALA G 194 -44.45 -23.61 4.83
N ASN G 195 -45.39 -24.32 4.21
CA ASN G 195 -45.06 -25.57 3.54
C ASN G 195 -44.07 -25.34 2.40
N GLY G 196 -44.36 -24.38 1.52
CA GLY G 196 -43.36 -23.89 0.59
C GLY G 196 -42.57 -22.73 1.13
N VAL G 197 -42.49 -21.64 0.37
CA VAL G 197 -41.98 -20.38 0.88
C VAL G 197 -42.90 -19.23 0.49
N LYS G 198 -43.37 -19.22 -0.75
CA LYS G 198 -44.05 -18.06 -1.30
C LYS G 198 -44.86 -18.47 -2.52
N THR G 199 -46.14 -18.08 -2.54
CA THR G 199 -46.99 -18.40 -3.68
C THR G 199 -46.59 -17.58 -4.91
N THR G 200 -46.40 -16.28 -4.74
CA THR G 200 -46.30 -15.37 -5.87
C THR G 200 -44.92 -15.45 -6.53
N ALA G 201 -44.87 -15.10 -7.81
CA ALA G 201 -43.60 -15.07 -8.52
C ALA G 201 -42.71 -13.95 -8.02
N GLY G 202 -43.28 -12.78 -7.76
CA GLY G 202 -42.53 -11.58 -7.43
C GLY G 202 -42.54 -11.28 -5.95
N SER G 203 -42.69 -10.00 -5.62
CA SER G 203 -42.86 -9.54 -4.24
C SER G 203 -43.30 -8.08 -4.29
N TRP G 204 -43.45 -7.47 -3.12
CA TRP G 204 -43.88 -6.09 -3.01
C TRP G 204 -42.68 -5.18 -2.82
N ILE G 205 -42.59 -4.15 -3.66
CA ILE G 205 -41.46 -3.24 -3.71
C ILE G 205 -41.92 -1.85 -3.27
N ALA G 206 -41.02 -1.12 -2.65
CA ALA G 206 -41.33 0.23 -2.16
C ALA G 206 -41.37 1.25 -3.29
N MET G 207 -40.77 0.95 -4.42
CA MET G 207 -40.77 1.85 -5.57
C MET G 207 -42.14 1.90 -6.23
N PRO G 208 -42.77 3.08 -6.32
CA PRO G 208 -44.02 3.18 -7.10
C PRO G 208 -43.75 2.96 -8.57
N PRO G 209 -44.75 2.46 -9.31
CA PRO G 209 -44.56 2.22 -10.75
C PRO G 209 -44.14 3.48 -11.47
N PRO G 210 -42.90 3.54 -11.95
CA PRO G 210 -42.30 4.83 -12.32
C PRO G 210 -42.65 5.32 -13.70
N LEU G 211 -43.09 4.46 -14.61
CA LEU G 211 -43.22 4.82 -16.02
C LEU G 211 -44.67 4.79 -16.47
N MET G 212 -44.97 5.66 -17.43
CA MET G 212 -46.28 5.76 -18.06
C MET G 212 -46.06 6.12 -19.51
N ASP G 213 -46.98 5.66 -20.38
CA ASP G 213 -46.83 5.92 -21.80
C ASP G 213 -46.81 7.40 -22.11
N ASP G 214 -45.88 7.81 -22.98
CA ASP G 214 -45.64 9.19 -23.38
C ASP G 214 -45.25 10.09 -22.21
N LEU G 215 -44.79 9.52 -21.09
CA LEU G 215 -44.32 10.33 -19.98
C LEU G 215 -43.15 11.23 -20.38
N VAL G 216 -42.27 10.73 -21.24
CA VAL G 216 -41.15 11.51 -21.76
C VAL G 216 -41.39 11.81 -23.23
N GLU G 217 -41.25 13.08 -23.60
CA GLU G 217 -41.38 13.52 -24.99
C GLU G 217 -40.04 13.38 -25.69
N TYR G 218 -39.86 12.30 -26.44
CA TYR G 218 -38.67 12.14 -27.26
C TYR G 218 -38.70 13.15 -28.41
N ALA G 219 -37.76 14.10 -28.40
CA ALA G 219 -37.74 15.13 -29.43
C ALA G 219 -37.52 14.55 -30.82
N ASP G 220 -36.90 13.36 -30.91
CA ASP G 220 -36.75 12.65 -32.18
C ASP G 220 -38.08 12.13 -32.71
N GLY G 221 -39.14 12.16 -31.92
CA GLY G 221 -40.36 11.48 -32.29
C GLY G 221 -40.28 9.98 -32.25
N HIS G 222 -39.32 9.43 -31.52
CA HIS G 222 -39.21 7.99 -31.32
C HIS G 222 -40.35 7.47 -30.45
N ASP G 223 -40.54 6.16 -30.50
CA ASP G 223 -41.53 5.50 -29.66
C ASP G 223 -41.22 5.78 -28.19
N ALA G 224 -42.18 6.39 -27.49
CA ALA G 224 -42.05 6.71 -26.07
C ALA G 224 -42.95 5.83 -25.20
N SER G 225 -43.27 4.62 -25.68
CA SER G 225 -43.97 3.65 -24.85
C SER G 225 -43.12 3.26 -23.64
N VAL G 226 -43.80 2.67 -22.65
CA VAL G 226 -43.13 2.15 -21.46
C VAL G 226 -42.02 1.17 -21.85
N HIS G 227 -42.33 0.24 -22.77
CA HIS G 227 -41.34 -0.70 -23.26
C HIS G 227 -40.10 0.00 -23.81
N ALA G 228 -40.30 0.94 -24.74
CA ALA G 228 -39.18 1.62 -25.39
C ALA G 228 -38.34 2.41 -24.38
N MET G 229 -39.01 3.20 -23.53
CA MET G 229 -38.28 3.97 -22.53
C MET G 229 -37.52 3.06 -21.56
N ALA G 230 -38.14 1.95 -21.17
CA ALA G 230 -37.49 1.02 -20.25
C ALA G 230 -36.24 0.41 -20.87
N GLU G 231 -36.32 0.03 -22.15
CA GLU G 231 -35.13 -0.41 -22.86
C GLU G 231 -34.06 0.68 -22.90
N ASP G 232 -34.45 1.89 -23.28
CA ASP G 232 -33.48 2.96 -23.47
C ASP G 232 -32.75 3.26 -22.17
N VAL G 233 -33.50 3.37 -21.06
CA VAL G 233 -32.89 3.65 -19.77
C VAL G 233 -32.08 2.46 -19.27
N SER G 234 -32.49 1.22 -19.55
CA SER G 234 -31.68 0.08 -19.16
C SER G 234 -30.35 0.08 -19.90
N ALA G 235 -30.36 0.45 -21.17
CA ALA G 235 -29.11 0.59 -21.93
C ALA G 235 -28.25 1.71 -21.40
N PHE G 236 -28.87 2.84 -21.04
CA PHE G 236 -28.11 3.93 -20.42
C PHE G 236 -27.47 3.51 -19.11
N LEU G 237 -28.20 2.80 -18.25
CA LEU G 237 -27.62 2.32 -17.00
C LEU G 237 -26.56 1.24 -17.23
N MET G 238 -26.68 0.46 -18.30
CA MET G 238 -25.60 -0.44 -18.68
C MET G 238 -24.34 0.33 -19.04
N TRP G 239 -24.47 1.38 -19.85
CA TRP G 239 -23.31 2.22 -20.15
C TRP G 239 -22.76 2.88 -18.89
N ALA G 240 -23.65 3.27 -17.98
CA ALA G 240 -23.21 3.85 -16.71
C ALA G 240 -22.39 2.86 -15.90
N ALA G 241 -22.75 1.57 -15.96
CA ALA G 241 -21.97 0.58 -15.23
C ALA G 241 -20.68 0.20 -15.94
N GLU G 242 -20.67 0.15 -17.27
CA GLU G 242 -19.48 -0.23 -18.04
C GLU G 242 -19.23 0.75 -19.16
N PRO G 243 -18.82 1.98 -18.83
CA PRO G 243 -18.62 3.00 -19.88
C PRO G 243 -17.50 2.68 -20.87
N LYS G 244 -16.62 1.72 -20.56
CA LYS G 244 -15.53 1.34 -21.45
C LYS G 244 -15.68 -0.08 -22.00
N LEU G 245 -16.90 -0.61 -22.01
CA LEU G 245 -17.17 -1.90 -22.66
C LEU G 245 -16.62 -1.96 -24.08
N MET G 246 -16.74 -0.87 -24.83
CA MET G 246 -16.25 -0.84 -26.21
C MET G 246 -14.74 -1.07 -26.26
N ALA G 247 -13.98 -0.29 -25.49
CA ALA G 247 -12.54 -0.47 -25.45
C ALA G 247 -12.16 -1.85 -24.94
N ARG G 248 -12.91 -2.36 -23.96
CA ARG G 248 -12.63 -3.69 -23.42
C ARG G 248 -12.76 -4.76 -24.49
N LYS G 249 -13.84 -4.70 -25.29
CA LYS G 249 -14.01 -5.66 -26.38
C LYS G 249 -12.94 -5.50 -27.45
N GLN G 250 -12.61 -4.25 -27.81
CA GLN G 250 -11.54 -4.03 -28.78
C GLN G 250 -10.21 -4.63 -28.32
N ALA G 251 -9.86 -4.40 -27.05
CA ALA G 251 -8.65 -5.00 -26.50
C ALA G 251 -8.74 -6.52 -26.47
N GLY G 252 -9.92 -7.06 -26.16
CA GLY G 252 -10.12 -8.50 -26.26
C GLY G 252 -9.80 -9.05 -27.63
N PHE G 253 -10.37 -8.45 -28.68
CA PHE G 253 -10.06 -8.88 -30.04
C PHE G 253 -8.57 -8.76 -30.35
N THR G 254 -7.94 -7.65 -29.95
CA THR G 254 -6.53 -7.45 -30.25
C THR G 254 -5.67 -8.53 -29.59
N ALA G 255 -5.93 -8.82 -28.32
CA ALA G 255 -5.18 -9.83 -27.60
C ALA G 255 -5.44 -11.23 -28.17
N VAL G 256 -6.69 -11.52 -28.51
CA VAL G 256 -7.01 -12.82 -29.11
C VAL G 256 -6.26 -12.99 -30.43
N MET G 257 -6.17 -11.95 -31.24
CA MET G 257 -5.43 -12.04 -32.50
C MET G 257 -3.94 -12.25 -32.26
N PHE G 258 -3.33 -11.47 -31.36
CA PHE G 258 -1.92 -11.68 -31.04
C PHE G 258 -1.65 -13.08 -30.53
N LEU G 259 -2.47 -13.57 -29.60
CA LEU G 259 -2.26 -14.90 -29.06
C LEU G 259 -2.56 -16.01 -30.06
N THR G 260 -3.47 -15.79 -31.00
CA THR G 260 -3.67 -16.76 -32.08
C THR G 260 -2.45 -16.87 -32.97
N VAL G 261 -1.91 -15.73 -33.41
CA VAL G 261 -0.71 -15.74 -34.23
C VAL G 261 0.44 -16.42 -33.49
N LEU G 262 0.69 -15.97 -32.26
CA LEU G 262 1.78 -16.55 -31.46
C LEU G 262 1.57 -18.04 -31.21
N SER G 263 0.34 -18.47 -30.92
CA SER G 263 0.07 -19.89 -30.71
C SER G 263 0.37 -20.71 -31.95
N VAL G 264 0.00 -20.21 -33.14
CA VAL G 264 0.23 -20.98 -34.36
C VAL G 264 1.72 -21.05 -34.66
N LEU G 265 2.43 -19.93 -34.49
CA LEU G 265 3.88 -19.93 -34.72
C LEU G 265 4.60 -20.83 -33.73
N LEU G 266 4.21 -20.80 -32.46
CA LEU G 266 4.79 -21.70 -31.46
C LEU G 266 4.45 -23.16 -31.74
N TYR G 267 3.26 -23.43 -32.27
CA TYR G 267 2.92 -24.81 -32.63
C TYR G 267 3.84 -25.31 -33.75
N LEU G 268 4.01 -24.51 -34.79
CA LEU G 268 4.85 -24.94 -35.91
C LEU G 268 6.31 -25.06 -35.48
N THR G 269 6.78 -24.15 -34.63
CA THR G 269 8.11 -24.28 -34.03
C THR G 269 8.25 -25.58 -33.26
N ASN G 270 7.32 -25.87 -32.34
CA ASN G 270 7.39 -27.09 -31.56
C ASN G 270 7.39 -28.33 -32.45
N LYS G 271 6.55 -28.34 -33.49
CA LYS G 271 6.47 -29.52 -34.34
C LYS G 271 7.75 -29.72 -35.15
N ARG G 272 8.30 -28.63 -35.72
CA ARG G 272 9.52 -28.77 -36.52
C ARG G 272 10.75 -29.03 -35.65
N LEU G 273 10.73 -28.57 -34.39
CA LEU G 273 11.82 -28.86 -33.46
C LEU G 273 11.77 -30.29 -32.93
N TRP G 274 10.61 -30.73 -32.43
CA TRP G 274 10.48 -32.09 -31.93
C TRP G 274 10.51 -33.14 -33.02
N ALA G 275 10.25 -32.77 -34.28
CA ALA G 275 10.47 -33.70 -35.39
C ALA G 275 11.91 -34.17 -35.49
N GLY G 276 12.86 -33.42 -34.92
CA GLY G 276 14.21 -33.93 -34.79
C GLY G 276 14.31 -35.12 -33.84
N VAL G 277 13.67 -35.01 -32.67
CA VAL G 277 13.60 -36.14 -31.75
C VAL G 277 12.74 -37.26 -32.32
N LYS G 278 11.76 -36.93 -33.16
CA LYS G 278 11.06 -37.90 -33.99
C LYS G 278 10.31 -38.92 -33.14
N TRP H 79 23.67 -13.83 -48.91
CA TRP H 79 24.38 -13.26 -47.78
C TRP H 79 23.60 -13.47 -46.49
N LYS H 80 24.31 -13.42 -45.36
CA LYS H 80 23.72 -13.71 -44.07
C LYS H 80 22.70 -12.63 -43.68
N TYR H 81 21.81 -13.00 -42.76
CA TYR H 81 20.65 -12.22 -42.33
C TYR H 81 19.63 -12.02 -43.45
N ARG H 82 19.75 -12.74 -44.56
CA ARG H 82 18.68 -12.80 -45.55
C ARG H 82 17.37 -13.29 -44.93
N TYR H 83 17.40 -14.48 -44.33
CA TYR H 83 16.18 -15.08 -43.80
C TYR H 83 15.90 -14.66 -42.36
N ARG H 84 16.94 -14.52 -41.54
CA ARG H 84 16.76 -14.25 -40.12
C ARG H 84 16.09 -12.89 -39.90
N LEU H 85 16.66 -11.82 -40.44
CA LEU H 85 16.04 -10.51 -40.34
C LEU H 85 14.68 -10.48 -41.04
N GLY H 86 14.61 -11.01 -42.26
CA GLY H 86 13.36 -11.00 -43.00
C GLY H 86 12.23 -11.72 -42.29
N GLY H 87 12.54 -12.87 -41.70
CA GLY H 87 11.54 -13.57 -40.89
C GLY H 87 11.05 -12.76 -39.71
N PHE H 88 11.97 -12.21 -38.93
CA PHE H 88 11.61 -11.44 -37.74
C PHE H 88 10.64 -10.30 -38.10
N ALA H 89 11.01 -9.47 -39.07
CA ALA H 89 10.14 -8.38 -39.48
C ALA H 89 8.81 -8.87 -40.02
N SER H 90 8.82 -10.00 -40.74
CA SER H 90 7.58 -10.57 -41.25
C SER H 90 6.64 -10.97 -40.12
N GLY H 91 7.15 -11.69 -39.12
CA GLY H 91 6.31 -12.12 -38.02
C GLY H 91 5.79 -10.97 -37.17
N ALA H 92 6.65 -9.96 -36.93
CA ALA H 92 6.22 -8.76 -36.22
C ALA H 92 5.09 -8.04 -36.94
N LEU H 93 5.31 -7.70 -38.21
CA LEU H 93 4.30 -6.96 -38.98
C LEU H 93 2.98 -7.73 -39.08
N LEU H 94 3.05 -9.04 -39.33
CA LEU H 94 1.83 -9.82 -39.50
C LEU H 94 0.93 -9.76 -38.28
N ALA H 95 1.52 -9.93 -37.08
CA ALA H 95 0.74 -9.79 -35.85
C ALA H 95 0.11 -8.40 -35.74
N LEU H 96 0.88 -7.36 -36.01
CA LEU H 96 0.34 -6.00 -36.01
C LEU H 96 -0.77 -5.82 -37.04
N ALA H 97 -0.60 -6.38 -38.23
CA ALA H 97 -1.63 -6.28 -39.27
C ALA H 97 -2.93 -6.96 -38.84
N LEU H 98 -2.87 -8.27 -38.55
CA LEU H 98 -4.10 -9.03 -38.37
C LEU H 98 -4.82 -8.69 -37.07
N ALA H 99 -4.09 -8.18 -36.06
CA ALA H 99 -4.75 -7.68 -34.87
C ALA H 99 -5.42 -6.33 -35.11
N GLY H 100 -4.82 -5.48 -35.94
CA GLY H 100 -5.44 -4.21 -36.25
C GLY H 100 -6.66 -4.31 -37.14
N ILE H 101 -6.44 -4.65 -38.42
CA ILE H 101 -7.43 -4.34 -39.45
C ILE H 101 -8.71 -5.16 -39.26
N PHE H 102 -8.57 -6.45 -38.96
CA PHE H 102 -9.74 -7.31 -38.83
C PHE H 102 -10.52 -7.02 -37.55
N SER H 103 -9.84 -6.63 -36.47
CA SER H 103 -10.54 -6.20 -35.26
C SER H 103 -11.25 -4.88 -35.47
N THR H 104 -10.62 -3.95 -36.19
CA THR H 104 -11.19 -2.62 -36.35
C THR H 104 -12.33 -2.61 -37.37
N GLY H 105 -12.17 -3.34 -38.47
CA GLY H 105 -13.18 -3.40 -39.50
C GLY H 105 -14.21 -4.50 -39.28
#